data_4HKT
#
_entry.id   4HKT
#
_cell.length_a   90.449
_cell.length_b   55.467
_cell.length_c   149.091
_cell.angle_alpha   90.000
_cell.angle_beta   97.560
_cell.angle_gamma   90.000
#
_symmetry.space_group_name_H-M   'P 1 21 1'
#
loop_
_entity.id
_entity.type
_entity.pdbx_description
1 polymer 'Inositol 2-dehydrogenase'
2 non-polymer 1,2-ETHANEDIOL
3 non-polymer 'SODIUM ION'
4 non-polymer GLYCEROL
5 water water
#
_entity_poly.entity_id   1
_entity_poly.type   'polypeptide(L)'
_entity_poly.pdbx_seq_one_letter_code
;S(MSE)TVRFGLLGAGRIGKVHAKAVSGNADARLVAVADAFPAAAEAIAGAYGCEVRTIDAIEAAADIDAVVICTPTDTH
ADLIERFARAGKAIFCEKPIDLDAERVRACLKVVSDTKAKL(MSE)VGFNRRFDPHF(MSE)AVRKAIDDGRIGEVE
(MSE)VTITSRDPSAPPVDYIKRSGGIFRD(MSE)TIHDFD(MSE)ARFLLGEEPVSVTATAAVLIDKAIGDAGDYDSVS
VILQTASGKQAIISNSRRATYGYDQRIEVHGSKGAVAAENQRPVSIEIATGDGYTRPPLHDFF(MSE)TRYTEAYANEIE
SFIAAIEKGAEIAPSGNDGLAALALADAAVRSVAEKRQISIA
;
_entity_poly.pdbx_strand_id   A,B,C,D
#
loop_
_chem_comp.id
_chem_comp.type
_chem_comp.name
_chem_comp.formula
EDO non-polymer 1,2-ETHANEDIOL 'C2 H6 O2'
GOL non-polymer GLYCEROL 'C3 H8 O3'
NA non-polymer 'SODIUM ION' 'Na 1'
#
# COMPACT_ATOMS: atom_id res chain seq x y z
N THR A 3 -15.46 -9.28 41.99
CA THR A 3 -14.81 -7.94 41.84
C THR A 3 -13.38 -7.98 42.39
N VAL A 4 -12.41 -7.70 41.50
CA VAL A 4 -11.00 -7.66 41.86
C VAL A 4 -10.64 -6.25 42.31
N ARG A 5 -10.21 -6.14 43.55
CA ARG A 5 -9.85 -4.86 44.17
C ARG A 5 -8.35 -4.56 44.00
N PHE A 6 -8.05 -3.41 43.41
CA PHE A 6 -6.71 -3.05 43.00
C PHE A 6 -6.08 -1.95 43.85
N GLY A 7 -4.79 -2.10 44.09
CA GLY A 7 -3.94 -0.98 44.47
C GLY A 7 -3.01 -0.62 43.31
N LEU A 8 -2.91 0.66 43.00
CA LEU A 8 -1.97 1.14 42.02
C LEU A 8 -0.78 1.76 42.75
N LEU A 9 0.42 1.27 42.43
CA LEU A 9 1.64 1.84 42.98
C LEU A 9 2.34 2.56 41.84
N GLY A 10 2.30 3.88 41.87
CA GLY A 10 2.93 4.71 40.86
C GLY A 10 1.91 5.44 40.01
N ALA A 11 1.95 6.77 40.07
CA ALA A 11 0.91 7.59 39.49
C ALA A 11 1.45 8.47 38.36
N GLY A 12 2.47 7.99 37.66
CA GLY A 12 3.03 8.72 36.53
C GLY A 12 2.13 8.44 35.34
N ARG A 13 2.62 8.71 34.13
CA ARG A 13 1.80 8.56 32.92
CA ARG A 13 1.76 8.58 32.95
C ARG A 13 1.30 7.14 32.73
N ILE A 14 2.14 6.16 33.02
CA ILE A 14 1.69 4.78 32.84
C ILE A 14 0.60 4.46 33.87
N GLY A 15 0.84 4.83 35.13
CA GLY A 15 -0.16 4.66 36.20
C GLY A 15 -1.53 5.21 35.84
N LYS A 16 -1.56 6.39 35.24
CA LYS A 16 -2.84 6.99 34.87
C LYS A 16 -3.59 6.14 33.84
N VAL A 17 -2.87 5.61 32.86
CA VAL A 17 -3.49 4.75 31.86
C VAL A 17 -4.04 3.47 32.48
N HIS A 18 -3.25 2.83 33.34
CA HIS A 18 -3.69 1.60 34.00
C HIS A 18 -4.88 1.81 34.96
N ALA A 19 -4.90 2.96 35.62
CA ALA A 19 -6.02 3.32 36.50
C ALA A 19 -7.34 3.36 35.71
N LYS A 20 -7.29 3.94 34.52
CA LYS A 20 -8.40 3.99 33.59
C LYS A 20 -8.90 2.58 33.29
N ALA A 21 -7.99 1.71 32.89
CA ALA A 21 -8.35 0.35 32.54
C ALA A 21 -9.01 -0.44 33.69
N VAL A 22 -8.45 -0.33 34.89
CA VAL A 22 -9.02 -1.00 36.05
C VAL A 22 -10.45 -0.50 36.35
N SER A 23 -10.61 0.82 36.43
CA SER A 23 -11.90 1.46 36.77
C SER A 23 -13.00 1.06 35.83
N GLY A 24 -12.71 1.20 34.54
CA GLY A 24 -13.68 0.90 33.47
C GLY A 24 -14.05 -0.56 33.37
N ASN A 25 -13.28 -1.43 33.99
CA ASN A 25 -13.58 -2.83 33.95
C ASN A 25 -14.70 -3.15 34.94
N ALA A 26 -15.77 -3.75 34.43
CA ALA A 26 -16.90 -4.16 35.24
C ALA A 26 -16.52 -5.13 36.37
N ASP A 27 -15.45 -5.89 36.17
CA ASP A 27 -14.96 -6.85 37.19
C ASP A 27 -13.84 -6.34 38.14
N ALA A 28 -13.57 -5.05 38.12
CA ALA A 28 -12.52 -4.51 38.97
C ALA A 28 -12.88 -3.17 39.57
N ARG A 29 -12.26 -2.85 40.69
CA ARG A 29 -12.45 -1.57 41.33
C ARG A 29 -11.08 -1.09 41.73
N LEU A 30 -10.78 0.17 41.44
CA LEU A 30 -9.56 0.81 41.95
C LEU A 30 -9.79 1.31 43.38
N VAL A 31 -9.14 0.67 44.34
CA VAL A 31 -9.35 0.92 45.76
C VAL A 31 -8.36 1.94 46.31
N ALA A 32 -7.11 1.89 45.85
CA ALA A 32 -6.07 2.74 46.43
C ALA A 32 -4.92 3.01 45.51
N VAL A 33 -4.30 4.17 45.72
CA VAL A 33 -3.19 4.65 44.88
C VAL A 33 -2.08 5.22 45.73
N ALA A 34 -0.86 4.75 45.49
CA ALA A 34 0.32 5.28 46.16
C ALA A 34 1.29 5.89 45.16
N ASP A 35 2.08 6.85 45.63
CA ASP A 35 3.14 7.47 44.83
C ASP A 35 4.01 8.31 45.75
N ALA A 36 5.27 8.53 45.38
CA ALA A 36 6.16 9.31 46.23
C ALA A 36 5.77 10.79 46.28
N PHE A 37 5.08 11.26 45.24
CA PHE A 37 4.61 12.65 45.14
C PHE A 37 3.09 12.71 45.48
N PRO A 38 2.76 13.22 46.68
CA PRO A 38 1.35 13.25 47.14
C PRO A 38 0.35 13.72 46.10
N ALA A 39 0.65 14.83 45.40
CA ALA A 39 -0.29 15.40 44.41
C ALA A 39 -0.59 14.47 43.23
N ALA A 40 0.39 13.67 42.84
CA ALA A 40 0.19 12.72 41.73
C ALA A 40 -0.82 11.68 42.17
N ALA A 41 -0.59 11.08 43.33
CA ALA A 41 -1.49 10.06 43.84
C ALA A 41 -2.88 10.62 44.11
N GLU A 42 -2.96 11.86 44.61
CA GLU A 42 -4.24 12.48 44.91
C GLU A 42 -5.05 12.75 43.64
N ALA A 43 -4.39 13.16 42.56
CA ALA A 43 -5.09 13.44 41.29
C ALA A 43 -5.82 12.20 40.73
N ILE A 44 -5.20 11.03 40.85
CA ILE A 44 -5.81 9.76 40.39
C ILE A 44 -6.94 9.33 41.34
N ALA A 45 -6.61 9.20 42.62
CA ALA A 45 -7.60 8.74 43.62
C ALA A 45 -8.86 9.60 43.57
N GLY A 46 -8.66 10.92 43.50
CA GLY A 46 -9.74 11.86 43.43
C GLY A 46 -10.61 11.68 42.20
N ALA A 47 -9.99 11.31 41.07
CA ALA A 47 -10.74 11.18 39.83
C ALA A 47 -11.62 9.93 39.85
N TYR A 48 -11.18 8.90 40.57
CA TYR A 48 -11.87 7.62 40.60
C TYR A 48 -12.53 7.35 41.94
N GLY A 49 -12.64 8.40 42.76
CA GLY A 49 -13.37 8.32 44.04
C GLY A 49 -12.83 7.23 44.94
N CYS A 50 -11.51 7.07 44.95
CA CYS A 50 -10.88 6.08 45.84
C CYS A 50 -9.82 6.73 46.75
N GLU A 51 -9.09 5.90 47.48
CA GLU A 51 -8.15 6.35 48.50
C GLU A 51 -6.72 6.56 48.00
N VAL A 52 -6.03 7.52 48.61
CA VAL A 52 -4.56 7.55 48.60
C VAL A 52 -4.10 6.72 49.78
N ARG A 53 -3.20 5.77 49.55
CA ARG A 53 -2.61 5.00 50.64
C ARG A 53 -1.12 4.89 50.45
N THR A 54 -0.42 4.58 51.53
CA THR A 54 0.99 4.26 51.43
C THR A 54 1.13 2.88 50.81
N ILE A 55 2.30 2.61 50.26
CA ILE A 55 2.62 1.27 49.79
C ILE A 55 2.48 0.30 50.94
N ASP A 56 3.01 0.68 52.11
CA ASP A 56 2.93 -0.17 53.30
C ASP A 56 1.49 -0.55 53.61
N ALA A 57 0.59 0.42 53.54
CA ALA A 57 -0.82 0.18 53.84
C ALA A 57 -1.41 -0.80 52.81
N ILE A 58 -1.00 -0.67 51.56
CA ILE A 58 -1.58 -1.50 50.51
C ILE A 58 -1.12 -2.92 50.72
N GLU A 59 0.15 -3.07 51.06
CA GLU A 59 0.69 -4.37 51.36
C GLU A 59 -0.06 -5.08 52.51
N ALA A 60 -0.37 -4.33 53.57
CA ALA A 60 -1.09 -4.88 54.76
C ALA A 60 -2.56 -5.10 54.52
N ALA A 61 -3.10 -4.41 53.53
CA ALA A 61 -4.54 -4.30 53.39
C ALA A 61 -5.23 -5.60 53.01
N ALA A 62 -6.33 -5.91 53.71
CA ALA A 62 -7.16 -7.06 53.42
C ALA A 62 -8.15 -6.78 52.29
N ASP A 63 -8.38 -5.51 51.98
CA ASP A 63 -9.33 -5.15 50.94
C ASP A 63 -8.67 -4.91 49.57
N ILE A 64 -7.45 -5.41 49.38
CA ILE A 64 -6.75 -5.31 48.07
C ILE A 64 -6.45 -6.72 47.55
N ASP A 65 -6.94 -7.05 46.36
CA ASP A 65 -6.69 -8.36 45.74
C ASP A 65 -5.50 -8.34 44.76
N ALA A 66 -5.24 -7.20 44.16
CA ALA A 66 -4.20 -7.13 43.16
C ALA A 66 -3.56 -5.76 43.15
N VAL A 67 -2.31 -5.71 42.70
CA VAL A 67 -1.54 -4.49 42.58
C VAL A 67 -0.95 -4.36 41.18
N VAL A 68 -0.99 -3.13 40.66
CA VAL A 68 -0.28 -2.76 39.46
C VAL A 68 0.94 -1.92 39.86
N ILE A 69 2.15 -2.38 39.49
CA ILE A 69 3.40 -1.71 39.84
C ILE A 69 3.95 -0.90 38.65
N CYS A 70 3.95 0.43 38.81
CA CYS A 70 4.44 1.44 37.85
C CYS A 70 5.49 2.40 38.43
N THR A 71 6.12 1.98 39.52
CA THR A 71 7.13 2.77 40.17
C THR A 71 8.44 2.59 39.40
N PRO A 72 9.51 3.30 39.83
CA PRO A 72 10.78 3.16 39.11
C PRO A 72 11.30 1.74 39.11
N THR A 73 12.08 1.42 38.09
CA THR A 73 12.63 0.09 37.91
C THR A 73 13.36 -0.47 39.12
N ASP A 74 14.13 0.38 39.80
CA ASP A 74 14.91 -0.13 40.95
C ASP A 74 14.03 -0.51 42.16
N THR A 75 12.70 -0.30 42.08
CA THR A 75 11.82 -0.82 43.13
C THR A 75 11.07 -2.11 42.80
N HIS A 76 11.16 -2.60 41.55
CA HIS A 76 10.29 -3.68 41.08
C HIS A 76 10.51 -4.99 41.80
N ALA A 77 11.75 -5.45 41.90
CA ALA A 77 11.98 -6.76 42.49
C ALA A 77 11.49 -6.77 43.95
N ASP A 78 11.91 -5.77 44.71
CA ASP A 78 11.51 -5.62 46.11
C ASP A 78 9.98 -5.60 46.26
N LEU A 79 9.30 -4.83 45.42
CA LEU A 79 7.82 -4.72 45.53
C LEU A 79 7.10 -6.01 45.17
N ILE A 80 7.55 -6.67 44.10
CA ILE A 80 7.00 -7.97 43.74
C ILE A 80 7.14 -8.99 44.86
N GLU A 81 8.31 -9.09 45.47
CA GLU A 81 8.50 -9.99 46.59
C GLU A 81 7.54 -9.65 47.74
N ARG A 82 7.45 -8.38 48.09
CA ARG A 82 6.57 -7.95 49.17
C ARG A 82 5.12 -8.35 48.88
N PHE A 83 4.62 -8.04 47.68
CA PHE A 83 3.22 -8.29 47.44
C PHE A 83 2.92 -9.76 47.22
N ALA A 84 3.89 -10.51 46.73
CA ALA A 84 3.76 -11.94 46.65
C ALA A 84 3.63 -12.56 48.05
N ARG A 85 4.43 -12.08 48.98
CA ARG A 85 4.35 -12.58 50.36
C ARG A 85 3.01 -12.23 50.99
N ALA A 86 2.49 -11.05 50.60
CA ALA A 86 1.21 -10.55 51.13
C ALA A 86 -0.02 -11.15 50.44
N GLY A 87 0.20 -11.99 49.43
CA GLY A 87 -0.88 -12.74 48.81
C GLY A 87 -1.67 -11.94 47.77
N LYS A 88 -1.11 -10.86 47.24
CA LYS A 88 -1.84 -10.13 46.21
C LYS A 88 -1.41 -10.63 44.83
N ALA A 89 -2.30 -10.55 43.84
CA ALA A 89 -1.93 -10.78 42.44
C ALA A 89 -1.14 -9.57 41.96
N ILE A 90 -0.16 -9.79 41.10
CA ILE A 90 0.76 -8.73 40.70
C ILE A 90 0.88 -8.56 39.19
N PHE A 91 0.69 -7.32 38.76
CA PHE A 91 1.08 -6.87 37.44
C PHE A 91 2.22 -5.86 37.59
N CYS A 92 3.36 -6.15 36.99
CA CYS A 92 4.50 -5.23 37.07
C CYS A 92 4.98 -4.79 35.69
N GLU A 93 5.15 -3.49 35.52
CA GLU A 93 5.80 -2.96 34.33
C GLU A 93 7.20 -3.57 34.20
N LYS A 94 7.64 -3.81 32.96
CA LYS A 94 8.99 -4.37 32.79
C LYS A 94 10.01 -3.39 33.35
N PRO A 95 11.17 -3.88 33.79
CA PRO A 95 11.57 -5.25 33.94
C PRO A 95 11.39 -5.64 35.43
N ILE A 96 11.60 -6.89 35.76
CA ILE A 96 11.59 -7.33 37.18
C ILE A 96 12.77 -6.67 37.90
N ASP A 97 13.91 -6.69 37.23
CA ASP A 97 15.11 -6.02 37.67
C ASP A 97 16.09 -6.05 36.48
N LEU A 98 17.07 -5.17 36.46
CA LEU A 98 18.10 -5.20 35.39
C LEU A 98 19.16 -6.27 35.56
N ASP A 99 19.21 -6.86 36.75
CA ASP A 99 20.17 -7.87 37.13
C ASP A 99 19.50 -9.25 37.22
N ALA A 100 20.00 -10.19 36.41
CA ALA A 100 19.34 -11.47 36.25
C ALA A 100 19.40 -12.27 37.54
N GLU A 101 20.46 -12.15 38.33
CA GLU A 101 20.52 -12.88 39.60
C GLU A 101 19.43 -12.35 40.54
N ARG A 102 19.27 -11.04 40.59
CA ARG A 102 18.21 -10.45 41.36
C ARG A 102 16.85 -10.97 40.89
N VAL A 103 16.68 -11.09 39.58
CA VAL A 103 15.42 -11.58 39.03
C VAL A 103 15.17 -12.99 39.48
N ARG A 104 16.20 -13.83 39.43
CA ARG A 104 16.05 -15.20 39.85
C ARG A 104 15.61 -15.27 41.32
N ALA A 105 16.20 -14.44 42.17
CA ALA A 105 15.79 -14.38 43.61
C ALA A 105 14.33 -14.00 43.72
N CYS A 106 13.93 -12.94 43.02
CA CYS A 106 12.53 -12.50 43.01
C CYS A 106 11.59 -13.63 42.62
N LEU A 107 11.94 -14.35 41.56
CA LEU A 107 11.08 -15.40 41.07
C LEU A 107 11.00 -16.61 41.99
N LYS A 108 12.03 -16.86 42.81
CA LYS A 108 11.96 -17.97 43.76
C LYS A 108 10.90 -17.68 44.83
N VAL A 109 10.91 -16.45 45.31
CA VAL A 109 9.88 -15.96 46.22
C VAL A 109 8.50 -16.04 45.59
N VAL A 110 8.39 -15.62 44.33
CA VAL A 110 7.13 -15.73 43.62
C VAL A 110 6.64 -17.18 43.57
N SER A 111 7.57 -18.09 43.34
CA SER A 111 7.31 -19.51 43.24
C SER A 111 6.97 -20.18 44.59
N ASP A 112 7.70 -19.81 45.64
CA ASP A 112 7.45 -20.40 46.98
C ASP A 112 6.10 -19.92 47.54
N THR A 113 5.74 -18.67 47.25
CA THR A 113 4.44 -18.11 47.69
C THR A 113 3.29 -18.45 46.77
N LYS A 114 3.61 -19.11 45.65
CA LYS A 114 2.63 -19.43 44.60
C LYS A 114 1.84 -18.21 44.14
N ALA A 115 2.51 -17.06 44.08
CA ALA A 115 1.87 -15.80 43.69
C ALA A 115 1.66 -15.77 42.19
N LYS A 116 0.73 -14.94 41.75
CA LYS A 116 0.46 -14.72 40.33
C LYS A 116 1.08 -13.39 39.86
N LEU A 117 1.95 -13.44 38.85
CA LEU A 117 2.69 -12.29 38.36
C LEU A 117 2.59 -12.21 36.85
N MSE A 118 2.09 -11.08 36.34
CA MSE A 118 2.21 -10.70 34.94
C MSE A 118 3.21 -9.56 34.78
O MSE A 118 3.14 -8.54 35.49
CB MSE A 118 0.87 -10.27 34.37
CG MSE A 118 0.92 -10.06 32.87
SE MSE A 118 -0.77 -9.36 32.16
CE MSE A 118 -1.70 -11.00 32.60
N VAL A 119 4.12 -9.71 33.82
CA VAL A 119 5.01 -8.63 33.46
C VAL A 119 4.47 -7.88 32.24
N GLY A 120 4.72 -6.58 32.18
CA GLY A 120 4.10 -5.70 31.20
C GLY A 120 4.70 -5.68 29.79
N PHE A 121 4.81 -6.84 29.14
CA PHE A 121 5.24 -6.89 27.74
C PHE A 121 3.98 -6.63 26.89
N ASN A 122 3.58 -5.37 26.87
CA ASN A 122 2.32 -4.98 26.28
C ASN A 122 2.15 -5.30 24.79
N ARG A 123 3.24 -5.50 24.07
CA ARG A 123 3.15 -5.75 22.65
C ARG A 123 2.47 -7.07 22.32
N ARG A 124 2.56 -8.06 23.21
CA ARG A 124 1.82 -9.29 23.05
C ARG A 124 0.31 -9.10 22.95
N PHE A 125 -0.19 -7.95 23.39
CA PHE A 125 -1.60 -7.68 23.46
C PHE A 125 -2.01 -6.66 22.40
N ASP A 126 -1.09 -6.24 21.55
CA ASP A 126 -1.43 -5.33 20.45
C ASP A 126 -2.36 -6.09 19.49
N PRO A 127 -3.44 -5.48 19.01
CA PRO A 127 -4.35 -6.23 18.12
C PRO A 127 -3.66 -6.77 16.85
N HIS A 128 -2.77 -5.99 16.30
CA HIS A 128 -2.10 -6.37 15.07
C HIS A 128 -1.12 -7.51 15.30
N PHE A 129 -0.28 -7.39 16.32
CA PHE A 129 0.66 -8.48 16.66
C PHE A 129 -0.06 -9.76 17.11
N MSE A 130 -1.16 -9.64 17.83
CA MSE A 130 -1.98 -10.79 18.18
C MSE A 130 -2.54 -11.47 16.99
O MSE A 130 -2.57 -12.69 16.93
CB MSE A 130 -3.15 -10.38 19.11
CG MSE A 130 -2.67 -10.10 20.52
SE MSE A 130 -4.24 -9.88 21.72
CE MSE A 130 -5.09 -8.41 20.84
N ALA A 131 -3.00 -10.71 16.01
CA ALA A 131 -3.48 -11.31 14.75
C ALA A 131 -2.37 -12.09 14.03
N VAL A 132 -1.12 -11.65 14.12
CA VAL A 132 -0.05 -12.31 13.44
C VAL A 132 0.13 -13.67 14.11
N ARG A 133 0.24 -13.63 15.41
CA ARG A 133 0.38 -14.84 16.21
C ARG A 133 -0.83 -15.81 16.00
N LYS A 134 -2.04 -15.29 15.92
CA LYS A 134 -3.21 -16.14 15.63
C LYS A 134 -3.10 -16.77 14.23
N ALA A 135 -2.70 -16.01 13.22
CA ALA A 135 -2.43 -16.60 11.91
C ALA A 135 -1.45 -17.76 11.97
N ILE A 136 -0.38 -17.59 12.75
CA ILE A 136 0.58 -18.67 12.92
C ILE A 136 -0.04 -19.87 13.64
N ASP A 137 -0.72 -19.65 14.76
CA ASP A 137 -1.40 -20.71 15.52
C ASP A 137 -2.40 -21.47 14.60
N ASP A 138 -3.08 -20.76 13.71
CA ASP A 138 -4.04 -21.37 12.78
C ASP A 138 -3.38 -22.11 11.59
N GLY A 139 -2.05 -22.15 11.53
CA GLY A 139 -1.35 -22.90 10.49
C GLY A 139 -1.24 -22.16 9.15
N ARG A 140 -1.60 -20.89 9.09
CA ARG A 140 -1.62 -20.22 7.80
CA ARG A 140 -1.63 -20.13 7.84
C ARG A 140 -0.24 -20.00 7.20
N ILE A 141 0.84 -20.05 7.99
CA ILE A 141 2.20 -19.99 7.38
C ILE A 141 3.03 -21.25 7.52
N GLY A 142 2.39 -22.32 7.96
CA GLY A 142 3.07 -23.59 8.19
C GLY A 142 4.00 -23.51 9.39
N GLU A 143 5.17 -24.12 9.27
CA GLU A 143 6.17 -24.12 10.33
C GLU A 143 6.93 -22.78 10.28
N VAL A 144 7.04 -22.11 11.42
CA VAL A 144 7.85 -20.85 11.50
C VAL A 144 9.32 -21.14 11.17
N GLU A 145 9.91 -20.30 10.33
CA GLU A 145 11.30 -20.45 9.95
C GLU A 145 12.14 -19.22 10.32
N MSE A 146 11.73 -18.04 9.83
CA MSE A 146 12.54 -16.83 9.99
CA MSE A 146 12.55 -16.82 9.95
C MSE A 146 11.69 -15.67 10.43
O MSE A 146 10.70 -15.31 9.79
CB MSE A 146 13.32 -16.52 8.70
CB MSE A 146 13.24 -16.38 8.65
CG MSE A 146 14.14 -17.77 8.30
CG MSE A 146 13.99 -17.47 7.87
SE MSE A 146 15.36 -17.45 6.79
SE MSE A 146 15.64 -18.03 8.78
CE MSE A 146 16.58 -16.20 7.65
CE MSE A 146 16.89 -16.77 7.92
N VAL A 147 12.09 -15.08 11.54
CA VAL A 147 11.39 -13.93 12.14
C VAL A 147 12.24 -12.66 11.90
N THR A 148 11.63 -11.58 11.46
CA THR A 148 12.29 -10.25 11.35
C THR A 148 11.51 -9.20 12.14
N ILE A 149 12.19 -8.54 13.07
CA ILE A 149 11.59 -7.53 13.92
C ILE A 149 12.37 -6.22 13.80
N THR A 150 11.67 -5.13 13.46
CA THR A 150 12.27 -3.80 13.41
C THR A 150 11.57 -2.84 14.37
N SER A 151 12.34 -2.23 15.29
CA SER A 151 11.82 -1.22 16.21
C SER A 151 12.71 0.00 16.20
N ARG A 152 12.11 1.18 16.05
CA ARG A 152 12.84 2.43 15.99
C ARG A 152 12.03 3.51 16.75
N ASP A 153 12.67 4.17 17.71
CA ASP A 153 12.06 5.23 18.47
C ASP A 153 12.09 6.55 17.68
N PRO A 154 11.18 7.46 18.03
CA PRO A 154 11.15 8.72 17.33
C PRO A 154 12.36 9.60 17.68
N SER A 155 12.89 9.43 18.89
CA SER A 155 13.91 10.29 19.48
C SER A 155 14.68 9.50 20.51
N ALA A 156 15.96 9.82 20.66
CA ALA A 156 16.81 9.12 21.60
C ALA A 156 16.51 9.62 23.01
N PRO A 157 16.68 8.79 24.05
CA PRO A 157 16.38 9.28 25.39
C PRO A 157 17.49 10.21 25.92
N PRO A 158 17.17 11.04 26.92
CA PRO A 158 18.26 11.86 27.47
C PRO A 158 19.24 10.98 28.29
N VAL A 159 20.48 11.42 28.37
CA VAL A 159 21.55 10.72 29.11
C VAL A 159 21.17 10.24 30.50
N ASP A 160 20.42 11.04 31.26
CA ASP A 160 20.03 10.61 32.60
C ASP A 160 19.10 9.40 32.50
N TYR A 161 18.27 9.35 31.47
CA TYR A 161 17.49 8.12 31.29
C TYR A 161 18.43 6.92 31.02
N ILE A 162 19.40 7.13 30.14
CA ILE A 162 20.32 6.06 29.74
C ILE A 162 21.05 5.41 30.93
N LYS A 163 21.50 6.22 31.88
CA LYS A 163 22.34 5.75 32.98
C LYS A 163 21.66 4.76 33.91
N ARG A 164 20.37 4.90 34.08
CA ARG A 164 19.62 3.95 34.89
C ARG A 164 18.83 2.94 34.04
N SER A 165 19.09 2.90 32.72
CA SER A 165 18.28 2.06 31.82
C SER A 165 18.77 0.64 31.70
N GLY A 166 20.01 0.36 32.11
CA GLY A 166 20.66 -0.91 31.76
C GLY A 166 21.18 -1.05 30.32
N GLY A 167 21.03 -0.02 29.50
CA GLY A 167 21.57 0.04 28.18
C GLY A 167 20.50 -0.42 27.16
N ILE A 168 20.76 -0.19 25.88
CA ILE A 168 19.75 -0.38 24.81
C ILE A 168 19.16 -1.79 24.77
N PHE A 169 19.97 -2.79 25.01
CA PHE A 169 19.50 -4.16 24.90
C PHE A 169 18.56 -4.51 26.06
N ARG A 170 18.87 -4.02 27.27
CA ARG A 170 18.01 -4.27 28.42
C ARG A 170 16.77 -3.43 28.48
N ASP A 171 16.82 -2.25 27.89
CA ASP A 171 15.78 -1.26 27.99
C ASP A 171 14.85 -1.22 26.78
N MSE A 172 15.40 -1.42 25.59
CA MSE A 172 14.65 -1.28 24.33
C MSE A 172 14.48 -2.65 23.71
O MSE A 172 13.38 -3.08 23.43
CB MSE A 172 15.40 -0.35 23.40
CG MSE A 172 14.66 -0.25 22.07
SE MSE A 172 15.56 0.97 20.80
CE MSE A 172 14.19 0.80 19.39
N THR A 173 15.58 -3.35 23.48
CA THR A 173 15.52 -4.60 22.73
C THR A 173 14.81 -5.69 23.49
N ILE A 174 14.75 -5.55 24.82
CA ILE A 174 14.03 -6.47 25.67
C ILE A 174 12.59 -6.82 25.18
N HIS A 175 11.87 -5.82 24.66
CA HIS A 175 10.54 -6.03 24.15
C HIS A 175 10.61 -6.95 22.87
N ASP A 176 11.65 -6.74 22.07
CA ASP A 176 11.85 -7.48 20.81
C ASP A 176 12.32 -8.86 21.11
N PHE A 177 13.10 -9.03 22.17
CA PHE A 177 13.47 -10.37 22.62
C PHE A 177 12.23 -11.15 23.07
N ASP A 178 11.33 -10.52 23.83
CA ASP A 178 10.09 -11.18 24.18
C ASP A 178 9.22 -11.47 22.93
N MSE A 179 9.19 -10.54 22.02
CA MSE A 179 8.41 -10.69 20.79
C MSE A 179 8.93 -11.87 20.01
O MSE A 179 8.12 -12.63 19.42
CB MSE A 179 8.37 -9.39 20.02
CG MSE A 179 7.65 -9.52 18.67
SE MSE A 179 5.74 -9.94 18.90
CE MSE A 179 5.22 -8.88 20.50
N ALA A 180 10.25 -12.01 19.95
CA ALA A 180 10.84 -13.12 19.28
C ALA A 180 10.42 -14.44 19.87
N ARG A 181 10.43 -14.56 21.19
CA ARG A 181 9.98 -15.78 21.85
C ARG A 181 8.53 -16.07 21.56
N PHE A 182 7.72 -15.00 21.54
CA PHE A 182 6.29 -15.08 21.29
C PHE A 182 5.99 -15.60 19.85
N LEU A 183 6.80 -15.14 18.88
CA LEU A 183 6.59 -15.48 17.48
C LEU A 183 7.28 -16.78 17.09
N LEU A 184 8.45 -17.03 17.67
CA LEU A 184 9.15 -18.27 17.38
C LEU A 184 8.45 -19.50 17.92
N GLY A 185 7.84 -19.35 19.08
CA GLY A 185 7.19 -20.42 19.77
C GLY A 185 8.16 -21.47 20.29
N GLU A 186 9.46 -21.17 20.30
CA GLU A 186 10.44 -22.03 20.94
C GLU A 186 11.63 -21.19 21.40
N GLU A 187 12.45 -21.74 22.29
CA GLU A 187 13.45 -20.93 22.95
C GLU A 187 14.61 -20.64 22.06
N PRO A 188 14.99 -19.38 21.97
CA PRO A 188 16.38 -19.18 21.49
C PRO A 188 17.43 -19.80 22.38
N VAL A 189 18.46 -20.37 21.77
CA VAL A 189 19.58 -20.91 22.51
C VAL A 189 20.89 -20.17 22.22
N SER A 190 20.90 -19.26 21.22
CA SER A 190 22.11 -18.50 20.90
C SER A 190 21.75 -17.08 20.50
N VAL A 191 22.67 -16.15 20.78
CA VAL A 191 22.51 -14.74 20.49
C VAL A 191 23.78 -14.22 19.85
N THR A 192 23.66 -13.51 18.73
CA THR A 192 24.79 -12.87 18.04
CA THR A 192 24.82 -12.85 18.18
C THR A 192 24.38 -11.42 17.81
N ALA A 193 25.21 -10.46 18.17
CA ALA A 193 24.79 -9.08 18.06
C ALA A 193 25.92 -8.14 17.67
N THR A 194 25.56 -7.01 17.09
CA THR A 194 26.49 -5.95 16.78
C THR A 194 25.87 -4.66 17.23
N ALA A 195 26.67 -3.61 17.37
CA ALA A 195 26.15 -2.38 17.99
C ALA A 195 27.04 -1.20 17.65
N ALA A 196 26.47 -0.02 17.68
CA ALA A 196 27.25 1.15 17.40
C ALA A 196 26.59 2.38 18.02
N VAL A 197 27.34 3.46 18.05
CA VAL A 197 26.85 4.76 18.39
C VAL A 197 26.85 5.60 17.15
N LEU A 198 25.70 5.73 16.53
CA LEU A 198 25.59 6.44 15.27
C LEU A 198 24.79 7.71 15.34
N ILE A 199 24.05 7.88 16.42
CA ILE A 199 23.04 8.91 16.51
C ILE A 199 23.54 10.05 17.40
N ASP A 200 24.12 9.71 18.55
CA ASP A 200 24.53 10.74 19.54
C ASP A 200 25.68 10.26 20.36
N LYS A 201 26.83 10.92 20.23
CA LYS A 201 28.02 10.55 21.00
C LYS A 201 27.84 10.53 22.48
N ALA A 202 26.92 11.35 22.98
CA ALA A 202 26.64 11.40 24.42
C ALA A 202 26.15 10.04 24.89
N ILE A 203 25.44 9.35 24.01
CA ILE A 203 24.98 7.99 24.38
C ILE A 203 26.17 7.06 24.54
N GLY A 204 27.08 7.08 23.59
CA GLY A 204 28.33 6.32 23.73
C GLY A 204 29.19 6.72 24.94
N ASP A 205 29.25 8.02 25.23
CA ASP A 205 30.08 8.50 26.37
C ASP A 205 29.55 7.96 27.71
N ALA A 206 28.23 7.75 27.75
CA ALA A 206 27.57 7.10 28.88
C ALA A 206 27.70 5.56 28.92
N GLY A 207 28.41 4.97 27.98
CA GLY A 207 28.63 3.53 28.03
C GLY A 207 27.53 2.71 27.35
N ASP A 208 26.75 3.33 26.46
CA ASP A 208 25.59 2.65 25.80
C ASP A 208 25.70 2.72 24.26
N TYR A 209 24.83 2.04 23.55
CA TYR A 209 24.77 2.10 22.11
C TYR A 209 23.42 2.60 21.68
N ASP A 210 23.32 3.07 20.44
CA ASP A 210 22.08 3.57 19.94
C ASP A 210 21.52 2.87 18.68
N SER A 211 22.32 1.98 18.11
CA SER A 211 21.99 1.30 16.87
C SER A 211 22.50 -0.12 16.97
N VAL A 212 21.56 -1.08 16.98
CA VAL A 212 21.92 -2.45 17.21
C VAL A 212 21.21 -3.48 16.32
N SER A 213 21.94 -4.55 16.04
CA SER A 213 21.45 -5.65 15.24
C SER A 213 21.68 -6.94 15.99
N VAL A 214 20.67 -7.83 15.96
CA VAL A 214 20.75 -9.10 16.68
C VAL A 214 20.17 -10.28 15.89
N ILE A 215 20.84 -11.41 15.95
CA ILE A 215 20.31 -12.66 15.46
C ILE A 215 20.18 -13.66 16.61
N LEU A 216 18.97 -14.17 16.82
CA LEU A 216 18.71 -15.27 17.72
C LEU A 216 18.48 -16.53 16.94
N GLN A 217 18.89 -17.67 17.49
CA GLN A 217 18.62 -18.94 16.88
C GLN A 217 18.15 -19.98 17.92
N THR A 218 17.19 -20.80 17.53
CA THR A 218 16.65 -21.85 18.41
C THR A 218 17.40 -23.17 18.18
N ALA A 219 17.16 -24.16 19.04
CA ALA A 219 17.81 -25.46 18.89
C ALA A 219 17.48 -26.09 17.53
N SER A 220 16.28 -25.90 17.03
CA SER A 220 15.91 -26.50 15.74
C SER A 220 16.45 -25.68 14.56
N GLY A 221 17.04 -24.51 14.84
CA GLY A 221 17.63 -23.68 13.83
C GLY A 221 16.81 -22.50 13.35
N LYS A 222 15.61 -22.33 13.85
CA LYS A 222 14.79 -21.21 13.49
C LYS A 222 15.56 -19.94 13.89
N GLN A 223 15.43 -18.87 13.11
CA GLN A 223 16.20 -17.64 13.38
C GLN A 223 15.31 -16.42 13.48
N ALA A 224 15.64 -15.49 14.39
CA ALA A 224 14.96 -14.23 14.47
C ALA A 224 16.03 -13.09 14.37
N ILE A 225 15.80 -12.15 13.47
CA ILE A 225 16.65 -10.99 13.33
C ILE A 225 15.91 -9.80 13.89
N ILE A 226 16.63 -9.03 14.71
CA ILE A 226 16.11 -7.85 15.34
C ILE A 226 16.96 -6.62 14.92
N SER A 227 16.29 -5.55 14.49
CA SER A 227 16.95 -4.28 14.17
C SER A 227 16.35 -3.19 15.08
N ASN A 228 17.20 -2.43 15.78
CA ASN A 228 16.75 -1.37 16.71
C ASN A 228 17.55 -0.10 16.41
N SER A 229 16.87 1.04 16.39
CA SER A 229 17.50 2.34 16.28
C SER A 229 16.82 3.26 17.29
N ARG A 230 17.59 4.03 18.06
CA ARG A 230 17.05 5.02 18.97
C ARG A 230 16.40 6.28 18.33
N ARG A 231 16.46 6.44 17.02
CA ARG A 231 15.97 7.69 16.40
C ARG A 231 15.51 7.48 14.96
N ALA A 232 14.26 7.84 14.73
CA ALA A 232 13.69 7.87 13.39
C ALA A 232 12.81 9.12 13.18
N THR A 233 13.15 9.94 12.21
CA THR A 233 12.42 11.17 11.98
C THR A 233 10.97 10.91 11.59
N TYR A 234 10.69 9.72 11.05
CA TYR A 234 9.37 9.35 10.60
C TYR A 234 8.47 8.74 11.67
N GLY A 235 8.98 8.60 12.88
CA GLY A 235 8.14 8.17 13.99
C GLY A 235 8.46 6.77 14.55
N TYR A 236 7.48 6.26 15.26
CA TYR A 236 7.67 5.08 16.08
C TYR A 236 7.40 3.86 15.18
N ASP A 237 8.49 3.25 14.70
CA ASP A 237 8.44 2.16 13.73
C ASP A 237 8.44 0.88 14.55
N GLN A 238 7.40 0.06 14.34
CA GLN A 238 7.22 -1.21 15.02
C GLN A 238 6.67 -2.28 14.05
N ARG A 239 7.55 -3.02 13.44
CA ARG A 239 7.16 -4.02 12.45
C ARG A 239 7.57 -5.38 12.89
N ILE A 240 6.78 -6.38 12.53
CA ILE A 240 7.13 -7.76 12.69
C ILE A 240 6.77 -8.52 11.44
N GLU A 241 7.59 -9.50 11.11
CA GLU A 241 7.41 -10.32 9.95
C GLU A 241 7.79 -11.71 10.29
N VAL A 242 7.00 -12.70 9.85
CA VAL A 242 7.32 -14.08 10.11
C VAL A 242 7.21 -14.87 8.79
N HIS A 243 8.29 -15.52 8.40
CA HIS A 243 8.38 -16.34 7.22
C HIS A 243 8.38 -17.78 7.69
N GLY A 244 7.52 -18.58 7.07
CA GLY A 244 7.34 -20.00 7.45
C GLY A 244 7.21 -20.85 6.19
N SER A 245 7.00 -22.15 6.38
CA SER A 245 7.03 -23.12 5.28
C SER A 245 5.97 -22.89 4.20
N LYS A 246 4.80 -22.41 4.59
CA LYS A 246 3.70 -22.19 3.64
C LYS A 246 3.48 -20.76 3.21
N GLY A 247 4.13 -19.80 3.87
CA GLY A 247 3.93 -18.43 3.46
C GLY A 247 4.49 -17.50 4.54
N ALA A 248 4.09 -16.26 4.53
CA ALA A 248 4.65 -15.32 5.50
C ALA A 248 3.56 -14.43 5.95
N VAL A 249 3.74 -13.82 7.13
CA VAL A 249 2.77 -12.95 7.70
C VAL A 249 3.49 -11.78 8.36
N ALA A 250 2.94 -10.60 8.21
CA ALA A 250 3.50 -9.35 8.75
C ALA A 250 2.45 -8.38 9.28
N ALA A 251 2.86 -7.56 10.24
CA ALA A 251 2.02 -6.55 10.78
C ALA A 251 2.58 -5.22 10.37
N GLU A 252 1.69 -4.35 9.92
CA GLU A 252 2.06 -3.02 9.39
C GLU A 252 2.08 -1.93 10.47
N ASN A 253 2.90 -0.92 10.20
CA ASN A 253 2.98 0.28 11.02
C ASN A 253 1.68 1.04 11.07
N GLN A 254 1.48 1.69 12.20
CA GLN A 254 0.26 2.43 12.49
C GLN A 254 0.54 3.92 12.50
N ARG A 255 -0.38 4.69 11.92
CA ARG A 255 -0.37 6.14 11.97
C ARG A 255 -1.73 6.65 12.48
N PRO A 256 -1.75 7.90 13.02
CA PRO A 256 -2.98 8.46 13.59
C PRO A 256 -4.10 8.68 12.59
N VAL A 257 -3.75 9.11 11.37
CA VAL A 257 -4.73 9.29 10.29
C VAL A 257 -4.21 8.74 8.99
N SER A 258 -5.12 8.17 8.19
CA SER A 258 -4.81 7.47 6.97
C SER A 258 -5.34 8.27 5.73
N ILE A 259 -4.56 9.26 5.35
CA ILE A 259 -4.80 10.08 4.17
C ILE A 259 -3.55 10.03 3.28
N GLU A 260 -3.68 10.49 2.05
CA GLU A 260 -2.57 10.53 1.13
C GLU A 260 -2.74 11.75 0.25
N ILE A 261 -1.67 12.53 0.10
CA ILE A 261 -1.66 13.71 -0.79
C ILE A 261 -0.71 13.45 -1.95
N ALA A 262 -1.18 13.70 -3.16
CA ALA A 262 -0.41 13.49 -4.37
C ALA A 262 -0.17 14.83 -5.03
N THR A 263 1.09 15.08 -5.39
CA THR A 263 1.50 16.23 -6.15
C THR A 263 2.66 15.81 -7.07
N GLY A 264 3.31 16.79 -7.68
CA GLY A 264 4.48 16.54 -8.54
C GLY A 264 5.70 16.07 -7.78
N ASP A 265 5.68 16.28 -6.46
CA ASP A 265 6.66 15.69 -5.52
C ASP A 265 6.38 14.22 -5.15
N GLY A 266 5.23 13.68 -5.55
CA GLY A 266 4.88 12.30 -5.28
C GLY A 266 3.68 12.15 -4.39
N TYR A 267 3.49 10.92 -3.92
CA TYR A 267 2.38 10.51 -3.06
C TYR A 267 2.85 10.38 -1.63
N THR A 268 2.27 11.19 -0.75
CA THR A 268 2.75 11.30 0.63
C THR A 268 1.69 10.93 1.68
N ARG A 269 2.01 9.93 2.49
CA ARG A 269 1.22 9.57 3.64
C ARG A 269 1.84 10.17 4.90
N PRO A 270 1.04 10.42 5.94
CA PRO A 270 1.63 10.99 7.16
C PRO A 270 2.69 10.08 7.82
N PRO A 271 3.58 10.68 8.65
CA PRO A 271 4.52 9.88 9.44
C PRO A 271 3.74 9.06 10.49
N LEU A 272 4.46 8.17 11.16
CA LEU A 272 3.89 7.28 12.17
C LEU A 272 3.60 8.05 13.47
N HIS A 273 3.04 7.37 14.45
CA HIS A 273 2.83 7.99 15.78
C HIS A 273 4.13 8.56 16.29
N ASP A 274 4.09 9.77 16.86
CA ASP A 274 5.31 10.37 17.41
C ASP A 274 5.58 9.98 18.88
N PHE A 275 4.70 9.18 19.48
CA PHE A 275 4.79 8.78 20.90
C PHE A 275 4.25 7.40 21.12
N PHE A 276 4.93 6.62 21.96
CA PHE A 276 4.67 5.18 22.04
C PHE A 276 3.31 4.81 22.63
N MSE A 277 2.84 5.63 23.57
CA MSE A 277 1.59 5.31 24.23
C MSE A 277 0.46 5.45 23.26
O MSE A 277 -0.52 4.71 23.36
CB MSE A 277 1.38 6.14 25.48
CG MSE A 277 1.86 5.35 26.69
SE MSE A 277 2.19 6.58 28.22
CE MSE A 277 0.49 7.59 28.21
N THR A 278 0.56 6.39 22.33
CA THR A 278 -0.45 6.57 21.31
C THR A 278 -0.54 5.34 20.36
N ARG A 279 0.60 4.71 20.09
CA ARG A 279 0.61 3.47 19.31
C ARG A 279 -0.07 2.31 20.02
N TYR A 280 0.10 2.22 21.34
CA TYR A 280 -0.26 1.03 22.11
C TYR A 280 -1.48 1.17 23.05
N THR A 281 -2.34 2.15 22.75
CA THR A 281 -3.60 2.33 23.48
C THR A 281 -4.37 1.02 23.75
N GLU A 282 -4.70 0.29 22.66
CA GLU A 282 -5.46 -0.95 22.77
C GLU A 282 -4.66 -2.05 23.50
N ALA A 283 -3.37 -2.16 23.22
CA ALA A 283 -2.55 -3.15 23.88
C ALA A 283 -2.54 -2.95 25.41
N TYR A 284 -2.39 -1.71 25.86
CA TYR A 284 -2.45 -1.44 27.32
C TYR A 284 -3.82 -1.82 27.90
N ALA A 285 -4.89 -1.42 27.22
CA ALA A 285 -6.23 -1.85 27.63
C ALA A 285 -6.41 -3.38 27.66
N ASN A 286 -6.00 -4.09 26.60
CA ASN A 286 -6.10 -5.55 26.54
C ASN A 286 -5.26 -6.28 27.59
N GLU A 287 -4.10 -5.76 27.88
CA GLU A 287 -3.20 -6.36 28.82
C GLU A 287 -3.86 -6.45 30.22
N ILE A 288 -4.41 -5.32 30.66
CA ILE A 288 -5.10 -5.20 31.95
C ILE A 288 -6.40 -6.01 31.94
N GLU A 289 -7.20 -5.88 30.89
CA GLU A 289 -8.37 -6.75 30.75
C GLU A 289 -7.99 -8.22 30.95
N SER A 290 -6.94 -8.65 30.26
CA SER A 290 -6.55 -10.04 30.30
C SER A 290 -5.99 -10.44 31.68
N PHE A 291 -5.34 -9.52 32.36
CA PHE A 291 -4.86 -9.79 33.71
C PHE A 291 -6.06 -10.07 34.63
N ILE A 292 -7.05 -9.21 34.52
CA ILE A 292 -8.25 -9.32 35.36
C ILE A 292 -9.04 -10.61 35.10
N ALA A 293 -9.05 -11.06 33.86
CA ALA A 293 -9.75 -12.32 33.49
C ALA A 293 -8.95 -13.52 34.00
N ALA A 294 -7.62 -13.43 33.96
CA ALA A 294 -6.79 -14.51 34.47
C ALA A 294 -6.96 -14.67 36.00
N ILE A 295 -7.12 -13.55 36.73
CA ILE A 295 -7.42 -13.60 38.17
C ILE A 295 -8.81 -14.22 38.43
N GLU A 296 -9.83 -13.79 37.70
CA GLU A 296 -11.21 -14.30 37.86
C GLU A 296 -11.32 -15.80 37.64
N LYS A 297 -10.65 -16.28 36.58
CA LYS A 297 -10.41 -17.70 36.36
C LYS A 297 -9.23 -18.09 37.26
N GLY A 298 -8.84 -19.35 37.28
CA GLY A 298 -7.56 -19.68 37.94
C GLY A 298 -6.46 -19.77 36.91
N ALA A 299 -6.50 -18.88 35.91
CA ALA A 299 -5.76 -19.10 34.66
C ALA A 299 -4.25 -18.93 34.78
N GLU A 300 -3.56 -19.55 33.82
CA GLU A 300 -2.12 -19.43 33.65
C GLU A 300 -1.83 -18.04 33.09
N ILE A 301 -1.03 -17.28 33.83
CA ILE A 301 -0.74 -15.89 33.47
C ILE A 301 0.46 -15.80 32.53
N ALA A 302 0.23 -15.27 31.32
CA ALA A 302 1.29 -14.91 30.39
C ALA A 302 1.07 -13.49 29.88
N PRO A 303 2.13 -12.70 29.71
CA PRO A 303 3.53 -13.03 29.95
C PRO A 303 3.89 -13.12 31.45
N SER A 304 4.66 -14.15 31.81
CA SER A 304 4.93 -14.50 33.20
C SER A 304 6.27 -13.92 33.71
N GLY A 305 6.59 -14.21 34.97
CA GLY A 305 7.90 -13.85 35.51
C GLY A 305 8.99 -14.46 34.65
N ASN A 306 8.78 -15.68 34.23
CA ASN A 306 9.80 -16.39 33.47
C ASN A 306 10.05 -15.68 32.13
N ASP A 307 8.99 -15.18 31.50
CA ASP A 307 9.13 -14.42 30.26
C ASP A 307 10.00 -13.18 30.51
N GLY A 308 9.77 -12.54 31.63
CA GLY A 308 10.62 -11.42 32.04
C GLY A 308 12.06 -11.79 32.20
N LEU A 309 12.32 -12.93 32.82
CA LEU A 309 13.69 -13.38 32.98
C LEU A 309 14.32 -13.80 31.65
N ALA A 310 13.54 -14.51 30.84
CA ALA A 310 14.07 -15.04 29.57
C ALA A 310 14.50 -13.89 28.67
N ALA A 311 13.71 -12.84 28.60
CA ALA A 311 14.01 -11.70 27.73
C ALA A 311 15.26 -10.94 28.20
N LEU A 312 15.38 -10.72 29.52
CA LEU A 312 16.64 -10.21 30.08
C LEU A 312 17.87 -11.09 29.81
N ALA A 313 17.77 -12.42 29.94
CA ALA A 313 18.89 -13.26 29.66
C ALA A 313 19.36 -13.12 28.22
N LEU A 314 18.42 -12.92 27.30
CA LEU A 314 18.81 -12.62 25.92
C LEU A 314 19.53 -11.27 25.80
N ALA A 315 19.06 -10.27 26.51
CA ALA A 315 19.72 -8.98 26.54
C ALA A 315 21.13 -9.07 27.08
N ASP A 316 21.31 -9.81 28.18
CA ASP A 316 22.63 -10.01 28.74
C ASP A 316 23.56 -10.70 27.74
N ALA A 317 23.04 -11.69 27.04
CA ALA A 317 23.86 -12.39 26.06
C ALA A 317 24.22 -11.46 24.91
N ALA A 318 23.29 -10.60 24.48
CA ALA A 318 23.57 -9.65 23.40
C ALA A 318 24.72 -8.71 23.83
N VAL A 319 24.70 -8.23 25.08
CA VAL A 319 25.77 -7.33 25.54
C VAL A 319 27.10 -7.98 25.41
N ARG A 320 27.17 -9.21 25.93
CA ARG A 320 28.37 -9.99 25.90
C ARG A 320 28.82 -10.36 24.47
N SER A 321 27.84 -10.63 23.59
CA SER A 321 28.16 -10.95 22.20
C SER A 321 28.83 -9.76 21.50
N VAL A 322 28.33 -8.57 21.76
CA VAL A 322 28.92 -7.36 21.21
C VAL A 322 30.36 -7.19 21.71
N ALA A 323 30.53 -7.31 23.03
CA ALA A 323 31.87 -7.14 23.65
C ALA A 323 32.88 -8.19 23.21
N GLU A 324 32.47 -9.47 23.17
CA GLU A 324 33.36 -10.53 22.83
C GLU A 324 33.37 -10.95 21.35
N LYS A 325 32.62 -10.22 20.51
CA LYS A 325 32.63 -10.46 19.04
CA LYS A 325 32.61 -10.44 19.04
C LYS A 325 32.35 -11.90 18.69
N ARG A 326 31.34 -12.48 19.36
CA ARG A 326 31.03 -13.88 19.16
C ARG A 326 29.61 -14.23 19.58
N GLN A 327 29.16 -15.39 19.09
CA GLN A 327 27.87 -15.92 19.44
C GLN A 327 27.92 -16.41 20.88
N ILE A 328 26.92 -16.02 21.67
CA ILE A 328 26.82 -16.47 23.08
C ILE A 328 25.69 -17.48 23.23
N SER A 329 26.03 -18.65 23.75
CA SER A 329 25.03 -19.67 24.06
C SER A 329 24.28 -19.32 25.36
N ILE A 330 22.96 -19.48 25.34
CA ILE A 330 22.07 -19.22 26.48
C ILE A 330 22.02 -20.52 27.26
N ALA A 331 22.50 -20.49 28.49
CA ALA A 331 22.59 -21.68 29.35
C ALA A 331 21.25 -22.43 29.42
N MSE B 2 28.95 3.32 -34.03
CA MSE B 2 29.58 1.97 -33.88
C MSE B 2 28.61 1.00 -33.26
O MSE B 2 27.73 1.39 -32.48
CB MSE B 2 30.87 2.06 -33.05
CG MSE B 2 30.60 2.31 -31.56
SE MSE B 2 32.05 3.32 -30.67
CE MSE B 2 31.23 5.11 -30.81
N THR B 3 28.77 -0.28 -33.60
CA THR B 3 27.95 -1.36 -33.07
C THR B 3 28.86 -2.37 -32.36
N VAL B 4 28.55 -2.66 -31.08
CA VAL B 4 29.30 -3.68 -30.31
C VAL B 4 28.85 -5.06 -30.74
N ARG B 5 29.82 -5.87 -31.19
CA ARG B 5 29.53 -7.23 -31.64
CA ARG B 5 29.56 -7.23 -31.65
C ARG B 5 29.81 -8.20 -30.49
N PHE B 6 28.76 -8.94 -30.09
CA PHE B 6 28.79 -9.81 -28.93
C PHE B 6 28.83 -11.30 -29.31
N GLY B 7 29.67 -12.03 -28.59
CA GLY B 7 29.58 -13.48 -28.57
C GLY B 7 29.00 -13.84 -27.22
N LEU B 8 28.04 -14.77 -27.22
CA LEU B 8 27.43 -15.30 -26.00
C LEU B 8 27.97 -16.71 -25.78
N LEU B 9 28.44 -16.97 -24.57
CA LEU B 9 28.93 -18.28 -24.18
C LEU B 9 28.03 -18.80 -23.10
N GLY B 10 27.32 -19.88 -23.42
CA GLY B 10 26.33 -20.47 -22.54
C GLY B 10 24.92 -20.12 -22.96
N ALA B 11 24.07 -21.14 -23.10
CA ALA B 11 22.72 -20.97 -23.64
C ALA B 11 21.61 -21.46 -22.68
N GLY B 12 21.91 -21.56 -21.39
CA GLY B 12 20.89 -21.91 -20.40
C GLY B 12 19.98 -20.73 -20.07
N ARG B 13 19.30 -20.80 -18.93
CA ARG B 13 18.34 -19.76 -18.52
C ARG B 13 19.01 -18.39 -18.50
N ILE B 14 20.18 -18.33 -17.88
CA ILE B 14 20.83 -17.05 -17.69
C ILE B 14 21.29 -16.56 -19.07
N GLY B 15 21.83 -17.46 -19.88
CA GLY B 15 22.22 -17.12 -21.25
C GLY B 15 21.08 -16.53 -22.07
N LYS B 16 19.88 -17.09 -21.92
CA LYS B 16 18.72 -16.61 -22.67
C LYS B 16 18.36 -15.17 -22.29
N VAL B 17 18.51 -14.85 -21.01
CA VAL B 17 18.16 -13.54 -20.51
C VAL B 17 19.10 -12.48 -21.09
N HIS B 18 20.39 -12.80 -21.16
CA HIS B 18 21.36 -11.91 -21.80
C HIS B 18 21.22 -11.81 -23.31
N ALA B 19 20.88 -12.90 -23.95
CA ALA B 19 20.55 -12.88 -25.37
C ALA B 19 19.48 -11.83 -25.62
N LYS B 20 18.41 -11.89 -24.82
CA LYS B 20 17.29 -10.94 -24.93
C LYS B 20 17.77 -9.51 -24.71
N ALA B 21 18.61 -9.30 -23.70
CA ALA B 21 19.03 -7.92 -23.38
C ALA B 21 19.98 -7.37 -24.44
N VAL B 22 20.86 -8.22 -24.97
CA VAL B 22 21.80 -7.80 -26.01
C VAL B 22 21.01 -7.47 -27.26
N SER B 23 20.11 -8.39 -27.60
CA SER B 23 19.22 -8.20 -28.74
C SER B 23 18.47 -6.87 -28.63
N GLY B 24 17.89 -6.63 -27.46
CA GLY B 24 17.04 -5.47 -27.23
C GLY B 24 17.78 -4.15 -27.30
N ASN B 25 19.10 -4.18 -27.11
CA ASN B 25 19.87 -2.96 -27.11
C ASN B 25 20.19 -2.48 -28.55
N ALA B 26 20.12 -1.17 -28.72
CA ALA B 26 20.22 -0.53 -30.02
C ALA B 26 21.66 -0.52 -30.50
N ASP B 27 22.61 -0.37 -29.58
CA ASP B 27 24.02 -0.29 -29.95
C ASP B 27 24.75 -1.63 -30.06
N ALA B 28 24.03 -2.74 -30.00
CA ALA B 28 24.67 -4.05 -29.90
C ALA B 28 24.06 -5.04 -30.85
N ARG B 29 24.87 -5.98 -31.32
CA ARG B 29 24.38 -7.08 -32.14
C ARG B 29 24.89 -8.41 -31.59
N LEU B 30 24.00 -9.38 -31.48
CA LEU B 30 24.39 -10.73 -31.15
C LEU B 30 24.82 -11.47 -32.43
N VAL B 31 26.09 -11.82 -32.47
CA VAL B 31 26.74 -12.39 -33.66
C VAL B 31 26.87 -13.92 -33.52
N ALA B 32 27.28 -14.39 -32.35
CA ALA B 32 27.57 -15.80 -32.15
C ALA B 32 27.16 -16.32 -30.79
N VAL B 33 26.64 -17.55 -30.77
CA VAL B 33 26.38 -18.26 -29.53
C VAL B 33 27.20 -19.54 -29.49
N ALA B 34 27.64 -19.93 -28.29
CA ALA B 34 28.28 -21.19 -28.04
C ALA B 34 27.71 -21.85 -26.77
N ASP B 35 27.77 -23.18 -26.72
CA ASP B 35 27.28 -23.97 -25.60
C ASP B 35 27.81 -25.40 -25.78
N ALA B 36 27.93 -26.16 -24.70
CA ALA B 36 28.38 -27.55 -24.81
C ALA B 36 27.28 -28.45 -25.40
N PHE B 37 26.02 -28.02 -25.26
CA PHE B 37 24.90 -28.74 -25.86
C PHE B 37 24.41 -27.97 -27.10
N PRO B 38 24.79 -28.44 -28.31
CA PRO B 38 24.47 -27.74 -29.58
C PRO B 38 23.01 -27.38 -29.82
N ALA B 39 22.07 -28.21 -29.33
CA ALA B 39 20.63 -27.91 -29.42
C ALA B 39 20.29 -26.59 -28.73
N ALA B 40 20.85 -26.41 -27.53
CA ALA B 40 20.63 -25.19 -26.74
C ALA B 40 21.16 -23.95 -27.48
N ALA B 41 22.34 -24.07 -28.09
CA ALA B 41 22.94 -22.99 -28.84
C ALA B 41 22.13 -22.70 -30.09
N GLU B 42 21.85 -23.76 -30.85
CA GLU B 42 20.99 -23.69 -32.02
C GLU B 42 19.68 -22.94 -31.72
N ALA B 43 19.02 -23.32 -30.62
CA ALA B 43 17.78 -22.64 -30.22
C ALA B 43 17.94 -21.13 -30.14
N ILE B 44 19.04 -20.67 -29.57
CA ILE B 44 19.28 -19.23 -29.42
C ILE B 44 19.64 -18.63 -30.78
N ALA B 45 20.48 -19.34 -31.54
CA ALA B 45 20.78 -18.94 -32.91
C ALA B 45 19.51 -18.87 -33.75
N GLY B 46 18.68 -19.90 -33.66
CA GLY B 46 17.39 -19.94 -34.32
C GLY B 46 16.59 -18.67 -34.03
N ALA B 47 16.31 -18.42 -32.76
CA ALA B 47 15.42 -17.32 -32.33
C ALA B 47 15.96 -15.91 -32.60
N TYR B 48 17.28 -15.74 -32.70
CA TYR B 48 17.87 -14.40 -32.90
C TYR B 48 18.60 -14.23 -34.23
N GLY B 49 18.73 -15.30 -35.00
CA GLY B 49 19.38 -15.24 -36.30
C GLY B 49 20.87 -14.97 -36.29
N CYS B 50 21.54 -15.41 -35.22
CA CYS B 50 23.01 -15.33 -35.12
C CYS B 50 23.57 -16.74 -35.32
N GLU B 51 24.90 -16.86 -35.36
CA GLU B 51 25.56 -18.12 -35.72
C GLU B 51 25.86 -18.97 -34.48
N VAL B 52 25.91 -20.28 -34.66
CA VAL B 52 26.46 -21.14 -33.62
C VAL B 52 27.94 -21.34 -33.89
N ARG B 53 28.79 -20.84 -33.00
CA ARG B 53 30.24 -21.09 -33.10
C ARG B 53 30.77 -21.84 -31.88
N THR B 54 32.02 -22.25 -31.94
CA THR B 54 32.69 -22.81 -30.78
C THR B 54 33.26 -21.65 -29.98
N ILE B 55 33.72 -21.94 -28.77
CA ILE B 55 34.38 -20.95 -27.91
C ILE B 55 35.73 -20.55 -28.51
N ASP B 56 36.50 -21.53 -28.95
CA ASP B 56 37.76 -21.26 -29.67
C ASP B 56 37.56 -20.27 -30.84
N ALA B 57 36.45 -20.43 -31.55
CA ALA B 57 36.18 -19.60 -32.72
C ALA B 57 35.85 -18.19 -32.27
N ILE B 58 35.00 -18.08 -31.28
CA ILE B 58 34.66 -16.76 -30.71
C ILE B 58 35.92 -16.09 -30.17
N GLU B 59 36.76 -16.83 -29.45
CA GLU B 59 38.07 -16.30 -29.01
C GLU B 59 38.92 -15.71 -30.15
N ALA B 60 39.05 -16.46 -31.25
CA ALA B 60 39.91 -16.02 -32.39
C ALA B 60 39.24 -14.98 -33.29
N ALA B 61 37.92 -14.86 -33.22
CA ALA B 61 37.16 -14.01 -34.17
C ALA B 61 37.48 -12.53 -34.13
N ALA B 62 37.80 -11.99 -35.30
CA ALA B 62 37.94 -10.56 -35.49
C ALA B 62 36.61 -9.81 -35.42
N ASP B 63 35.52 -10.50 -35.73
CA ASP B 63 34.20 -9.89 -35.71
C ASP B 63 33.45 -10.04 -34.34
N ILE B 64 34.20 -10.16 -33.25
CA ILE B 64 33.64 -10.14 -31.90
C ILE B 64 34.39 -9.06 -31.09
N ASP B 65 33.64 -8.13 -30.51
CA ASP B 65 34.19 -7.06 -29.66
C ASP B 65 34.12 -7.43 -28.16
N ALA B 66 33.14 -8.23 -27.79
CA ALA B 66 32.79 -8.41 -26.41
C ALA B 66 32.16 -9.77 -26.26
N VAL B 67 32.37 -10.39 -25.09
CA VAL B 67 31.74 -11.65 -24.74
C VAL B 67 30.91 -11.55 -23.48
N VAL B 68 29.85 -12.35 -23.45
CA VAL B 68 29.01 -12.54 -22.28
C VAL B 68 29.21 -13.99 -21.87
N ILE B 69 29.74 -14.19 -20.67
CA ILE B 69 30.04 -15.55 -20.18
C ILE B 69 28.94 -15.98 -19.21
N CYS B 70 28.15 -16.95 -19.68
CA CYS B 70 27.03 -17.55 -18.97
C CYS B 70 27.21 -19.08 -18.88
N THR B 71 28.45 -19.56 -18.99
CA THR B 71 28.73 -20.98 -18.88
C THR B 71 28.76 -21.39 -17.41
N PRO B 72 28.96 -22.68 -17.14
CA PRO B 72 29.05 -23.08 -15.74
C PRO B 72 30.16 -22.35 -14.97
N THR B 73 29.95 -22.23 -13.66
CA THR B 73 30.85 -21.50 -12.77
C THR B 73 32.31 -21.94 -12.82
N ASP B 74 32.56 -23.26 -12.91
CA ASP B 74 33.94 -23.76 -13.02
C ASP B 74 34.74 -23.38 -14.29
N THR B 75 34.09 -22.73 -15.27
CA THR B 75 34.76 -22.21 -16.46
C THR B 75 35.02 -20.71 -16.47
N HIS B 76 34.44 -19.99 -15.50
CA HIS B 76 34.53 -18.52 -15.49
C HIS B 76 35.92 -17.95 -15.49
N ALA B 77 36.76 -18.33 -14.54
CA ALA B 77 38.02 -17.61 -14.40
C ALA B 77 38.93 -17.81 -15.62
N ASP B 78 38.93 -19.04 -16.13
CA ASP B 78 39.75 -19.38 -17.28
C ASP B 78 39.25 -18.63 -18.51
N LEU B 79 37.94 -18.57 -18.67
CA LEU B 79 37.36 -17.88 -19.81
C LEU B 79 37.63 -16.39 -19.77
N ILE B 80 37.54 -15.79 -18.57
CA ILE B 80 37.89 -14.37 -18.41
C ILE B 80 39.35 -14.16 -18.83
N GLU B 81 40.26 -14.97 -18.34
CA GLU B 81 41.68 -14.80 -18.70
C GLU B 81 41.93 -14.94 -20.22
N ARG B 82 41.30 -15.92 -20.84
CA ARG B 82 41.43 -16.15 -22.27
C ARG B 82 40.90 -14.95 -23.10
N PHE B 83 39.72 -14.44 -22.73
CA PHE B 83 39.15 -13.38 -23.53
C PHE B 83 39.83 -12.05 -23.26
N ALA B 84 40.37 -11.89 -22.05
CA ALA B 84 41.19 -10.75 -21.70
C ALA B 84 42.43 -10.73 -22.61
N ARG B 85 43.13 -11.86 -22.64
CA ARG B 85 44.30 -11.95 -23.52
C ARG B 85 43.97 -11.82 -25.00
N ALA B 86 42.78 -12.23 -25.41
CA ALA B 86 42.38 -12.07 -26.79
C ALA B 86 41.87 -10.66 -27.15
N GLY B 87 41.79 -9.77 -26.16
CA GLY B 87 41.35 -8.39 -26.39
C GLY B 87 39.86 -8.18 -26.46
N LYS B 88 39.04 -9.13 -26.02
CA LYS B 88 37.59 -8.90 -25.98
C LYS B 88 37.25 -8.20 -24.68
N ALA B 89 36.20 -7.36 -24.70
CA ALA B 89 35.60 -6.88 -23.44
C ALA B 89 34.78 -8.05 -22.90
N ILE B 90 34.68 -8.14 -21.58
CA ILE B 90 34.11 -9.33 -20.93
C ILE B 90 33.04 -8.95 -19.90
N PHE B 91 31.89 -9.54 -20.08
CA PHE B 91 30.87 -9.50 -19.07
C PHE B 91 30.77 -10.94 -18.56
N CYS B 92 30.95 -11.15 -17.25
CA CYS B 92 30.87 -12.48 -16.71
C CYS B 92 29.83 -12.63 -15.60
N GLU B 93 28.89 -13.56 -15.76
CA GLU B 93 27.97 -13.91 -14.67
C GLU B 93 28.74 -14.31 -13.39
N LYS B 94 28.15 -14.02 -12.25
CA LYS B 94 28.74 -14.39 -10.99
C LYS B 94 28.94 -15.89 -10.98
N PRO B 95 29.96 -16.38 -10.29
CA PRO B 95 31.08 -15.65 -9.69
C PRO B 95 32.24 -15.64 -10.69
N ILE B 96 33.33 -14.97 -10.36
CA ILE B 96 34.55 -15.11 -11.11
C ILE B 96 35.09 -16.50 -10.87
N ASP B 97 35.09 -16.89 -9.60
CA ASP B 97 35.45 -18.24 -9.19
C ASP B 97 34.97 -18.42 -7.76
N LEU B 98 34.81 -19.65 -7.30
CA LEU B 98 34.49 -19.85 -5.90
C LEU B 98 35.68 -19.71 -4.97
N ASP B 99 36.89 -19.66 -5.52
CA ASP B 99 38.10 -19.63 -4.71
C ASP B 99 38.77 -18.27 -4.83
N ALA B 100 38.97 -17.58 -3.71
CA ALA B 100 39.36 -16.17 -3.77
C ALA B 100 40.78 -15.98 -4.34
N GLU B 101 41.66 -16.93 -4.05
CA GLU B 101 42.99 -16.91 -4.61
C GLU B 101 42.95 -17.01 -6.15
N ARG B 102 42.18 -17.94 -6.67
CA ARG B 102 41.93 -18.00 -8.15
C ARG B 102 41.40 -16.69 -8.72
N VAL B 103 40.47 -16.05 -7.99
CA VAL B 103 39.87 -14.78 -8.44
C VAL B 103 40.97 -13.73 -8.55
N ARG B 104 41.80 -13.65 -7.54
CA ARG B 104 42.96 -12.74 -7.52
C ARG B 104 43.91 -12.93 -8.68
N ALA B 105 44.19 -14.18 -9.02
CA ALA B 105 45.04 -14.49 -10.15
C ALA B 105 44.41 -14.01 -11.45
N CYS B 106 43.11 -14.23 -11.58
CA CYS B 106 42.34 -13.80 -12.73
C CYS B 106 42.35 -12.26 -12.92
N LEU B 107 42.04 -11.53 -11.85
CA LEU B 107 42.08 -10.06 -11.87
C LEU B 107 43.46 -9.50 -12.20
N LYS B 108 44.54 -10.19 -11.82
CA LYS B 108 45.88 -9.77 -12.21
C LYS B 108 46.01 -9.88 -13.76
N VAL B 109 45.51 -10.94 -14.37
CA VAL B 109 45.57 -11.05 -15.81
C VAL B 109 44.74 -9.93 -16.44
N VAL B 110 43.55 -9.68 -15.89
CA VAL B 110 42.68 -8.61 -16.40
C VAL B 110 43.36 -7.23 -16.30
N SER B 111 44.02 -6.97 -15.17
CA SER B 111 44.77 -5.74 -15.00
C SER B 111 45.99 -5.64 -15.96
N ASP B 112 46.76 -6.72 -16.09
CA ASP B 112 47.93 -6.72 -16.99
C ASP B 112 47.57 -6.49 -18.46
N THR B 113 46.42 -6.98 -18.92
CA THR B 113 46.01 -6.84 -20.32
C THR B 113 45.12 -5.64 -20.56
N LYS B 114 44.88 -4.86 -19.52
CA LYS B 114 43.94 -3.72 -19.59
C LYS B 114 42.60 -4.09 -20.18
N ALA B 115 42.13 -5.28 -19.79
CA ALA B 115 40.84 -5.76 -20.17
C ALA B 115 39.73 -5.08 -19.39
N LYS B 116 38.58 -5.00 -20.03
CA LYS B 116 37.36 -4.51 -19.44
C LYS B 116 36.55 -5.72 -18.97
N LEU B 117 36.23 -5.74 -17.69
CA LEU B 117 35.44 -6.83 -17.08
C LEU B 117 34.37 -6.23 -16.18
N MSE B 118 33.14 -6.59 -16.45
CA MSE B 118 32.04 -6.31 -15.57
C MSE B 118 31.54 -7.64 -15.11
O MSE B 118 31.45 -8.59 -15.92
CB MSE B 118 30.92 -5.63 -16.37
CG MSE B 118 29.73 -5.33 -15.48
SE MSE B 118 28.34 -4.35 -16.49
CE MSE B 118 29.23 -2.62 -16.59
N VAL B 119 31.19 -7.74 -13.83
CA VAL B 119 30.65 -8.97 -13.31
C VAL B 119 29.15 -8.82 -13.18
N GLY B 120 28.43 -9.91 -13.17
CA GLY B 120 26.99 -9.85 -13.21
C GLY B 120 26.30 -9.65 -11.86
N PHE B 121 26.40 -8.47 -11.27
CA PHE B 121 25.56 -8.20 -10.11
C PHE B 121 24.46 -7.30 -10.64
N ASN B 122 23.49 -7.91 -11.27
CA ASN B 122 22.47 -7.18 -12.03
C ASN B 122 21.57 -6.31 -11.16
N ARG B 123 21.50 -6.64 -9.88
CA ARG B 123 20.64 -5.90 -8.97
C ARG B 123 21.06 -4.47 -8.83
N ARG B 124 22.32 -4.18 -9.06
CA ARG B 124 22.77 -2.81 -9.05
C ARG B 124 22.15 -1.95 -10.21
N PHE B 125 21.57 -2.60 -11.23
CA PHE B 125 21.00 -1.91 -12.41
C PHE B 125 19.47 -1.92 -12.42
N ASP B 126 18.86 -2.51 -11.39
CA ASP B 126 17.40 -2.49 -11.24
C ASP B 126 16.93 -1.05 -11.04
N PRO B 127 15.87 -0.62 -11.76
CA PRO B 127 15.47 0.79 -11.61
C PRO B 127 15.05 1.17 -10.19
N HIS B 128 14.46 0.23 -9.46
CA HIS B 128 14.01 0.49 -8.09
C HIS B 128 15.16 0.57 -7.12
N PHE B 129 16.07 -0.40 -7.20
CA PHE B 129 17.24 -0.36 -6.35
C PHE B 129 18.16 0.82 -6.66
N MSE B 130 18.26 1.19 -7.94
CA MSE B 130 19.11 2.34 -8.35
C MSE B 130 18.58 3.61 -7.76
O MSE B 130 19.34 4.47 -7.29
CB MSE B 130 19.18 2.51 -9.88
CG MSE B 130 20.20 1.61 -10.51
SE MSE B 130 20.23 1.86 -12.49
CE MSE B 130 20.90 3.72 -12.54
N ALA B 131 17.26 3.76 -7.77
CA ALA B 131 16.60 4.93 -7.20
C ALA B 131 16.77 5.00 -5.68
N VAL B 132 16.88 3.84 -5.02
CA VAL B 132 17.20 3.85 -3.59
C VAL B 132 18.57 4.46 -3.42
N ARG B 133 19.55 3.96 -4.17
CA ARG B 133 20.90 4.45 -4.07
C ARG B 133 21.02 5.98 -4.41
N LYS B 134 20.32 6.40 -5.46
CA LYS B 134 20.27 7.81 -5.87
C LYS B 134 19.68 8.71 -4.75
N ALA B 135 18.65 8.22 -4.09
CA ALA B 135 18.07 8.95 -2.98
C ALA B 135 19.10 9.12 -1.88
N ILE B 136 19.89 8.07 -1.61
CA ILE B 136 20.95 8.15 -0.63
C ILE B 136 22.06 9.13 -1.07
N ASP B 137 22.47 9.00 -2.32
CA ASP B 137 23.41 9.95 -2.95
C ASP B 137 22.94 11.40 -2.90
N ASP B 138 21.66 11.61 -3.15
CA ASP B 138 21.07 12.93 -3.04
C ASP B 138 20.89 13.47 -1.62
N GLY B 139 21.27 12.71 -0.60
CA GLY B 139 21.19 13.21 0.78
C GLY B 139 19.80 13.10 1.41
N ARG B 140 18.89 12.39 0.77
CA ARG B 140 17.51 12.34 1.20
C ARG B 140 17.28 11.61 2.54
N ILE B 141 18.24 10.79 2.97
CA ILE B 141 18.14 10.11 4.25
C ILE B 141 19.28 10.43 5.16
N GLY B 142 20.09 11.43 4.84
CA GLY B 142 21.22 11.80 5.67
C GLY B 142 22.29 10.72 5.63
N GLU B 143 23.00 10.51 6.74
CA GLU B 143 24.07 9.51 6.79
C GLU B 143 23.43 8.12 6.91
N VAL B 144 23.94 7.16 6.15
CA VAL B 144 23.44 5.77 6.23
C VAL B 144 23.75 5.26 7.63
N GLU B 145 22.80 4.58 8.26
CA GLU B 145 23.04 3.94 9.56
C GLU B 145 22.82 2.38 9.54
N MSE B 146 21.66 1.92 9.08
CA MSE B 146 21.29 0.49 9.22
C MSE B 146 20.57 0.06 7.97
O MSE B 146 19.64 0.70 7.54
CB MSE B 146 20.39 0.31 10.45
CG MSE B 146 21.10 0.83 11.70
SE MSE B 146 20.07 0.49 13.32
CE MSE B 146 20.54 -1.41 13.33
N VAL B 147 21.05 -1.02 7.36
CA VAL B 147 20.53 -1.56 6.11
C VAL B 147 19.87 -2.89 6.43
N THR B 148 18.73 -3.16 5.81
CA THR B 148 18.08 -4.46 5.93
C THR B 148 17.75 -4.97 4.51
N ILE B 149 18.17 -6.20 4.27
CA ILE B 149 18.09 -6.84 2.94
C ILE B 149 17.45 -8.18 3.18
N THR B 150 16.35 -8.45 2.47
CA THR B 150 15.67 -9.71 2.52
C THR B 150 15.55 -10.27 1.13
N SER B 151 16.08 -11.49 0.96
CA SER B 151 16.03 -12.18 -0.33
C SER B 151 15.54 -13.59 -0.09
N ARG B 152 14.53 -14.02 -0.87
CA ARG B 152 13.96 -15.34 -0.74
C ARG B 152 13.65 -15.84 -2.13
N ASP B 153 14.27 -16.96 -2.48
CA ASP B 153 14.04 -17.59 -3.77
C ASP B 153 12.69 -18.32 -3.77
N PRO B 154 12.12 -18.55 -4.97
CA PRO B 154 10.84 -19.23 -5.02
C PRO B 154 11.00 -20.67 -4.54
N SER B 155 12.14 -21.29 -4.82
CA SER B 155 12.35 -22.66 -4.37
C SER B 155 13.82 -22.93 -4.53
N ALA B 156 14.28 -24.03 -3.93
CA ALA B 156 15.72 -24.32 -3.87
C ALA B 156 16.20 -25.00 -5.14
N PRO B 157 17.48 -24.83 -5.48
CA PRO B 157 17.99 -25.57 -6.61
C PRO B 157 18.18 -27.05 -6.22
N PRO B 158 18.36 -27.91 -7.24
CA PRO B 158 18.52 -29.34 -7.00
C PRO B 158 19.88 -29.67 -6.39
N VAL B 159 19.99 -30.84 -5.78
CA VAL B 159 21.22 -31.24 -5.14
C VAL B 159 22.47 -31.21 -6.01
N ASP B 160 22.38 -31.66 -7.28
CA ASP B 160 23.56 -31.67 -8.16
C ASP B 160 24.11 -30.22 -8.36
N TYR B 161 23.21 -29.26 -8.46
CA TYR B 161 23.61 -27.86 -8.53
C TYR B 161 24.22 -27.41 -7.18
N ILE B 162 23.53 -27.71 -6.09
CA ILE B 162 24.06 -27.37 -4.75
C ILE B 162 25.51 -27.78 -4.56
N LYS B 163 25.81 -29.05 -4.86
CA LYS B 163 27.17 -29.58 -4.70
C LYS B 163 28.24 -28.84 -5.46
N ARG B 164 27.91 -28.17 -6.56
CA ARG B 164 28.94 -27.44 -7.29
CA ARG B 164 28.90 -27.44 -7.34
C ARG B 164 28.83 -25.91 -7.12
N SER B 165 28.00 -25.47 -6.16
CA SER B 165 27.60 -24.07 -6.06
C SER B 165 28.45 -23.24 -5.11
N GLY B 166 29.23 -23.93 -4.27
CA GLY B 166 29.94 -23.32 -3.18
C GLY B 166 29.13 -22.99 -1.93
N GLY B 167 27.85 -23.35 -1.93
CA GLY B 167 26.97 -23.20 -0.78
C GLY B 167 26.23 -21.89 -0.81
N ILE B 168 25.21 -21.80 0.05
CA ILE B 168 24.23 -20.74 -0.05
C ILE B 168 24.88 -19.34 0.03
N PHE B 169 25.93 -19.20 0.83
CA PHE B 169 26.55 -17.87 0.99
C PHE B 169 27.25 -17.43 -0.29
N ARG B 170 27.93 -18.38 -0.94
CA ARG B 170 28.62 -18.09 -2.21
C ARG B 170 27.67 -18.02 -3.39
N ASP B 171 26.55 -18.72 -3.32
CA ASP B 171 25.67 -18.87 -4.48
C ASP B 171 24.51 -17.90 -4.47
N MSE B 172 23.93 -17.64 -3.28
CA MSE B 172 22.73 -16.80 -3.18
C MSE B 172 23.06 -15.50 -2.49
O MSE B 172 22.86 -14.41 -3.04
CB MSE B 172 21.69 -17.56 -2.36
CG MSE B 172 20.41 -16.75 -2.19
SE MSE B 172 19.08 -17.75 -1.15
CE MSE B 172 17.82 -16.26 -1.22
N THR B 173 23.62 -15.60 -1.29
CA THR B 173 23.83 -14.40 -0.47
C THR B 173 24.84 -13.45 -1.07
N ILE B 174 25.69 -13.99 -1.94
CA ILE B 174 26.63 -13.20 -2.68
C ILE B 174 26.03 -11.92 -3.30
N HIS B 175 24.85 -12.01 -3.91
CA HIS B 175 24.16 -10.84 -4.43
C HIS B 175 23.85 -9.81 -3.33
N ASP B 176 23.45 -10.30 -2.17
CA ASP B 176 23.13 -9.45 -1.02
C ASP B 176 24.34 -8.86 -0.35
N PHE B 177 25.46 -9.57 -0.31
CA PHE B 177 26.73 -8.96 0.07
C PHE B 177 27.10 -7.79 -0.85
N ASP B 178 27.04 -8.01 -2.15
CA ASP B 178 27.22 -6.90 -3.09
C ASP B 178 26.25 -5.73 -2.87
N MSE B 179 24.97 -6.03 -2.72
CA MSE B 179 23.96 -5.00 -2.41
C MSE B 179 24.29 -4.24 -1.14
O MSE B 179 24.19 -3.01 -1.10
CB MSE B 179 22.59 -5.66 -2.36
CG MSE B 179 21.42 -4.74 -2.09
SE MSE B 179 21.25 -3.34 -3.46
CE MSE B 179 20.83 -4.53 -4.96
N ALA B 180 24.74 -4.93 -0.11
CA ALA B 180 25.15 -4.27 1.10
C ALA B 180 26.27 -3.30 0.89
N ARG B 181 27.29 -3.69 0.13
CA ARG B 181 28.39 -2.77 -0.19
C ARG B 181 27.87 -1.57 -1.02
N PHE B 182 26.98 -1.84 -1.95
CA PHE B 182 26.36 -0.81 -2.80
C PHE B 182 25.57 0.25 -1.97
N LEU B 183 24.88 -0.21 -0.93
CA LEU B 183 24.00 0.64 -0.13
C LEU B 183 24.69 1.31 1.03
N LEU B 184 25.66 0.61 1.63
CA LEU B 184 26.34 1.15 2.79
C LEU B 184 27.21 2.31 2.44
N GLY B 185 27.81 2.25 1.27
CA GLY B 185 28.79 3.25 0.84
C GLY B 185 30.18 3.06 1.44
N GLU B 186 30.34 2.08 2.33
CA GLU B 186 31.62 1.85 3.00
C GLU B 186 31.82 0.39 3.05
N GLU B 187 33.06 -0.04 3.24
CA GLU B 187 33.35 -1.46 3.29
C GLU B 187 32.92 -2.06 4.62
N PRO B 188 32.17 -3.18 4.59
CA PRO B 188 32.14 -4.05 5.78
C PRO B 188 33.52 -4.56 6.19
N VAL B 189 33.77 -4.58 7.50
CA VAL B 189 35.02 -5.04 8.09
C VAL B 189 34.85 -6.29 8.95
N SER B 190 33.59 -6.67 9.21
CA SER B 190 33.23 -7.79 10.02
C SER B 190 31.93 -8.45 9.53
N VAL B 191 31.90 -9.76 9.67
CA VAL B 191 30.74 -10.58 9.29
C VAL B 191 30.38 -11.53 10.42
N THR B 192 29.11 -11.57 10.79
CA THR B 192 28.67 -12.61 11.69
C THR B 192 27.38 -13.20 11.12
N ALA B 193 27.27 -14.52 11.22
CA ALA B 193 26.22 -15.23 10.49
C ALA B 193 25.72 -16.45 11.22
N THR B 194 24.47 -16.78 10.93
CA THR B 194 23.89 -18.02 11.43
C THR B 194 23.28 -18.74 10.24
N ALA B 195 23.06 -20.04 10.41
CA ALA B 195 22.52 -20.86 9.32
C ALA B 195 21.83 -22.10 9.84
N ALA B 196 20.93 -22.64 9.03
CA ALA B 196 20.26 -23.87 9.34
C ALA B 196 19.69 -24.49 8.02
N VAL B 197 19.21 -25.70 8.20
CA VAL B 197 18.45 -26.46 7.22
C VAL B 197 17.05 -26.60 7.77
N LEU B 198 16.16 -25.76 7.27
CA LEU B 198 14.79 -25.72 7.71
C LEU B 198 13.84 -26.21 6.60
N ILE B 199 14.32 -26.28 5.36
CA ILE B 199 13.43 -26.44 4.23
C ILE B 199 13.48 -27.87 3.72
N ASP B 200 14.67 -28.38 3.48
CA ASP B 200 14.77 -29.73 2.90
C ASP B 200 16.03 -30.38 3.39
N LYS B 201 15.89 -31.53 4.02
CA LYS B 201 17.01 -32.21 4.66
C LYS B 201 18.03 -32.62 3.64
N ALA B 202 17.59 -32.84 2.40
CA ALA B 202 18.55 -33.18 1.33
C ALA B 202 19.58 -32.08 1.07
N ILE B 203 19.23 -30.83 1.37
CA ILE B 203 20.20 -29.73 1.27
C ILE B 203 21.29 -29.89 2.32
N GLY B 204 20.86 -30.14 3.56
CA GLY B 204 21.79 -30.44 4.64
C GLY B 204 22.66 -31.64 4.37
N ASP B 205 22.07 -32.71 3.85
CA ASP B 205 22.85 -33.91 3.52
C ASP B 205 23.92 -33.59 2.48
N ALA B 206 23.61 -32.65 1.58
CA ALA B 206 24.60 -32.21 0.58
C ALA B 206 25.68 -31.27 1.17
N GLY B 207 25.62 -30.96 2.45
CA GLY B 207 26.62 -30.06 3.04
C GLY B 207 26.31 -28.56 2.96
N ASP B 208 25.04 -28.20 2.73
CA ASP B 208 24.66 -26.81 2.54
C ASP B 208 23.59 -26.43 3.59
N TYR B 209 23.22 -25.16 3.61
CA TYR B 209 22.21 -24.65 4.45
C TYR B 209 21.18 -24.04 3.53
N ASP B 210 19.98 -23.84 4.03
CA ASP B 210 18.91 -23.23 3.24
C ASP B 210 18.25 -21.97 3.81
N SER B 211 18.61 -21.59 5.02
CA SER B 211 18.04 -20.46 5.72
C SER B 211 19.15 -19.81 6.55
N VAL B 212 19.48 -18.53 6.23
CA VAL B 212 20.66 -17.89 6.80
C VAL B 212 20.36 -16.44 7.13
N SER B 213 21.08 -15.93 8.11
CA SER B 213 20.96 -14.58 8.60
C SER B 213 22.41 -14.07 8.78
N VAL B 214 22.65 -12.84 8.33
CA VAL B 214 24.01 -12.26 8.40
C VAL B 214 23.96 -10.81 8.90
N ILE B 215 24.91 -10.41 9.72
CA ILE B 215 25.13 -9.02 10.06
C ILE B 215 26.54 -8.63 9.62
N LEU B 216 26.60 -7.57 8.82
CA LEU B 216 27.82 -6.92 8.39
C LEU B 216 27.97 -5.59 9.11
N GLN B 217 29.20 -5.23 9.47
CA GLN B 217 29.43 -3.94 10.11
C GLN B 217 30.67 -3.30 9.52
N THR B 218 30.58 -1.99 9.31
CA THR B 218 31.66 -1.21 8.76
C THR B 218 32.49 -0.65 9.90
N ALA B 219 33.63 -0.07 9.54
CA ALA B 219 34.52 0.58 10.53
C ALA B 219 33.83 1.69 11.29
N SER B 220 32.95 2.43 10.65
CA SER B 220 32.28 3.52 11.37
C SER B 220 31.10 2.99 12.21
N GLY B 221 30.78 1.70 12.09
CA GLY B 221 29.73 1.09 12.90
C GLY B 221 28.41 0.85 12.21
N LYS B 222 28.27 1.34 10.97
CA LYS B 222 27.08 1.10 10.17
C LYS B 222 26.88 -0.41 10.03
N GLN B 223 25.62 -0.85 10.09
CA GLN B 223 25.26 -2.25 10.07
C GLN B 223 24.27 -2.64 8.96
N ALA B 224 24.50 -3.83 8.38
CA ALA B 224 23.63 -4.40 7.37
C ALA B 224 23.23 -5.77 7.83
N ILE B 225 21.93 -6.00 7.90
CA ILE B 225 21.40 -7.27 8.21
C ILE B 225 20.88 -7.88 6.92
N ILE B 226 21.18 -9.15 6.70
CA ILE B 226 20.74 -9.83 5.51
C ILE B 226 20.03 -11.10 5.97
N SER B 227 18.86 -11.31 5.40
CA SER B 227 18.05 -12.54 5.62
C SER B 227 17.86 -13.27 4.26
N ASN B 228 18.14 -14.58 4.21
CA ASN B 228 17.95 -15.36 2.98
C ASN B 228 17.19 -16.61 3.31
N SER B 229 16.27 -17.00 2.44
CA SER B 229 15.61 -18.29 2.48
C SER B 229 15.55 -18.85 1.06
N ARG B 230 15.83 -20.14 0.94
CA ARG B 230 15.75 -20.78 -0.35
C ARG B 230 14.34 -20.96 -0.92
N ARG B 231 13.28 -20.76 -0.13
CA ARG B 231 11.91 -21.09 -0.57
CA ARG B 231 11.94 -21.12 -0.56
C ARG B 231 10.88 -20.15 0.02
N ALA B 232 10.09 -19.53 -0.87
CA ALA B 232 8.97 -18.68 -0.50
C ALA B 232 7.81 -19.01 -1.46
N THR B 233 6.68 -19.42 -0.93
CA THR B 233 5.52 -19.80 -1.76
C THR B 233 4.98 -18.62 -2.57
N TYR B 234 5.21 -17.42 -2.05
CA TYR B 234 4.72 -16.17 -2.66
C TYR B 234 5.64 -15.59 -3.75
N GLY B 235 6.72 -16.28 -4.08
CA GLY B 235 7.58 -15.84 -5.17
C GLY B 235 8.91 -15.21 -4.74
N TYR B 236 9.51 -14.46 -5.65
CA TYR B 236 10.85 -13.99 -5.55
C TYR B 236 10.88 -12.70 -4.71
N ASP B 237 11.21 -12.85 -3.45
CA ASP B 237 11.20 -11.75 -2.48
C ASP B 237 12.52 -11.02 -2.54
N GLN B 238 12.50 -9.74 -2.89
CA GLN B 238 13.71 -8.98 -3.10
C GLN B 238 13.49 -7.59 -2.54
N ARG B 239 13.78 -7.42 -1.24
CA ARG B 239 13.58 -6.13 -0.58
C ARG B 239 14.86 -5.55 -0.06
N ILE B 240 14.95 -4.23 -0.10
CA ILE B 240 16.06 -3.52 0.53
C ILE B 240 15.46 -2.32 1.27
N GLU B 241 16.13 -1.99 2.35
CA GLU B 241 15.73 -0.87 3.19
C GLU B 241 16.95 -0.25 3.80
N VAL B 242 16.98 1.08 3.87
CA VAL B 242 18.11 1.80 4.42
C VAL B 242 17.62 2.92 5.36
N HIS B 243 17.96 2.76 6.63
CA HIS B 243 17.62 3.74 7.65
C HIS B 243 18.85 4.63 7.78
N GLY B 244 18.60 5.94 7.75
CA GLY B 244 19.65 6.97 7.87
C GLY B 244 19.28 8.03 8.88
N SER B 245 20.16 9.02 9.07
CA SER B 245 19.99 10.02 10.14
C SER B 245 18.76 10.89 9.93
N LYS B 246 18.41 11.13 8.67
CA LYS B 246 17.32 12.02 8.32
C LYS B 246 16.04 11.35 7.84
N GLY B 247 16.11 10.05 7.58
CA GLY B 247 14.95 9.30 7.22
C GLY B 247 15.27 7.89 6.78
N ALA B 248 14.35 7.23 6.10
CA ALA B 248 14.58 5.89 5.59
C ALA B 248 14.10 5.82 4.15
N VAL B 249 14.68 4.90 3.40
CA VAL B 249 14.29 4.64 2.03
C VAL B 249 14.25 3.13 1.80
N ALA B 250 13.25 2.68 1.07
CA ALA B 250 13.04 1.25 0.81
C ALA B 250 12.54 1.07 -0.62
N ALA B 251 12.84 -0.10 -1.21
CA ALA B 251 12.22 -0.51 -2.44
C ALA B 251 11.36 -1.70 -2.10
N GLU B 252 10.08 -1.57 -2.46
CA GLU B 252 9.10 -2.65 -2.29
C GLU B 252 9.30 -3.75 -3.33
N ASN B 253 8.69 -4.90 -3.06
CA ASN B 253 8.72 -6.00 -4.02
C ASN B 253 7.98 -5.64 -5.30
N GLN B 254 8.43 -6.24 -6.39
CA GLN B 254 7.76 -6.15 -7.67
C GLN B 254 6.95 -7.41 -7.96
N ARG B 255 5.85 -7.22 -8.68
CA ARG B 255 5.05 -8.36 -9.16
C ARG B 255 4.70 -8.04 -10.65
N PRO B 256 4.41 -9.06 -11.48
CA PRO B 256 4.22 -8.81 -12.93
C PRO B 256 2.95 -8.00 -13.26
N VAL B 257 1.90 -8.26 -12.49
CA VAL B 257 0.60 -7.63 -12.62
C VAL B 257 0.21 -7.08 -11.25
N SER B 258 -0.19 -5.82 -11.19
CA SER B 258 -0.72 -5.23 -9.98
C SER B 258 -2.24 -4.93 -10.07
N ILE B 259 -3.05 -5.85 -9.55
CA ILE B 259 -4.48 -5.64 -9.35
C ILE B 259 -4.82 -6.04 -7.90
N GLU B 260 -6.06 -5.82 -7.48
CA GLU B 260 -6.49 -6.16 -6.13
C GLU B 260 -7.92 -6.60 -6.19
N ILE B 261 -8.20 -7.75 -5.61
CA ILE B 261 -9.54 -8.29 -5.55
C ILE B 261 -9.97 -8.32 -4.11
N ALA B 262 -11.12 -7.72 -3.80
CA ALA B 262 -11.65 -7.66 -2.44
C ALA B 262 -12.95 -8.47 -2.34
N THR B 263 -12.98 -9.38 -1.36
CA THR B 263 -14.13 -10.18 -1.03
C THR B 263 -14.22 -10.30 0.49
N GLY B 264 -15.14 -11.14 0.97
CA GLY B 264 -15.26 -11.44 2.41
C GLY B 264 -13.98 -12.02 2.98
N ASP B 265 -13.16 -12.62 2.13
CA ASP B 265 -11.89 -13.18 2.54
C ASP B 265 -10.74 -12.19 2.67
N GLY B 266 -10.91 -10.98 2.17
CA GLY B 266 -9.91 -9.95 2.25
C GLY B 266 -9.61 -9.28 0.92
N TYR B 267 -8.57 -8.45 0.95
CA TYR B 267 -8.05 -7.77 -0.22
C TYR B 267 -6.83 -8.54 -0.63
N THR B 268 -6.87 -9.08 -1.84
CA THR B 268 -5.76 -9.92 -2.33
C THR B 268 -5.09 -9.40 -3.56
N ARG B 269 -3.77 -9.26 -3.50
CA ARG B 269 -2.93 -8.89 -4.64
C ARG B 269 -2.18 -10.12 -5.12
N PRO B 270 -1.75 -10.12 -6.39
CA PRO B 270 -1.05 -11.31 -6.92
C PRO B 270 0.29 -11.57 -6.22
N PRO B 271 0.77 -12.82 -6.29
CA PRO B 271 2.11 -13.10 -5.82
C PRO B 271 3.16 -12.37 -6.64
N LEU B 272 4.40 -12.53 -6.24
CA LEU B 272 5.51 -11.85 -6.88
C LEU B 272 5.93 -12.56 -8.18
N HIS B 273 6.98 -12.05 -8.80
CA HIS B 273 7.61 -12.71 -9.92
C HIS B 273 8.10 -14.08 -9.51
N ASP B 274 8.03 -15.05 -10.44
CA ASP B 274 8.56 -16.37 -10.16
C ASP B 274 10.02 -16.26 -9.80
N PHE B 275 10.84 -15.73 -10.72
CA PHE B 275 12.30 -15.70 -10.47
C PHE B 275 12.99 -14.53 -11.21
N PHE B 276 14.30 -14.59 -11.36
CA PHE B 276 15.05 -13.46 -11.88
C PHE B 276 14.68 -13.15 -13.33
N MSE B 277 14.24 -14.16 -14.07
CA MSE B 277 13.94 -14.04 -15.49
C MSE B 277 13.03 -12.87 -15.74
O MSE B 277 13.30 -12.07 -16.63
CB MSE B 277 13.29 -15.30 -16.09
CG MSE B 277 14.24 -16.52 -16.13
SE MSE B 277 14.41 -17.44 -14.37
CE MSE B 277 12.55 -18.14 -14.22
N THR B 278 11.94 -12.77 -15.00
CA THR B 278 11.05 -11.63 -15.22
C THR B 278 11.23 -10.52 -14.23
N ARG B 279 11.71 -10.79 -13.01
CA ARG B 279 11.88 -9.71 -12.03
C ARG B 279 12.89 -8.68 -12.54
N TYR B 280 13.95 -9.14 -13.18
CA TYR B 280 15.06 -8.25 -13.51
C TYR B 280 15.26 -7.87 -14.99
N THR B 281 14.22 -8.01 -15.80
CA THR B 281 14.33 -7.68 -17.23
C THR B 281 14.87 -6.25 -17.50
N GLU B 282 14.35 -5.24 -16.80
CA GLU B 282 14.88 -3.90 -16.98
C GLU B 282 16.33 -3.84 -16.50
N ALA B 283 16.64 -4.55 -15.41
CA ALA B 283 17.99 -4.53 -14.89
C ALA B 283 18.98 -5.09 -15.90
N TYR B 284 18.66 -6.23 -16.51
CA TYR B 284 19.52 -6.80 -17.55
C TYR B 284 19.71 -5.86 -18.76
N ALA B 285 18.66 -5.11 -19.15
CA ALA B 285 18.82 -4.11 -20.21
C ALA B 285 19.81 -3.03 -19.80
N ASN B 286 19.67 -2.52 -18.57
CA ASN B 286 20.46 -1.42 -18.11
C ASN B 286 21.93 -1.83 -17.98
N GLU B 287 22.12 -3.06 -17.55
CA GLU B 287 23.43 -3.65 -17.34
C GLU B 287 24.23 -3.73 -18.65
N ILE B 288 23.59 -4.28 -19.69
CA ILE B 288 24.21 -4.33 -21.02
C ILE B 288 24.47 -2.90 -21.49
N GLU B 289 23.51 -2.02 -21.25
CA GLU B 289 23.71 -0.61 -21.60
C GLU B 289 24.92 -0.02 -20.94
N SER B 290 25.06 -0.24 -19.63
CA SER B 290 26.23 0.24 -18.89
C SER B 290 27.55 -0.42 -19.40
N PHE B 291 27.46 -1.67 -19.79
CA PHE B 291 28.64 -2.39 -20.27
C PHE B 291 29.15 -1.75 -21.57
N ILE B 292 28.20 -1.48 -22.45
CA ILE B 292 28.52 -0.82 -23.72
C ILE B 292 29.08 0.59 -23.49
N ALA B 293 28.53 1.29 -22.51
CA ALA B 293 29.01 2.61 -22.21
C ALA B 293 30.44 2.52 -21.78
N ALA B 294 30.75 1.47 -21.04
CA ALA B 294 32.11 1.22 -20.58
C ALA B 294 33.01 0.97 -21.77
N ILE B 295 32.53 0.20 -22.73
CA ILE B 295 33.31 -0.11 -23.92
C ILE B 295 33.53 1.15 -24.76
N GLU B 296 32.44 1.91 -24.98
CA GLU B 296 32.47 3.08 -25.86
C GLU B 296 33.27 4.23 -25.26
N LYS B 297 33.01 4.56 -24.00
CA LYS B 297 33.64 5.74 -23.38
C LYS B 297 34.86 5.48 -22.51
N GLY B 298 35.17 4.22 -22.26
CA GLY B 298 36.28 3.89 -21.36
C GLY B 298 36.06 4.21 -19.89
N ALA B 299 34.81 4.47 -19.51
CA ALA B 299 34.47 4.79 -18.13
C ALA B 299 34.84 3.60 -17.21
N GLU B 300 35.22 3.85 -15.96
CA GLU B 300 35.59 2.73 -15.10
C GLU B 300 34.32 1.93 -14.79
N ILE B 301 34.49 0.62 -14.72
CA ILE B 301 33.35 -0.30 -14.70
C ILE B 301 32.91 -0.51 -13.26
N ALA B 302 31.60 -0.53 -13.05
CA ALA B 302 30.97 -1.01 -11.82
C ALA B 302 29.73 -1.80 -12.22
N PRO B 303 29.52 -3.00 -11.68
CA PRO B 303 30.34 -3.81 -10.78
C PRO B 303 31.60 -4.37 -11.48
N SER B 304 32.74 -4.12 -10.88
CA SER B 304 34.01 -4.53 -11.38
C SER B 304 34.39 -5.94 -10.88
N GLY B 305 35.54 -6.38 -11.34
CA GLY B 305 36.20 -7.55 -10.81
C GLY B 305 36.40 -7.46 -9.32
N ASN B 306 36.88 -6.33 -8.84
CA ASN B 306 37.08 -6.19 -7.40
C ASN B 306 35.76 -6.31 -6.65
N ASP B 307 34.65 -5.89 -7.26
CA ASP B 307 33.35 -6.03 -6.58
C ASP B 307 33.00 -7.50 -6.49
N GLY B 308 33.31 -8.29 -7.53
CA GLY B 308 33.10 -9.76 -7.41
C GLY B 308 33.95 -10.40 -6.32
N LEU B 309 35.20 -9.96 -6.22
CA LEU B 309 36.08 -10.45 -5.20
C LEU B 309 35.58 -10.08 -3.80
N ALA B 310 35.19 -8.81 -3.64
CA ALA B 310 34.71 -8.32 -2.34
C ALA B 310 33.49 -9.10 -1.82
N ALA B 311 32.54 -9.41 -2.69
CA ALA B 311 31.36 -10.16 -2.30
C ALA B 311 31.69 -11.59 -1.90
N LEU B 312 32.63 -12.21 -2.60
CA LEU B 312 33.08 -13.56 -2.28
C LEU B 312 33.82 -13.58 -0.95
N ALA B 313 34.62 -12.57 -0.66
CA ALA B 313 35.35 -12.52 0.60
C ALA B 313 34.35 -12.39 1.75
N LEU B 314 33.26 -11.66 1.54
CA LEU B 314 32.20 -11.60 2.55
C LEU B 314 31.55 -12.97 2.70
N ALA B 315 31.26 -13.65 1.58
CA ALA B 315 30.68 -14.99 1.69
C ALA B 315 31.62 -15.93 2.45
N ASP B 316 32.91 -15.91 2.12
CA ASP B 316 33.89 -16.80 2.78
C ASP B 316 33.92 -16.55 4.31
N ALA B 317 33.90 -15.26 4.68
CA ALA B 317 33.81 -14.87 6.07
C ALA B 317 32.52 -15.36 6.70
N ALA B 318 31.37 -15.25 5.99
CA ALA B 318 30.13 -15.82 6.52
C ALA B 318 30.18 -17.31 6.82
N VAL B 319 30.81 -18.09 5.94
CA VAL B 319 30.96 -19.53 6.11
C VAL B 319 31.75 -19.83 7.39
N ARG B 320 32.89 -19.16 7.58
CA ARG B 320 33.73 -19.29 8.78
C ARG B 320 33.00 -18.87 10.02
N SER B 321 32.23 -17.79 9.94
CA SER B 321 31.50 -17.30 11.08
C SER B 321 30.50 -18.35 11.59
N VAL B 322 29.77 -18.99 10.68
CA VAL B 322 28.84 -20.01 11.08
C VAL B 322 29.60 -21.16 11.73
N ALA B 323 30.68 -21.60 11.10
CA ALA B 323 31.44 -22.75 11.62
C ALA B 323 32.11 -22.49 12.95
N GLU B 324 32.65 -21.27 13.15
CA GLU B 324 33.43 -20.93 14.33
C GLU B 324 32.60 -20.24 15.41
N LYS B 325 31.35 -19.93 15.12
CA LYS B 325 30.44 -19.28 16.03
C LYS B 325 30.95 -17.91 16.53
N ARG B 326 31.62 -17.18 15.65
CA ARG B 326 32.10 -15.87 15.98
C ARG B 326 32.13 -14.94 14.78
N GLN B 327 32.33 -13.67 15.10
CA GLN B 327 32.47 -12.65 14.14
C GLN B 327 33.83 -12.82 13.43
N ILE B 328 33.84 -12.69 12.11
CA ILE B 328 35.03 -12.84 11.31
C ILE B 328 35.37 -11.51 10.67
N SER B 329 36.62 -11.07 10.85
CA SER B 329 37.01 -9.76 10.34
C SER B 329 37.50 -9.94 8.91
N ILE B 330 37.32 -8.91 8.09
CA ILE B 330 37.65 -8.96 6.67
C ILE B 330 39.02 -8.35 6.50
N ALA B 331 39.90 -9.06 5.80
CA ALA B 331 41.29 -8.64 5.61
C ALA B 331 41.34 -7.41 4.70
N THR C 3 -21.17 22.99 34.18
CA THR C 3 -21.52 21.61 33.74
C THR C 3 -22.78 21.61 32.88
N VAL C 4 -22.72 20.95 31.72
CA VAL C 4 -23.89 20.84 30.83
C VAL C 4 -24.71 19.58 31.18
N ARG C 5 -25.98 19.80 31.52
CA ARG C 5 -26.87 18.76 32.00
CA ARG C 5 -26.86 18.73 32.00
C ARG C 5 -27.69 18.21 30.83
N PHE C 6 -27.54 16.92 30.53
CA PHE C 6 -28.16 16.30 29.36
C PHE C 6 -29.36 15.41 29.65
N GLY C 7 -30.34 15.51 28.77
CA GLY C 7 -31.36 14.48 28.61
C GLY C 7 -31.10 13.67 27.33
N LEU C 8 -31.24 12.36 27.40
CA LEU C 8 -31.14 11.49 26.22
C LEU C 8 -32.49 10.89 25.85
N LEU C 9 -32.98 11.19 24.65
CA LEU C 9 -34.19 10.59 24.09
C LEU C 9 -33.88 9.48 23.07
N GLY C 10 -33.98 8.23 23.50
CA GLY C 10 -33.58 7.11 22.63
C GLY C 10 -32.44 6.34 23.26
N ALA C 11 -32.71 5.08 23.60
CA ALA C 11 -31.76 4.23 24.33
C ALA C 11 -31.33 3.03 23.51
N GLY C 12 -31.39 3.15 22.19
CA GLY C 12 -30.97 2.10 21.29
C GLY C 12 -29.47 2.10 21.11
N ARG C 13 -29.03 1.61 19.96
CA ARG C 13 -27.61 1.36 19.75
C ARG C 13 -26.84 2.67 19.79
N ILE C 14 -27.33 3.66 19.05
CA ILE C 14 -26.71 4.98 18.96
C ILE C 14 -26.84 5.67 20.31
N GLY C 15 -28.03 5.57 20.90
CA GLY C 15 -28.30 6.13 22.21
C GLY C 15 -27.30 5.68 23.23
N LYS C 16 -26.97 4.39 23.23
CA LYS C 16 -26.00 3.86 24.17
C LYS C 16 -24.61 4.49 23.98
N VAL C 17 -24.25 4.77 22.73
CA VAL C 17 -22.96 5.37 22.44
C VAL C 17 -22.90 6.83 22.93
N HIS C 18 -23.91 7.63 22.54
CA HIS C 18 -23.94 9.03 22.93
C HIS C 18 -23.97 9.17 24.45
N ALA C 19 -24.64 8.25 25.13
CA ALA C 19 -24.67 8.24 26.58
C ALA C 19 -23.27 8.11 27.16
N LYS C 20 -22.53 7.11 26.69
CA LYS C 20 -21.14 6.86 27.09
C LYS C 20 -20.31 8.12 26.99
N ALA C 21 -20.40 8.77 25.83
CA ALA C 21 -19.68 10.00 25.52
C ALA C 21 -20.03 11.12 26.49
N VAL C 22 -21.33 11.37 26.66
CA VAL C 22 -21.79 12.47 27.52
C VAL C 22 -21.33 12.22 28.95
N SER C 23 -21.60 11.05 29.47
CA SER C 23 -21.18 10.66 30.83
C SER C 23 -19.70 10.89 31.11
N GLY C 24 -18.84 10.41 30.22
CA GLY C 24 -17.40 10.52 30.39
C GLY C 24 -16.81 11.90 30.12
N ASN C 25 -17.60 12.84 29.58
CA ASN C 25 -17.11 14.20 29.36
C ASN C 25 -17.11 14.96 30.68
N ALA C 26 -16.03 15.68 30.95
CA ALA C 26 -15.85 16.36 32.24
C ALA C 26 -16.83 17.53 32.43
N ASP C 27 -17.25 18.14 31.32
CA ASP C 27 -18.14 19.31 31.34
C ASP C 27 -19.62 18.98 31.08
N ALA C 28 -20.00 17.70 31.21
CA ALA C 28 -21.37 17.30 30.98
C ALA C 28 -21.78 16.19 31.89
N ARG C 29 -23.08 16.15 32.19
CA ARG C 29 -23.66 15.11 33.03
C ARG C 29 -24.94 14.57 32.36
N LEU C 30 -25.12 13.25 32.41
CA LEU C 30 -26.34 12.65 31.87
C LEU C 30 -27.36 12.64 33.02
N VAL C 31 -28.36 13.50 32.92
CA VAL C 31 -29.31 13.63 34.02
C VAL C 31 -30.46 12.64 33.92
N ALA C 32 -31.02 12.49 32.72
CA ALA C 32 -32.07 11.51 32.50
C ALA C 32 -32.11 10.91 31.09
N VAL C 33 -32.82 9.78 30.98
CA VAL C 33 -33.03 9.03 29.75
C VAL C 33 -34.53 8.83 29.53
N ALA C 34 -34.98 8.97 28.28
CA ALA C 34 -36.35 8.63 27.92
C ALA C 34 -36.31 7.71 26.69
N ASP C 35 -37.16 6.68 26.70
CA ASP C 35 -37.27 5.74 25.59
C ASP C 35 -38.57 4.96 25.68
N ALA C 36 -39.23 4.78 24.53
CA ALA C 36 -40.42 3.92 24.41
C ALA C 36 -40.19 2.48 24.87
N PHE C 37 -38.96 1.98 24.79
CA PHE C 37 -38.60 0.66 25.34
C PHE C 37 -38.17 0.82 26.81
N PRO C 38 -39.05 0.47 27.76
CA PRO C 38 -38.66 0.70 29.17
C PRO C 38 -37.45 -0.08 29.68
N ALA C 39 -37.22 -1.29 29.19
CA ALA C 39 -35.99 -2.03 29.57
C ALA C 39 -34.72 -1.28 29.09
N ALA C 40 -34.80 -0.66 27.92
CA ALA C 40 -33.63 0.00 27.34
C ALA C 40 -33.29 1.26 28.13
N ALA C 41 -34.30 2.06 28.46
CA ALA C 41 -34.09 3.26 29.27
C ALA C 41 -33.57 2.93 30.67
N GLU C 42 -34.11 1.87 31.28
CA GLU C 42 -33.66 1.40 32.58
C GLU C 42 -32.18 1.02 32.57
N ALA C 43 -31.75 0.26 31.57
CA ALA C 43 -30.35 -0.21 31.49
C ALA C 43 -29.36 0.97 31.47
N ILE C 44 -29.66 1.98 30.68
CA ILE C 44 -28.84 3.18 30.64
C ILE C 44 -28.84 3.91 31.98
N ALA C 45 -30.00 4.08 32.60
CA ALA C 45 -30.10 4.69 33.93
C ALA C 45 -29.23 3.99 34.96
N GLY C 46 -29.30 2.66 34.96
CA GLY C 46 -28.49 1.85 35.85
C GLY C 46 -27.01 2.01 35.53
N ALA C 47 -26.69 2.07 34.25
CA ALA C 47 -25.30 2.13 33.79
C ALA C 47 -24.59 3.43 34.17
N TYR C 48 -25.33 4.53 34.21
CA TYR C 48 -24.76 5.84 34.46
C TYR C 48 -25.37 6.55 35.64
N GLY C 49 -26.17 5.83 36.44
CA GLY C 49 -26.77 6.35 37.67
C GLY C 49 -27.62 7.60 37.50
N CYS C 50 -28.30 7.72 36.36
CA CYS C 50 -29.19 8.85 36.06
C CYS C 50 -30.65 8.38 36.18
N GLU C 51 -31.59 9.27 35.86
CA GLU C 51 -33.02 8.96 36.03
C GLU C 51 -33.66 8.49 34.73
N VAL C 52 -34.68 7.64 34.88
CA VAL C 52 -35.60 7.37 33.79
C VAL C 52 -36.68 8.43 33.90
N ARG C 53 -36.95 9.15 32.83
CA ARG C 53 -38.01 10.14 32.79
C ARG C 53 -38.78 10.02 31.50
N THR C 54 -39.98 10.59 31.47
CA THR C 54 -40.75 10.63 30.24
C THR C 54 -40.18 11.79 29.43
N ILE C 55 -40.52 11.82 28.16
CA ILE C 55 -40.12 12.91 27.32
C ILE C 55 -40.64 14.22 27.93
N ASP C 56 -41.94 14.24 28.23
CA ASP C 56 -42.61 15.41 28.79
C ASP C 56 -41.87 15.98 30.00
N ALA C 57 -41.44 15.11 30.90
CA ALA C 57 -40.74 15.53 32.09
C ALA C 57 -39.37 16.13 31.74
N ILE C 58 -38.66 15.50 30.81
CA ILE C 58 -37.38 16.03 30.34
C ILE C 58 -37.57 17.39 29.68
N GLU C 59 -38.55 17.49 28.81
CA GLU C 59 -38.90 18.76 28.17
C GLU C 59 -39.19 19.89 29.17
N ALA C 60 -39.96 19.58 30.22
CA ALA C 60 -40.38 20.60 31.19
C ALA C 60 -39.36 20.80 32.33
N ALA C 61 -38.32 19.99 32.37
CA ALA C 61 -37.43 19.98 33.52
C ALA C 61 -36.53 21.22 33.51
N ALA C 62 -36.17 21.69 34.71
CA ALA C 62 -35.27 22.85 34.85
C ALA C 62 -33.82 22.42 34.96
N ASP C 63 -33.58 21.17 35.34
CA ASP C 63 -32.21 20.64 35.48
C ASP C 63 -31.71 19.92 34.22
N ILE C 64 -32.25 20.27 33.05
CA ILE C 64 -31.76 19.77 31.77
C ILE C 64 -31.40 20.96 30.90
N ASP C 65 -30.14 21.05 30.47
CA ASP C 65 -29.71 22.11 29.57
C ASP C 65 -29.75 21.67 28.10
N ALA C 66 -29.42 20.41 27.83
CA ALA C 66 -29.45 19.94 26.44
C ALA C 66 -29.99 18.53 26.25
N VAL C 67 -30.44 18.26 25.03
CA VAL C 67 -30.90 16.90 24.69
C VAL C 67 -30.24 16.29 23.46
N VAL C 68 -30.09 14.97 23.53
CA VAL C 68 -29.64 14.16 22.40
C VAL C 68 -30.81 13.33 21.93
N ILE C 69 -31.28 13.60 20.72
CA ILE C 69 -32.42 12.93 20.13
C ILE C 69 -31.96 11.75 19.26
N CYS C 70 -32.19 10.53 19.76
CA CYS C 70 -31.89 9.27 19.04
C CYS C 70 -33.13 8.42 18.77
N THR C 71 -34.30 9.04 18.68
CA THR C 71 -35.56 8.31 18.49
C THR C 71 -35.78 8.11 17.01
N PRO C 72 -36.83 7.36 16.62
CA PRO C 72 -37.03 7.16 15.18
C PRO C 72 -37.26 8.45 14.42
N THR C 73 -36.95 8.36 13.13
CA THR C 73 -36.93 9.50 12.23
C THR C 73 -38.21 10.31 12.25
N ASP C 74 -39.35 9.62 12.27
CA ASP C 74 -40.65 10.30 12.25
C ASP C 74 -40.94 11.17 13.48
N THR C 75 -40.16 11.04 14.56
CA THR C 75 -40.29 11.89 15.75
C THR C 75 -39.39 13.14 15.79
N HIS C 76 -38.48 13.25 14.83
CA HIS C 76 -37.39 14.23 14.92
C HIS C 76 -37.84 15.67 14.84
N ALA C 77 -38.60 16.03 13.81
CA ALA C 77 -39.04 17.40 13.66
C ALA C 77 -39.83 17.87 14.90
N ASP C 78 -40.83 17.09 15.31
CA ASP C 78 -41.67 17.45 16.46
C ASP C 78 -40.82 17.63 17.70
N LEU C 79 -39.91 16.70 17.94
CA LEU C 79 -39.08 16.77 19.13
C LEU C 79 -38.18 18.01 19.12
N ILE C 80 -37.64 18.34 17.95
CA ILE C 80 -36.74 19.48 17.84
C ILE C 80 -37.48 20.78 18.20
N GLU C 81 -38.66 20.97 17.61
CA GLU C 81 -39.51 22.13 17.91
C GLU C 81 -39.85 22.25 19.42
N ARG C 82 -40.28 21.15 20.01
CA ARG C 82 -40.64 21.13 21.42
C ARG C 82 -39.44 21.52 22.29
N PHE C 83 -38.27 20.98 21.98
CA PHE C 83 -37.13 21.25 22.83
C PHE C 83 -36.54 22.63 22.60
N ALA C 84 -36.68 23.14 21.39
CA ALA C 84 -36.28 24.51 21.12
C ALA C 84 -37.12 25.46 21.99
N ARG C 85 -38.44 25.30 21.96
CA ARG C 85 -39.37 26.13 22.74
C ARG C 85 -39.12 26.03 24.24
N ALA C 86 -38.75 24.84 24.71
CA ALA C 86 -38.39 24.64 26.11
C ALA C 86 -37.02 25.22 26.44
N GLY C 87 -36.32 25.76 25.45
CA GLY C 87 -35.01 26.40 25.64
C GLY C 87 -33.82 25.45 25.83
N LYS C 88 -33.95 24.18 25.42
CA LYS C 88 -32.80 23.28 25.45
C LYS C 88 -32.00 23.43 24.17
N ALA C 89 -30.72 23.14 24.29
CA ALA C 89 -29.88 22.92 23.13
C ALA C 89 -30.06 21.48 22.68
N ILE C 90 -29.99 21.26 21.36
CA ILE C 90 -30.36 19.98 20.76
C ILE C 90 -29.33 19.39 19.79
N PHE C 91 -28.90 18.17 20.12
CA PHE C 91 -28.27 17.30 19.14
C PHE C 91 -29.30 16.28 18.63
N CYS C 92 -29.61 16.33 17.34
CA CYS C 92 -30.48 15.32 16.71
C CYS C 92 -29.74 14.48 15.65
N GLU C 93 -29.92 13.15 15.71
CA GLU C 93 -29.47 12.28 14.63
C GLU C 93 -30.17 12.61 13.34
N LYS C 94 -29.45 12.53 12.23
CA LYS C 94 -30.03 12.64 10.87
C LYS C 94 -31.26 11.75 10.72
N PRO C 95 -32.28 12.19 9.95
CA PRO C 95 -32.48 13.51 9.38
C PRO C 95 -33.41 14.32 10.28
N ILE C 96 -33.62 15.57 9.92
CA ILE C 96 -34.58 16.39 10.64
C ILE C 96 -35.96 15.81 10.43
N ASP C 97 -36.29 15.66 9.15
CA ASP C 97 -37.42 14.89 8.70
C ASP C 97 -37.06 14.42 7.29
N LEU C 98 -37.93 13.65 6.65
CA LEU C 98 -37.74 13.23 5.28
C LEU C 98 -38.40 14.15 4.27
N ASP C 99 -39.32 14.99 4.73
CA ASP C 99 -40.04 15.87 3.84
C ASP C 99 -39.45 17.24 3.95
N ALA C 100 -38.97 17.74 2.82
CA ALA C 100 -38.36 19.05 2.77
C ALA C 100 -39.26 20.09 3.44
N GLU C 101 -40.55 20.06 3.09
CA GLU C 101 -41.47 21.07 3.57
C GLU C 101 -41.52 21.08 5.08
N ARG C 102 -41.61 19.89 5.67
CA ARG C 102 -41.60 19.78 7.13
C ARG C 102 -40.32 20.34 7.75
N VAL C 103 -39.18 20.09 7.11
CA VAL C 103 -37.89 20.53 7.65
C VAL C 103 -37.86 22.05 7.71
N ARG C 104 -38.19 22.70 6.60
CA ARG C 104 -38.29 24.16 6.54
C ARG C 104 -39.07 24.77 7.70
N ALA C 105 -40.21 24.16 8.05
CA ALA C 105 -41.09 24.65 9.12
C ALA C 105 -40.43 24.45 10.47
N CYS C 106 -39.80 23.29 10.64
CA CYS C 106 -39.00 23.02 11.83
C CYS C 106 -37.91 24.06 12.08
N LEU C 107 -37.21 24.44 11.02
CA LEU C 107 -36.08 25.35 11.15
C LEU C 107 -36.55 26.77 11.47
N LYS C 108 -37.68 27.18 10.89
CA LYS C 108 -38.34 28.45 11.28
C LYS C 108 -38.49 28.54 12.80
N VAL C 109 -38.84 27.41 13.43
CA VAL C 109 -39.04 27.35 14.89
C VAL C 109 -37.72 27.44 15.63
N VAL C 110 -36.69 26.77 15.12
CA VAL C 110 -35.34 26.87 15.69
C VAL C 110 -34.82 28.31 15.58
N SER C 111 -35.04 28.93 14.42
CA SER C 111 -34.63 30.30 14.19
C SER C 111 -35.31 31.26 15.18
N ASP C 112 -36.63 31.14 15.31
CA ASP C 112 -37.42 32.04 16.15
C ASP C 112 -37.16 31.87 17.64
N THR C 113 -36.94 30.63 18.09
CA THR C 113 -36.61 30.38 19.51
C THR C 113 -35.15 30.68 19.82
N LYS C 114 -34.37 30.92 18.76
CA LYS C 114 -32.94 31.18 18.85
C LYS C 114 -32.19 29.98 19.45
N ALA C 115 -32.58 28.77 19.01
CA ALA C 115 -32.10 27.54 19.65
C ALA C 115 -30.84 26.99 18.98
N LYS C 116 -30.03 26.32 19.78
CA LYS C 116 -28.84 25.65 19.30
C LYS C 116 -29.20 24.24 18.80
N LEU C 117 -28.97 23.97 17.51
CA LEU C 117 -29.23 22.65 16.89
C LEU C 117 -28.04 22.12 16.08
N MSE C 118 -27.49 20.97 16.50
CA MSE C 118 -26.53 20.20 15.68
C MSE C 118 -27.22 18.98 15.14
O MSE C 118 -27.90 18.27 15.87
CB MSE C 118 -25.33 19.73 16.52
CG MSE C 118 -24.15 19.23 15.66
SE MSE C 118 -22.78 18.33 16.76
CE MSE C 118 -21.76 19.95 17.24
N VAL C 119 -27.09 18.73 13.84
CA VAL C 119 -27.56 17.52 13.20
C VAL C 119 -26.40 16.52 13.15
N GLY C 120 -26.71 15.24 13.33
CA GLY C 120 -25.69 14.17 13.43
C GLY C 120 -25.08 13.65 12.13
N PHE C 121 -24.42 14.51 11.39
CA PHE C 121 -23.64 14.10 10.22
C PHE C 121 -22.24 13.78 10.71
N ASN C 122 -22.12 12.61 11.34
CA ASN C 122 -20.91 12.22 12.05
C ASN C 122 -19.64 12.18 11.18
N ARG C 123 -19.78 12.07 9.87
CA ARG C 123 -18.59 11.81 9.04
C ARG C 123 -17.71 13.06 8.90
N ARG C 124 -18.31 14.24 9.11
CA ARG C 124 -17.60 15.48 9.24
C ARG C 124 -16.66 15.47 10.40
N PHE C 125 -16.90 14.58 11.36
CA PHE C 125 -16.06 14.43 12.51
C PHE C 125 -15.12 13.24 12.48
N ASP C 126 -15.04 12.53 11.36
CA ASP C 126 -14.12 11.41 11.29
C ASP C 126 -12.68 11.96 11.19
N PRO C 127 -11.73 11.41 11.96
CA PRO C 127 -10.37 11.98 11.92
C PRO C 127 -9.75 12.01 10.51
N HIS C 128 -9.99 10.97 9.74
CA HIS C 128 -9.41 10.84 8.40
C HIS C 128 -10.06 11.85 7.47
N PHE C 129 -11.39 11.95 7.48
CA PHE C 129 -12.06 12.90 6.62
C PHE C 129 -11.78 14.32 7.03
N MSE C 130 -11.62 14.54 8.33
CA MSE C 130 -11.25 15.88 8.82
C MSE C 130 -9.88 16.29 8.34
O MSE C 130 -9.67 17.46 8.01
CB MSE C 130 -11.28 15.90 10.35
CG MSE C 130 -12.68 16.10 10.91
SE MSE C 130 -12.65 16.43 12.84
CE MSE C 130 -11.66 14.93 13.58
N ALA C 131 -8.93 15.36 8.27
CA ALA C 131 -7.61 15.68 7.76
C ALA C 131 -7.63 15.96 6.25
N VAL C 132 -8.55 15.33 5.54
CA VAL C 132 -8.72 15.63 4.11
C VAL C 132 -9.14 17.10 3.98
N ARG C 133 -10.14 17.52 4.75
CA ARG C 133 -10.64 18.90 4.63
C ARG C 133 -9.58 19.91 5.06
N LYS C 134 -8.88 19.61 6.14
CA LYS C 134 -7.76 20.39 6.64
C LYS C 134 -6.68 20.58 5.58
N ALA C 135 -6.33 19.52 4.84
CA ALA C 135 -5.34 19.65 3.78
C ALA C 135 -5.81 20.64 2.71
N ILE C 136 -7.09 20.53 2.34
CA ILE C 136 -7.70 21.48 1.40
C ILE C 136 -7.65 22.88 1.99
N ASP C 137 -8.06 23.05 3.25
CA ASP C 137 -7.99 24.36 3.91
C ASP C 137 -6.57 24.95 3.90
N ASP C 138 -5.57 24.10 4.11
CA ASP C 138 -4.15 24.52 4.14
C ASP C 138 -3.53 24.88 2.76
N GLY C 139 -4.31 24.77 1.68
CA GLY C 139 -3.84 25.07 0.33
C GLY C 139 -3.12 23.90 -0.36
N ARG C 140 -3.08 22.73 0.27
CA ARG C 140 -2.23 21.64 -0.22
C ARG C 140 -2.63 21.07 -1.59
N ILE C 141 -3.90 21.15 -1.98
CA ILE C 141 -4.27 20.75 -3.35
C ILE C 141 -4.75 21.90 -4.23
N GLY C 142 -4.60 23.13 -3.78
CA GLY C 142 -4.99 24.27 -4.60
C GLY C 142 -6.48 24.41 -4.62
N GLU C 143 -7.04 24.79 -5.75
CA GLU C 143 -8.49 24.99 -5.84
C GLU C 143 -9.17 23.65 -6.10
N VAL C 144 -10.26 23.40 -5.38
CA VAL C 144 -10.97 22.14 -5.53
C VAL C 144 -11.57 22.06 -6.92
N GLU C 145 -11.39 20.93 -7.58
CA GLU C 145 -11.90 20.73 -8.91
C GLU C 145 -12.89 19.57 -8.99
N MSE C 146 -12.48 18.36 -8.60
CA MSE C 146 -13.30 17.17 -8.76
C MSE C 146 -13.24 16.28 -7.54
O MSE C 146 -12.16 15.81 -7.15
CB MSE C 146 -12.86 16.43 -10.03
CG MSE C 146 -12.91 17.38 -11.24
SE MSE C 146 -12.67 16.39 -12.91
CE MSE C 146 -14.35 15.36 -12.97
N VAL C 147 -14.41 16.03 -6.96
CA VAL C 147 -14.57 15.21 -5.77
C VAL C 147 -15.14 13.87 -6.16
N THR C 148 -14.58 12.78 -5.61
CA THR C 148 -15.15 11.45 -5.82
C THR C 148 -15.41 10.78 -4.48
N ILE C 149 -16.65 10.32 -4.28
CA ILE C 149 -17.07 9.73 -3.02
C ILE C 149 -17.67 8.36 -3.30
N THR C 150 -17.14 7.34 -2.62
CA THR C 150 -17.64 5.99 -2.80
C THR C 150 -18.05 5.48 -1.46
N SER C 151 -19.29 4.98 -1.36
CA SER C 151 -19.77 4.38 -0.12
C SER C 151 -20.52 3.11 -0.42
N ARG C 152 -20.15 2.04 0.25
CA ARG C 152 -20.83 0.77 0.06
C ARG C 152 -21.04 0.13 1.42
N ASP C 153 -22.27 -0.30 1.69
CA ASP C 153 -22.58 -0.95 2.96
C ASP C 153 -22.24 -2.40 2.86
N PRO C 154 -21.98 -3.04 4.02
CA PRO C 154 -21.66 -4.48 4.02
C PRO C 154 -22.84 -5.36 3.62
N SER C 155 -24.07 -4.89 3.83
CA SER C 155 -25.27 -5.62 3.39
C SER C 155 -26.51 -4.70 3.36
N ALA C 156 -27.52 -5.12 2.62
CA ALA C 156 -28.72 -4.30 2.41
C ALA C 156 -29.56 -4.25 3.69
N PRO C 157 -30.32 -3.16 3.89
CA PRO C 157 -31.27 -3.20 4.99
C PRO C 157 -32.44 -4.15 4.72
N PRO C 158 -33.19 -4.52 5.77
CA PRO C 158 -34.36 -5.37 5.58
C PRO C 158 -35.51 -4.58 5.02
N VAL C 159 -36.43 -5.26 4.35
CA VAL C 159 -37.46 -4.55 3.59
C VAL C 159 -38.35 -3.67 4.48
N ASP C 160 -38.62 -4.09 5.71
CA ASP C 160 -39.37 -3.22 6.63
C ASP C 160 -38.64 -1.90 6.91
N TYR C 161 -37.30 -1.95 7.06
CA TYR C 161 -36.53 -0.71 7.25
C TYR C 161 -36.63 0.17 6.03
N ILE C 162 -36.47 -0.44 4.86
CA ILE C 162 -36.51 0.28 3.60
C ILE C 162 -37.80 1.09 3.44
N LYS C 163 -38.94 0.47 3.74
CA LYS C 163 -40.24 1.11 3.53
C LYS C 163 -40.43 2.46 4.25
N ARG C 164 -39.88 2.58 5.46
CA ARG C 164 -39.95 3.85 6.19
C ARG C 164 -38.66 4.71 6.15
N SER C 165 -37.73 4.35 5.27
CA SER C 165 -36.44 5.04 5.16
C SER C 165 -36.50 6.29 4.29
N GLY C 166 -37.47 6.31 3.37
CA GLY C 166 -37.56 7.38 2.36
C GLY C 166 -36.70 7.12 1.12
N GLY C 167 -36.12 5.93 1.01
CA GLY C 167 -35.36 5.56 -0.18
C GLY C 167 -33.86 5.81 -0.01
N ILE C 168 -33.07 5.15 -0.86
CA ILE C 168 -31.61 5.20 -0.85
C ILE C 168 -31.00 6.60 -0.86
N PHE C 169 -31.55 7.55 -1.63
CA PHE C 169 -31.00 8.90 -1.71
C PHE C 169 -31.14 9.68 -0.43
N ARG C 170 -32.28 9.52 0.23
CA ARG C 170 -32.54 10.17 1.51
C ARG C 170 -31.94 9.46 2.71
N ASP C 171 -31.75 8.15 2.61
CA ASP C 171 -31.32 7.39 3.77
C ASP C 171 -29.81 7.11 3.81
N MSE C 172 -29.23 6.86 2.64
CA MSE C 172 -27.83 6.50 2.50
C MSE C 172 -27.06 7.65 1.91
O MSE C 172 -26.14 8.18 2.54
CB MSE C 172 -27.64 5.30 1.57
CG MSE C 172 -26.21 4.76 1.62
SE MSE C 172 -26.05 3.22 0.44
CE MSE C 172 -24.07 3.10 0.43
N THR C 173 -27.43 8.05 0.71
CA THR C 173 -26.66 9.02 -0.02
C THR C 173 -26.62 10.38 0.69
N ILE C 174 -27.59 10.63 1.56
CA ILE C 174 -27.64 11.88 2.31
C ILE C 174 -26.32 12.23 3.05
N HIS C 175 -25.68 11.22 3.64
CA HIS C 175 -24.33 11.43 4.20
C HIS C 175 -23.33 11.91 3.13
N ASP C 176 -23.44 11.38 1.91
CA ASP C 176 -22.50 11.72 0.85
C ASP C 176 -22.78 13.12 0.30
N PHE C 177 -24.05 13.51 0.30
CA PHE C 177 -24.40 14.85 -0.18
C PHE C 177 -23.82 15.87 0.74
N ASP C 178 -23.90 15.63 2.04
CA ASP C 178 -23.33 16.53 3.02
C ASP C 178 -21.80 16.57 2.83
N MSE C 179 -21.19 15.37 2.75
CA MSE C 179 -19.73 15.20 2.51
C MSE C 179 -19.31 16.00 1.30
O MSE C 179 -18.32 16.77 1.36
CB MSE C 179 -19.41 13.72 2.36
CG MSE C 179 -17.93 13.40 2.20
SE MSE C 179 -16.82 14.18 3.63
CE MSE C 179 -17.40 13.05 5.12
N ALA C 180 -20.08 15.89 0.22
CA ALA C 180 -19.81 16.66 -0.97
C ALA C 180 -19.81 18.16 -0.68
N ARG C 181 -20.82 18.66 0.03
CA ARG C 181 -20.83 20.07 0.41
C ARG C 181 -19.67 20.44 1.31
N PHE C 182 -19.32 19.52 2.21
CA PHE C 182 -18.18 19.69 3.11
C PHE C 182 -16.88 19.79 2.30
N LEU C 183 -16.73 18.94 1.28
CA LEU C 183 -15.48 18.88 0.52
C LEU C 183 -15.41 19.93 -0.58
N LEU C 184 -16.50 20.11 -1.31
CA LEU C 184 -16.56 21.20 -2.30
C LEU C 184 -16.46 22.49 -1.51
N GLY C 185 -15.95 23.55 -2.10
CA GLY C 185 -15.96 24.80 -1.35
C GLY C 185 -17.36 25.37 -1.18
N GLU C 186 -18.32 24.82 -1.92
CA GLU C 186 -19.39 25.62 -2.51
C GLU C 186 -20.69 24.83 -2.59
N GLU C 187 -21.80 25.51 -2.85
CA GLU C 187 -23.10 24.85 -2.96
C GLU C 187 -23.26 24.16 -4.31
N PRO C 188 -23.69 22.90 -4.31
CA PRO C 188 -24.16 22.34 -5.58
C PRO C 188 -25.47 23.00 -6.02
N VAL C 189 -25.57 23.37 -7.29
CA VAL C 189 -26.78 23.93 -7.86
C VAL C 189 -27.42 22.99 -8.89
N SER C 190 -26.82 21.83 -9.14
CA SER C 190 -27.44 20.86 -10.03
C SER C 190 -27.15 19.46 -9.57
N VAL C 191 -28.08 18.54 -9.83
CA VAL C 191 -27.94 17.15 -9.48
C VAL C 191 -28.37 16.32 -10.68
N THR C 192 -27.59 15.30 -11.02
CA THR C 192 -28.04 14.29 -11.98
C THR C 192 -27.70 12.88 -11.45
N ALA C 193 -28.55 11.90 -11.77
CA ALA C 193 -28.47 10.59 -11.13
C ALA C 193 -29.01 9.45 -11.97
N THR C 194 -28.48 8.27 -11.70
CA THR C 194 -28.98 7.04 -12.27
C THR C 194 -29.17 6.12 -11.10
N ALA C 195 -29.89 5.03 -11.33
CA ALA C 195 -30.20 4.08 -10.26
C ALA C 195 -30.64 2.78 -10.83
N ALA C 196 -30.60 1.75 -10.01
CA ALA C 196 -31.05 0.45 -10.40
C ALA C 196 -31.22 -0.42 -9.18
N VAL C 197 -31.84 -1.57 -9.41
CA VAL C 197 -31.93 -2.63 -8.45
C VAL C 197 -31.06 -3.74 -8.99
N LEU C 198 -29.86 -3.89 -8.40
CA LEU C 198 -28.91 -4.88 -8.85
C LEU C 198 -28.70 -5.99 -7.85
N ILE C 199 -29.08 -5.73 -6.60
CA ILE C 199 -28.67 -6.59 -5.50
C ILE C 199 -29.78 -7.50 -4.99
N ASP C 200 -30.98 -6.96 -4.82
CA ASP C 200 -32.11 -7.74 -4.30
C ASP C 200 -33.44 -7.21 -4.83
N LYS C 201 -34.17 -8.02 -5.57
CA LYS C 201 -35.44 -7.58 -6.15
C LYS C 201 -36.46 -7.18 -5.09
N ALA C 202 -36.37 -7.75 -3.90
CA ALA C 202 -37.23 -7.34 -2.79
C ALA C 202 -37.16 -5.83 -2.55
N ILE C 203 -36.02 -5.21 -2.86
CA ILE C 203 -35.82 -3.76 -2.70
C ILE C 203 -36.53 -2.96 -3.78
N GLY C 204 -36.44 -3.45 -5.02
CA GLY C 204 -37.15 -2.83 -6.17
C GLY C 204 -38.66 -2.90 -6.03
N ASP C 205 -39.15 -4.03 -5.54
CA ASP C 205 -40.57 -4.22 -5.23
C ASP C 205 -41.03 -3.18 -4.22
N ALA C 206 -40.23 -2.98 -3.18
CA ALA C 206 -40.60 -2.06 -2.12
C ALA C 206 -40.51 -0.60 -2.55
N GLY C 207 -40.18 -0.35 -3.82
CA GLY C 207 -40.18 1.01 -4.39
C GLY C 207 -38.86 1.79 -4.23
N ASP C 208 -37.74 1.07 -4.17
CA ASP C 208 -36.43 1.68 -3.85
C ASP C 208 -35.38 1.11 -4.81
N TYR C 209 -34.22 1.76 -4.82
CA TYR C 209 -33.08 1.37 -5.62
C TYR C 209 -31.96 0.96 -4.68
N ASP C 210 -31.01 0.16 -5.17
CA ASP C 210 -29.93 -0.34 -4.31
C ASP C 210 -28.49 -0.01 -4.79
N SER C 211 -28.38 0.58 -5.99
CA SER C 211 -27.09 0.88 -6.64
C SER C 211 -27.26 2.16 -7.39
N VAL C 212 -26.70 3.25 -6.90
CA VAL C 212 -26.94 4.57 -7.49
C VAL C 212 -25.66 5.36 -7.78
N SER C 213 -25.73 6.25 -8.78
CA SER C 213 -24.63 7.13 -9.14
C SER C 213 -25.15 8.56 -9.24
N VAL C 214 -24.35 9.52 -8.78
CA VAL C 214 -24.77 10.92 -8.76
C VAL C 214 -23.63 11.82 -9.14
N ILE C 215 -23.86 12.71 -10.10
CA ILE C 215 -22.95 13.81 -10.32
C ILE C 215 -23.63 15.08 -9.86
N LEU C 216 -22.90 15.85 -9.04
CA LEU C 216 -23.31 17.18 -8.63
C LEU C 216 -22.38 18.20 -9.26
N GLN C 217 -22.92 19.33 -9.68
CA GLN C 217 -22.08 20.41 -10.16
C GLN C 217 -22.39 21.72 -9.44
N THR C 218 -21.37 22.51 -9.16
CA THR C 218 -21.56 23.82 -8.52
C THR C 218 -21.66 24.90 -9.61
N ALA C 219 -21.89 26.14 -9.17
CA ALA C 219 -22.02 27.28 -10.10
C ALA C 219 -20.70 27.51 -10.83
N SER C 220 -19.59 27.46 -10.08
CA SER C 220 -18.25 27.57 -10.67
C SER C 220 -17.88 26.36 -11.55
N GLY C 221 -18.71 25.32 -11.54
CA GLY C 221 -18.52 24.17 -12.44
C GLY C 221 -17.82 22.95 -11.84
N LYS C 222 -17.36 23.10 -10.59
CA LYS C 222 -16.76 22.01 -9.84
C LYS C 222 -17.74 20.85 -9.80
N GLN C 223 -17.22 19.63 -9.86
CA GLN C 223 -18.04 18.43 -9.91
C GLN C 223 -17.72 17.46 -8.77
N ALA C 224 -18.76 16.87 -8.22
CA ALA C 224 -18.63 15.78 -7.24
C ALA C 224 -19.37 14.60 -7.79
N ILE C 225 -18.71 13.45 -7.72
CA ILE C 225 -19.28 12.21 -8.16
C ILE C 225 -19.53 11.35 -6.94
N ILE C 226 -20.69 10.72 -6.89
CA ILE C 226 -21.03 9.85 -5.76
C ILE C 226 -21.43 8.51 -6.30
N SER C 227 -20.86 7.47 -5.70
CA SER C 227 -21.17 6.09 -6.03
C SER C 227 -21.64 5.40 -4.74
N ASN C 228 -22.82 4.76 -4.77
CA ASN C 228 -23.36 4.01 -3.61
C ASN C 228 -23.80 2.60 -4.01
N SER C 229 -23.50 1.63 -3.16
CA SER C 229 -24.03 0.28 -3.29
C SER C 229 -24.47 -0.11 -1.91
N ARG C 230 -25.62 -0.81 -1.85
CA ARG C 230 -26.15 -1.32 -0.59
C ARG C 230 -25.45 -2.57 -0.12
N ARG C 231 -24.59 -3.18 -0.96
CA ARG C 231 -23.91 -4.45 -0.57
C ARG C 231 -22.49 -4.66 -1.11
N ALA C 232 -21.58 -5.02 -0.20
CA ALA C 232 -20.18 -5.23 -0.53
C ALA C 232 -19.67 -6.34 0.38
N THR C 233 -19.28 -7.46 -0.22
CA THR C 233 -18.86 -8.64 0.57
C THR C 233 -17.60 -8.35 1.41
N TYR C 234 -16.83 -7.36 1.00
CA TYR C 234 -15.56 -7.01 1.63
C TYR C 234 -15.71 -5.93 2.73
N GLY C 235 -16.95 -5.53 2.97
CA GLY C 235 -17.30 -4.74 4.13
C GLY C 235 -17.58 -3.29 3.85
N TYR C 236 -17.44 -2.46 4.87
CA TYR C 236 -17.92 -1.09 4.84
C TYR C 236 -16.93 -0.13 4.19
N ASP C 237 -17.23 0.23 2.94
CA ASP C 237 -16.35 0.95 2.06
C ASP C 237 -16.72 2.41 2.15
N GLN C 238 -15.78 3.22 2.62
CA GLN C 238 -16.02 4.63 2.82
C GLN C 238 -14.83 5.47 2.30
N ARG C 239 -14.85 5.82 1.02
CA ARG C 239 -13.70 6.56 0.44
C ARG C 239 -14.14 7.93 -0.01
N ILE C 240 -13.24 8.89 0.20
CA ILE C 240 -13.33 10.22 -0.39
C ILE C 240 -12.00 10.58 -1.06
N GLU C 241 -12.10 11.31 -2.15
CA GLU C 241 -10.95 11.76 -2.90
C GLU C 241 -11.31 13.13 -3.44
N VAL C 242 -10.38 14.07 -3.35
CA VAL C 242 -10.55 15.41 -3.95
C VAL C 242 -9.35 15.79 -4.84
N HIS C 243 -9.62 15.92 -6.14
CA HIS C 243 -8.64 16.39 -7.09
C HIS C 243 -8.71 17.91 -7.17
N GLY C 244 -7.55 18.55 -7.12
CA GLY C 244 -7.43 20.01 -7.14
C GLY C 244 -6.35 20.48 -8.12
N SER C 245 -6.16 21.80 -8.21
CA SER C 245 -5.25 22.37 -9.19
C SER C 245 -3.79 22.06 -8.91
N LYS C 246 -3.44 21.98 -7.63
CA LYS C 246 -2.06 21.63 -7.25
C LYS C 246 -1.84 20.12 -7.04
N GLY C 247 -2.91 19.35 -6.85
CA GLY C 247 -2.75 17.94 -6.49
C GLY C 247 -4.06 17.37 -5.99
N ALA C 248 -3.99 16.15 -5.44
CA ALA C 248 -5.16 15.44 -4.94
C ALA C 248 -4.93 14.95 -3.53
N VAL C 249 -6.00 14.77 -2.79
CA VAL C 249 -5.96 14.22 -1.43
C VAL C 249 -7.07 13.19 -1.27
N ALA C 250 -6.83 12.15 -0.49
CA ALA C 250 -7.85 11.13 -0.33
C ALA C 250 -7.70 10.50 1.03
N ALA C 251 -8.80 9.90 1.51
CA ALA C 251 -8.82 9.17 2.75
C ALA C 251 -8.99 7.69 2.42
N GLU C 252 -8.25 6.85 3.14
CA GLU C 252 -8.22 5.39 2.85
C GLU C 252 -9.21 4.65 3.74
N ASN C 253 -9.62 3.45 3.31
CA ASN C 253 -10.52 2.61 4.10
C ASN C 253 -9.84 2.12 5.35
N GLN C 254 -10.66 1.83 6.36
CA GLN C 254 -10.20 1.36 7.64
C GLN C 254 -10.56 -0.10 7.85
N ARG C 255 -9.71 -0.82 8.56
CA ARG C 255 -10.00 -2.22 8.93
C ARG C 255 -9.54 -2.36 10.38
N PRO C 256 -10.10 -3.36 11.10
CA PRO C 256 -9.80 -3.49 12.53
C PRO C 256 -8.37 -3.93 12.84
N VAL C 257 -7.75 -4.73 11.96
CA VAL C 257 -6.34 -5.08 12.14
C VAL C 257 -5.58 -4.97 10.82
N SER C 258 -4.33 -4.53 10.91
CA SER C 258 -3.52 -4.31 9.73
C SER C 258 -2.42 -5.36 9.69
N ILE C 259 -2.78 -6.55 9.16
CA ILE C 259 -1.82 -7.59 8.85
C ILE C 259 -1.95 -7.94 7.37
N GLU C 260 -0.97 -8.70 6.90
CA GLU C 260 -0.95 -9.18 5.54
C GLU C 260 -0.30 -10.56 5.54
N ILE C 261 -0.94 -11.53 4.86
CA ILE C 261 -0.40 -12.87 4.74
C ILE C 261 -0.09 -13.13 3.28
N ALA C 262 1.07 -13.71 2.99
CA ALA C 262 1.51 -13.94 1.61
C ALA C 262 1.70 -15.42 1.38
N THR C 263 1.04 -15.93 0.35
CA THR C 263 1.22 -17.29 -0.10
C THR C 263 1.25 -17.35 -1.61
N GLY C 264 1.28 -18.58 -2.13
CA GLY C 264 1.14 -18.82 -3.60
C GLY C 264 -0.14 -18.23 -4.18
N ASP C 265 -1.14 -18.00 -3.33
CA ASP C 265 -2.38 -17.37 -3.77
C ASP C 265 -2.34 -15.85 -3.77
N GLY C 266 -1.22 -15.25 -3.38
CA GLY C 266 -1.14 -13.81 -3.29
C GLY C 266 -0.91 -13.24 -1.90
N TYR C 267 -0.95 -11.91 -1.85
CA TYR C 267 -0.84 -11.12 -0.63
C TYR C 267 -2.23 -10.67 -0.19
N THR C 268 -2.67 -11.13 0.99
CA THR C 268 -4.03 -10.85 1.49
C THR C 268 -4.01 -10.09 2.81
N ARG C 269 -4.69 -8.94 2.80
CA ARG C 269 -5.02 -8.16 3.99
C ARG C 269 -6.49 -8.40 4.33
N PRO C 270 -6.89 -8.14 5.58
CA PRO C 270 -8.26 -8.45 5.98
C PRO C 270 -9.31 -7.59 5.25
N PRO C 271 -10.58 -8.03 5.26
CA PRO C 271 -11.68 -7.18 4.81
C PRO C 271 -11.85 -6.01 5.75
N LEU C 272 -12.65 -5.05 5.32
CA LEU C 272 -12.90 -3.84 6.11
C LEU C 272 -13.84 -4.16 7.27
N HIS C 273 -14.15 -3.15 8.09
CA HIS C 273 -15.15 -3.31 9.17
C HIS C 273 -16.48 -3.84 8.59
N ASP C 274 -17.10 -4.79 9.27
CA ASP C 274 -18.37 -5.37 8.84
C ASP C 274 -19.58 -4.61 9.39
N PHE C 275 -19.33 -3.53 10.12
CA PHE C 275 -20.40 -2.79 10.80
C PHE C 275 -20.00 -1.32 10.96
N PHE C 276 -20.88 -0.41 10.52
CA PHE C 276 -20.60 1.02 10.45
C PHE C 276 -20.17 1.66 11.77
N MSE C 277 -20.73 1.20 12.87
CA MSE C 277 -20.44 1.80 14.17
C MSE C 277 -19.01 1.56 14.59
O MSE C 277 -18.38 2.41 15.25
CB MSE C 277 -21.39 1.22 15.21
CG MSE C 277 -22.82 1.46 14.75
SE MSE C 277 -24.01 1.70 16.31
CE MSE C 277 -23.26 3.45 16.88
N THR C 278 -18.47 0.42 14.20
CA THR C 278 -17.08 0.14 14.47
C THR C 278 -16.16 1.04 13.65
N ARG C 279 -16.53 1.36 12.41
CA ARG C 279 -15.74 2.28 11.60
C ARG C 279 -15.68 3.67 12.21
N TYR C 280 -16.79 4.12 12.83
CA TYR C 280 -16.91 5.52 13.17
C TYR C 280 -16.87 5.83 14.68
N THR C 281 -16.28 4.93 15.44
CA THR C 281 -16.18 5.07 16.89
C THR C 281 -15.58 6.44 17.26
N GLU C 282 -14.51 6.86 16.59
CA GLU C 282 -13.93 8.17 16.89
C GLU C 282 -14.82 9.34 16.45
N ALA C 283 -15.47 9.22 15.29
CA ALA C 283 -16.30 10.34 14.83
C ALA C 283 -17.47 10.61 15.78
N TYR C 284 -18.08 9.56 16.32
CA TYR C 284 -19.17 9.74 17.29
C TYR C 284 -18.69 10.42 18.56
N ALA C 285 -17.48 10.07 18.99
CA ALA C 285 -16.92 10.69 20.19
C ALA C 285 -16.65 12.17 19.96
N ASN C 286 -16.05 12.49 18.80
CA ASN C 286 -15.68 13.88 18.49
C ASN C 286 -16.89 14.77 18.33
N GLU C 287 -17.93 14.19 17.76
CA GLU C 287 -19.18 14.85 17.48
C GLU C 287 -19.85 15.40 18.75
N ILE C 288 -19.96 14.56 19.77
CA ILE C 288 -20.59 14.97 21.03
C ILE C 288 -19.68 15.95 21.75
N GLU C 289 -18.40 15.60 21.85
CA GLU C 289 -17.38 16.45 22.46
C GLU C 289 -17.46 17.87 21.91
N SER C 290 -17.57 17.96 20.59
CA SER C 290 -17.70 19.24 19.88
C SER C 290 -18.98 19.99 20.22
N PHE C 291 -20.09 19.26 20.34
CA PHE C 291 -21.38 19.82 20.77
C PHE C 291 -21.27 20.49 22.15
N ILE C 292 -20.84 19.67 23.12
CA ILE C 292 -20.66 20.10 24.50
C ILE C 292 -19.73 21.30 24.58
N ALA C 293 -18.72 21.37 23.71
CA ALA C 293 -17.79 22.51 23.70
C ALA C 293 -18.45 23.76 23.10
N ALA C 294 -19.28 23.56 22.08
CA ALA C 294 -19.93 24.69 21.38
C ALA C 294 -21.12 25.28 22.14
N ILE C 295 -21.58 24.57 23.16
CA ILE C 295 -22.63 25.03 24.06
C ILE C 295 -22.00 26.05 25.00
N GLU C 296 -20.88 25.64 25.60
CA GLU C 296 -20.23 26.39 26.63
C GLU C 296 -19.76 27.75 26.12
N LYS C 297 -18.77 27.78 25.23
CA LYS C 297 -18.34 29.03 24.61
C LYS C 297 -19.47 29.67 23.80
N GLY C 298 -20.48 28.87 23.47
CA GLY C 298 -21.69 29.38 22.83
C GLY C 298 -21.46 29.77 21.38
N ALA C 299 -20.52 29.09 20.71
CA ALA C 299 -20.22 29.37 19.31
C ALA C 299 -21.36 28.87 18.41
N GLU C 300 -21.36 29.34 17.17
CA GLU C 300 -22.33 28.91 16.17
C GLU C 300 -21.96 27.47 15.75
N ILE C 301 -22.97 26.68 15.37
CA ILE C 301 -22.81 25.22 15.27
C ILE C 301 -22.86 24.69 13.84
N ALA C 302 -21.94 23.79 13.53
CA ALA C 302 -21.99 22.99 12.29
C ALA C 302 -21.71 21.53 12.64
N PRO C 303 -22.36 20.58 11.94
CA PRO C 303 -23.35 20.79 10.90
C PRO C 303 -24.66 21.25 11.53
N SER C 304 -25.37 22.13 10.83
CA SER C 304 -26.49 22.83 11.40
C SER C 304 -27.77 22.32 10.76
N GLY C 305 -28.88 22.99 11.09
CA GLY C 305 -30.16 22.62 10.54
C GLY C 305 -30.15 22.75 9.04
N ASN C 306 -29.59 23.85 8.54
CA ASN C 306 -29.58 24.08 7.08
C ASN C 306 -28.73 23.06 6.34
N ASP C 307 -27.65 22.60 6.97
CA ASP C 307 -26.86 21.51 6.40
C ASP C 307 -27.75 20.28 6.30
N GLY C 308 -28.57 20.06 7.32
CA GLY C 308 -29.59 19.01 7.29
C GLY C 308 -30.55 19.14 6.11
N LEU C 309 -30.94 20.37 5.80
CA LEU C 309 -31.91 20.62 4.73
C LEU C 309 -31.27 20.50 3.35
N ALA C 310 -30.10 21.11 3.19
CA ALA C 310 -29.40 21.11 1.89
C ALA C 310 -29.13 19.69 1.45
N ALA C 311 -28.66 18.86 2.37
CA ALA C 311 -28.45 17.45 2.08
C ALA C 311 -29.72 16.77 1.53
N LEU C 312 -30.84 17.05 2.18
CA LEU C 312 -32.12 16.41 1.85
C LEU C 312 -32.62 16.87 0.49
N ALA C 313 -32.55 18.18 0.25
CA ALA C 313 -32.95 18.74 -1.03
C ALA C 313 -32.12 18.10 -2.14
N LEU C 314 -30.82 17.94 -1.91
CA LEU C 314 -29.98 17.27 -2.92
C LEU C 314 -30.48 15.86 -3.16
N ALA C 315 -30.84 15.15 -2.10
CA ALA C 315 -31.47 13.84 -2.25
C ALA C 315 -32.79 13.93 -3.05
N ASP C 316 -33.61 14.94 -2.74
CA ASP C 316 -34.90 15.12 -3.41
C ASP C 316 -34.68 15.26 -4.91
N ALA C 317 -33.74 16.13 -5.28
CA ALA C 317 -33.42 16.35 -6.69
C ALA C 317 -32.88 15.09 -7.39
N ALA C 318 -32.17 14.26 -6.64
CA ALA C 318 -31.67 13.00 -7.19
C ALA C 318 -32.79 12.03 -7.52
N VAL C 319 -33.82 12.01 -6.65
CA VAL C 319 -34.97 11.14 -6.87
C VAL C 319 -35.65 11.58 -8.15
N ARG C 320 -35.86 12.89 -8.27
CA ARG C 320 -36.50 13.43 -9.47
C ARG C 320 -35.65 13.13 -10.71
N SER C 321 -34.34 13.31 -10.58
CA SER C 321 -33.44 13.20 -11.71
C SER C 321 -33.51 11.84 -12.36
N VAL C 322 -33.63 10.80 -11.56
CA VAL C 322 -33.72 9.44 -12.10
C VAL C 322 -35.07 9.25 -12.79
N ALA C 323 -36.13 9.69 -12.13
CA ALA C 323 -37.49 9.52 -12.63
C ALA C 323 -37.69 10.30 -13.94
N GLU C 324 -37.24 11.55 -13.96
CA GLU C 324 -37.35 12.42 -15.15
C GLU C 324 -36.19 12.28 -16.16
N LYS C 325 -35.25 11.37 -15.89
CA LYS C 325 -34.13 11.08 -16.78
C LYS C 325 -33.39 12.33 -17.26
N ARG C 326 -33.19 13.28 -16.35
CA ARG C 326 -32.56 14.54 -16.68
C ARG C 326 -31.96 15.26 -15.48
N GLN C 327 -31.18 16.28 -15.78
CA GLN C 327 -30.54 17.12 -14.80
C GLN C 327 -31.59 17.99 -14.11
N ILE C 328 -31.53 18.00 -12.78
CA ILE C 328 -32.47 18.74 -11.93
C ILE C 328 -31.70 19.87 -11.26
N SER C 329 -32.29 21.05 -11.29
CA SER C 329 -31.67 22.23 -10.69
C SER C 329 -32.13 22.46 -9.24
N ILE C 330 -31.18 22.87 -8.40
CA ILE C 330 -31.47 23.25 -7.03
C ILE C 330 -31.85 24.71 -7.00
N ALA C 331 -32.89 25.04 -6.23
CA ALA C 331 -33.32 26.43 -6.05
C ALA C 331 -32.31 27.18 -5.19
N THR D 3 7.21 -13.96 -41.64
CA THR D 3 7.02 -12.83 -40.69
C THR D 3 6.28 -11.66 -41.36
N VAL D 4 5.60 -10.85 -40.55
CA VAL D 4 4.72 -9.80 -41.04
C VAL D 4 5.43 -8.46 -41.20
N ARG D 5 5.41 -7.94 -42.44
CA ARG D 5 6.20 -6.76 -42.82
C ARG D 5 5.33 -5.53 -42.65
N PHE D 6 5.84 -4.54 -41.94
CA PHE D 6 5.03 -3.40 -41.55
C PHE D 6 5.49 -2.09 -42.19
N GLY D 7 4.54 -1.24 -42.55
CA GLY D 7 4.84 0.13 -42.88
C GLY D 7 4.22 1.00 -41.83
N LEU D 8 4.95 2.02 -41.38
CA LEU D 8 4.45 2.94 -40.36
C LEU D 8 4.14 4.31 -40.96
N LEU D 9 2.93 4.82 -40.73
CA LEU D 9 2.56 6.16 -41.19
C LEU D 9 2.39 7.08 -39.99
N GLY D 10 3.18 8.14 -39.96
CA GLY D 10 3.23 9.04 -38.82
C GLY D 10 4.42 8.63 -37.98
N ALA D 11 5.29 9.61 -37.71
CA ALA D 11 6.51 9.37 -36.93
C ALA D 11 6.57 10.33 -35.74
N GLY D 12 5.40 10.69 -35.20
CA GLY D 12 5.31 11.54 -34.00
C GLY D 12 5.33 10.70 -32.74
N ARG D 13 4.88 11.28 -31.62
CA ARG D 13 4.90 10.56 -30.34
C ARG D 13 4.26 9.19 -30.47
N ILE D 14 3.02 9.18 -30.97
CA ILE D 14 2.28 7.94 -31.08
C ILE D 14 2.98 6.94 -32.02
N GLY D 15 3.53 7.43 -33.12
CA GLY D 15 4.25 6.58 -34.08
C GLY D 15 5.46 5.87 -33.47
N LYS D 16 6.25 6.63 -32.72
CA LYS D 16 7.45 6.11 -32.07
C LYS D 16 7.14 4.93 -31.17
N VAL D 17 6.11 5.12 -30.36
CA VAL D 17 5.61 4.08 -29.51
C VAL D 17 5.28 2.83 -30.33
N HIS D 18 4.70 3.00 -31.52
CA HIS D 18 4.36 1.82 -32.32
C HIS D 18 5.56 1.21 -33.01
N ALA D 19 6.50 2.05 -33.40
CA ALA D 19 7.75 1.59 -33.99
C ALA D 19 8.48 0.64 -33.02
N LYS D 20 8.56 1.07 -31.77
CA LYS D 20 9.19 0.29 -30.71
C LYS D 20 8.51 -1.07 -30.59
N ALA D 21 7.18 -1.04 -30.47
CA ALA D 21 6.39 -2.26 -30.35
C ALA D 21 6.62 -3.26 -31.49
N VAL D 22 6.53 -2.77 -32.73
CA VAL D 22 6.81 -3.59 -33.92
C VAL D 22 8.22 -4.16 -33.88
N SER D 23 9.22 -3.31 -33.65
CA SER D 23 10.62 -3.79 -33.61
C SER D 23 10.82 -4.81 -32.49
N GLY D 24 10.19 -4.56 -31.34
CA GLY D 24 10.21 -5.49 -30.23
C GLY D 24 9.56 -6.83 -30.53
N ASN D 25 8.60 -6.87 -31.45
CA ASN D 25 7.95 -8.14 -31.79
C ASN D 25 8.76 -9.02 -32.75
N ALA D 26 8.98 -10.25 -32.33
CA ALA D 26 9.82 -11.21 -33.03
C ALA D 26 9.28 -11.66 -34.39
N ASP D 27 7.96 -11.65 -34.56
CA ASP D 27 7.33 -12.04 -35.83
C ASP D 27 7.06 -10.87 -36.82
N ALA D 28 7.48 -9.66 -36.44
CA ALA D 28 7.21 -8.46 -37.20
C ALA D 28 8.51 -7.85 -37.69
N ARG D 29 8.46 -7.20 -38.86
CA ARG D 29 9.59 -6.44 -39.39
C ARG D 29 9.05 -5.08 -39.74
N LEU D 30 9.70 -4.02 -39.25
CA LEU D 30 9.36 -2.67 -39.61
C LEU D 30 10.12 -2.34 -40.87
N VAL D 31 9.41 -2.19 -41.99
CA VAL D 31 10.04 -2.05 -43.32
C VAL D 31 10.22 -0.60 -43.74
N ALA D 32 9.22 0.24 -43.50
CA ALA D 32 9.33 1.61 -43.93
C ALA D 32 8.54 2.51 -43.06
N VAL D 33 8.97 3.77 -43.05
CA VAL D 33 8.30 4.85 -42.33
CA VAL D 33 8.28 4.83 -42.34
C VAL D 33 8.03 5.99 -43.29
N ALA D 34 6.95 6.70 -43.08
CA ALA D 34 6.60 7.88 -43.85
C ALA D 34 6.15 8.94 -42.87
N ASP D 35 6.41 10.20 -43.22
CA ASP D 35 5.88 11.32 -42.45
C ASP D 35 5.93 12.59 -43.30
N ALA D 36 5.03 13.53 -43.03
CA ALA D 36 5.04 14.84 -43.68
C ALA D 36 6.40 15.51 -43.48
N PHE D 37 6.82 15.63 -42.22
CA PHE D 37 8.16 16.12 -41.88
C PHE D 37 9.17 14.99 -42.17
N PRO D 38 10.09 15.20 -43.12
CA PRO D 38 11.01 14.12 -43.50
C PRO D 38 11.99 13.73 -42.39
N ALA D 39 12.44 14.71 -41.62
CA ALA D 39 13.34 14.48 -40.50
C ALA D 39 12.74 13.49 -39.51
N ALA D 40 11.44 13.64 -39.25
CA ALA D 40 10.71 12.80 -38.30
C ALA D 40 10.68 11.34 -38.73
N ALA D 41 10.45 11.08 -40.02
CA ALA D 41 10.56 9.70 -40.53
C ALA D 41 12.02 9.21 -40.51
N GLU D 42 12.95 10.09 -40.85
CA GLU D 42 14.39 9.74 -40.82
C GLU D 42 14.85 9.35 -39.43
N ALA D 43 14.37 10.09 -38.42
CA ALA D 43 14.66 9.79 -37.02
C ALA D 43 14.35 8.34 -36.69
N ILE D 44 13.20 7.87 -37.12
CA ILE D 44 12.80 6.49 -36.89
C ILE D 44 13.54 5.53 -37.82
N ALA D 45 13.77 5.97 -39.06
CA ALA D 45 14.48 5.16 -40.03
C ALA D 45 15.86 4.80 -39.53
N GLY D 46 16.55 5.81 -39.00
CA GLY D 46 17.86 5.60 -38.40
C GLY D 46 17.76 4.63 -37.24
N ALA D 47 16.99 5.02 -36.23
CA ALA D 47 16.90 4.26 -34.98
C ALA D 47 16.60 2.79 -35.23
N TYR D 48 15.79 2.49 -36.24
CA TYR D 48 15.38 1.12 -36.44
C TYR D 48 15.92 0.46 -37.71
N GLY D 49 16.62 1.20 -38.57
CA GLY D 49 17.24 0.63 -39.76
C GLY D 49 16.31 0.28 -40.92
N CYS D 50 15.11 0.87 -40.92
CA CYS D 50 14.16 0.69 -42.01
C CYS D 50 14.27 1.85 -42.99
N GLU D 51 13.68 1.69 -44.17
CA GLU D 51 13.64 2.75 -45.19
C GLU D 51 12.65 3.86 -44.88
N VAL D 52 12.94 5.05 -45.37
CA VAL D 52 11.94 6.10 -45.45
C VAL D 52 11.27 5.97 -46.82
N ARG D 53 9.96 6.19 -46.84
CA ARG D 53 9.17 6.12 -48.07
C ARG D 53 8.00 7.07 -47.97
N THR D 54 7.34 7.29 -49.10
CA THR D 54 6.12 8.09 -49.15
C THR D 54 4.94 7.23 -48.74
N ILE D 55 3.86 7.86 -48.34
CA ILE D 55 2.62 7.15 -48.08
C ILE D 55 2.18 6.39 -49.35
N ASP D 56 2.22 7.09 -50.48
CA ASP D 56 1.91 6.49 -51.80
C ASP D 56 2.69 5.25 -52.04
N ALA D 57 4.00 5.32 -51.77
CA ALA D 57 4.85 4.17 -52.01
C ALA D 57 4.48 2.99 -51.11
N ILE D 58 4.12 3.26 -49.86
CA ILE D 58 3.73 2.17 -48.95
C ILE D 58 2.40 1.53 -49.42
N GLU D 59 1.42 2.33 -49.81
CA GLU D 59 0.20 1.83 -50.47
C GLU D 59 0.51 0.89 -51.64
N ALA D 60 1.43 1.34 -52.49
CA ALA D 60 1.84 0.60 -53.71
C ALA D 60 2.69 -0.64 -53.52
N ALA D 61 3.45 -0.70 -52.43
CA ALA D 61 4.50 -1.74 -52.25
C ALA D 61 3.95 -3.12 -51.99
N ALA D 62 4.41 -4.12 -52.72
CA ALA D 62 4.04 -5.50 -52.41
C ALA D 62 4.77 -6.09 -51.17
N ASP D 63 5.79 -5.41 -50.64
CA ASP D 63 6.55 -5.94 -49.48
C ASP D 63 6.06 -5.38 -48.13
N ILE D 64 4.84 -4.89 -48.10
CA ILE D 64 4.19 -4.38 -46.91
C ILE D 64 2.94 -5.22 -46.73
N ASP D 65 2.89 -6.00 -45.65
CA ASP D 65 1.70 -6.81 -45.36
C ASP D 65 0.72 -5.99 -44.56
N ALA D 66 1.21 -5.09 -43.72
CA ALA D 66 0.35 -4.34 -42.83
C ALA D 66 0.86 -2.94 -42.56
N VAL D 67 -0.07 -2.04 -42.24
CA VAL D 67 0.29 -0.70 -41.90
C VAL D 67 -0.26 -0.29 -40.55
N VAL D 68 0.40 0.71 -40.01
CA VAL D 68 0.12 1.23 -38.70
C VAL D 68 -0.03 2.71 -38.91
N ILE D 69 -1.22 3.23 -38.65
CA ILE D 69 -1.55 4.61 -38.99
C ILE D 69 -1.56 5.46 -37.74
N CYS D 70 -0.62 6.41 -37.71
CA CYS D 70 -0.34 7.30 -36.59
C CYS D 70 -0.24 8.73 -37.09
N THR D 71 -0.92 9.00 -38.19
CA THR D 71 -0.93 10.32 -38.81
C THR D 71 -2.01 11.15 -38.11
N PRO D 72 -2.12 12.46 -38.43
CA PRO D 72 -3.18 13.26 -37.82
C PRO D 72 -4.61 12.77 -38.07
N THR D 73 -5.49 13.12 -37.14
CA THR D 73 -6.90 12.75 -37.13
C THR D 73 -7.66 12.91 -38.47
N ASP D 74 -7.43 14.03 -39.16
CA ASP D 74 -8.12 14.31 -40.44
C ASP D 74 -7.79 13.31 -41.56
N THR D 75 -6.63 12.66 -41.48
CA THR D 75 -6.22 11.73 -42.53
C THR D 75 -6.71 10.29 -42.35
N HIS D 76 -7.26 9.93 -41.20
CA HIS D 76 -7.42 8.51 -40.84
C HIS D 76 -8.40 7.73 -41.70
N ALA D 77 -9.62 8.24 -41.83
CA ALA D 77 -10.66 7.53 -42.55
C ALA D 77 -10.24 7.31 -44.00
N ASP D 78 -9.69 8.37 -44.59
CA ASP D 78 -9.15 8.29 -45.96
C ASP D 78 -8.08 7.22 -46.05
N LEU D 79 -7.08 7.27 -45.16
CA LEU D 79 -5.97 6.31 -45.21
C LEU D 79 -6.41 4.89 -44.96
N ILE D 80 -7.35 4.68 -44.03
CA ILE D 80 -7.84 3.31 -43.84
C ILE D 80 -8.44 2.77 -45.15
N GLU D 81 -9.30 3.58 -45.75
CA GLU D 81 -10.00 3.17 -46.99
C GLU D 81 -8.97 2.82 -48.04
N ARG D 82 -8.02 3.72 -48.26
CA ARG D 82 -6.93 3.47 -49.22
C ARG D 82 -6.22 2.15 -48.93
N PHE D 83 -5.76 1.96 -47.69
CA PHE D 83 -5.01 0.73 -47.39
C PHE D 83 -5.86 -0.52 -47.40
N ALA D 84 -7.14 -0.42 -47.10
CA ALA D 84 -8.01 -1.57 -47.25
C ALA D 84 -8.18 -1.93 -48.75
N ARG D 85 -8.32 -0.91 -49.58
CA ARG D 85 -8.37 -1.12 -51.05
C ARG D 85 -7.11 -1.86 -51.55
N ALA D 86 -5.96 -1.47 -51.02
CA ALA D 86 -4.70 -2.06 -51.44
C ALA D 86 -4.45 -3.45 -50.83
N GLY D 87 -5.33 -3.90 -49.95
CA GLY D 87 -5.22 -5.24 -49.35
C GLY D 87 -4.23 -5.33 -48.18
N LYS D 88 -3.89 -4.20 -47.57
CA LYS D 88 -3.05 -4.26 -46.37
C LYS D 88 -3.93 -4.56 -45.17
N ALA D 89 -3.39 -5.31 -44.22
CA ALA D 89 -3.97 -5.33 -42.87
C ALA D 89 -3.66 -3.96 -42.22
N ILE D 90 -4.63 -3.42 -41.50
CA ILE D 90 -4.57 -2.04 -41.00
C ILE D 90 -4.72 -2.01 -39.49
N PHE D 91 -3.78 -1.31 -38.84
CA PHE D 91 -3.94 -0.88 -37.47
C PHE D 91 -4.02 0.63 -37.50
N CYS D 92 -5.08 1.20 -36.95
CA CYS D 92 -5.25 2.64 -36.97
C CYS D 92 -5.48 3.19 -35.58
N GLU D 93 -4.69 4.21 -35.25
CA GLU D 93 -4.90 4.91 -33.99
CA GLU D 93 -4.84 5.01 -34.04
C GLU D 93 -6.22 5.64 -33.97
N LYS D 94 -6.80 5.69 -32.76
CA LYS D 94 -8.00 6.47 -32.46
C LYS D 94 -7.85 7.88 -33.02
N PRO D 95 -8.93 8.45 -33.58
CA PRO D 95 -10.22 7.86 -33.96
C PRO D 95 -10.22 7.37 -35.41
N ILE D 96 -11.26 6.64 -35.78
CA ILE D 96 -11.48 6.32 -37.17
C ILE D 96 -11.78 7.65 -37.88
N ASP D 97 -12.63 8.46 -37.25
CA ASP D 97 -12.94 9.82 -37.69
C ASP D 97 -13.78 10.42 -36.57
N LEU D 98 -13.83 11.75 -36.53
CA LEU D 98 -14.66 12.45 -35.56
C LEU D 98 -16.15 12.44 -35.91
N ASP D 99 -16.47 12.18 -37.18
CA ASP D 99 -17.85 12.20 -37.64
C ASP D 99 -18.38 10.80 -37.82
N ALA D 100 -19.39 10.46 -37.04
CA ALA D 100 -19.95 9.12 -37.01
C ALA D 100 -20.41 8.59 -38.37
N GLU D 101 -20.90 9.48 -39.24
CA GLU D 101 -21.33 9.06 -40.58
C GLU D 101 -20.09 8.76 -41.47
N ARG D 102 -19.07 9.61 -41.41
CA ARG D 102 -17.79 9.28 -42.08
C ARG D 102 -17.27 7.92 -41.61
N VAL D 103 -17.33 7.68 -40.30
CA VAL D 103 -16.89 6.38 -39.75
C VAL D 103 -17.64 5.22 -40.39
N ARG D 104 -18.97 5.31 -40.39
CA ARG D 104 -19.81 4.25 -40.99
C ARG D 104 -19.42 3.96 -42.45
N ALA D 105 -19.10 5.04 -43.19
CA ALA D 105 -18.69 4.92 -44.60
C ALA D 105 -17.37 4.15 -44.72
N CYS D 106 -16.41 4.57 -43.90
CA CYS D 106 -15.11 3.91 -43.82
C CYS D 106 -15.23 2.41 -43.47
N LEU D 107 -16.17 2.06 -42.61
CA LEU D 107 -16.35 0.66 -42.22
C LEU D 107 -16.98 -0.15 -43.33
N LYS D 108 -17.85 0.47 -44.11
CA LYS D 108 -18.45 -0.21 -45.27
C LYS D 108 -17.35 -0.67 -46.23
N VAL D 109 -16.42 0.23 -46.48
CA VAL D 109 -15.25 -0.09 -47.32
C VAL D 109 -14.47 -1.29 -46.74
N VAL D 110 -14.23 -1.30 -45.43
CA VAL D 110 -13.49 -2.41 -44.79
C VAL D 110 -14.19 -3.73 -45.02
N SER D 111 -15.49 -3.73 -44.72
CA SER D 111 -16.34 -4.88 -44.96
C SER D 111 -16.31 -5.30 -46.44
N ASP D 112 -16.54 -4.35 -47.34
CA ASP D 112 -16.59 -4.66 -48.79
C ASP D 112 -15.27 -5.23 -49.29
N THR D 113 -14.16 -4.73 -48.75
CA THR D 113 -12.85 -5.18 -49.17
C THR D 113 -12.40 -6.39 -48.37
N LYS D 114 -13.16 -6.74 -47.33
CA LYS D 114 -12.83 -7.87 -46.43
C LYS D 114 -11.49 -7.64 -45.71
N ALA D 115 -11.27 -6.40 -45.32
CA ALA D 115 -10.01 -5.96 -44.73
C ALA D 115 -9.95 -6.33 -43.25
N LYS D 116 -8.74 -6.50 -42.74
CA LYS D 116 -8.47 -6.65 -41.30
C LYS D 116 -8.19 -5.26 -40.77
N LEU D 117 -9.02 -4.78 -39.86
CA LEU D 117 -8.81 -3.49 -39.24
C LEU D 117 -8.86 -3.66 -37.71
N MSE D 118 -7.83 -3.17 -37.03
CA MSE D 118 -7.81 -3.10 -35.57
C MSE D 118 -7.66 -1.65 -35.24
O MSE D 118 -6.87 -0.97 -35.86
CB MSE D 118 -6.62 -3.86 -34.96
CG MSE D 118 -6.38 -3.52 -33.48
SE MSE D 118 -5.04 -4.71 -32.63
CE MSE D 118 -5.77 -6.50 -32.93
N VAL D 119 -8.46 -1.16 -34.30
CA VAL D 119 -8.35 0.23 -33.86
C VAL D 119 -7.48 0.27 -32.60
N GLY D 120 -6.95 1.45 -32.28
CA GLY D 120 -6.03 1.61 -31.18
C GLY D 120 -6.71 2.02 -29.89
N PHE D 121 -7.31 1.05 -29.22
CA PHE D 121 -7.65 1.18 -27.80
C PHE D 121 -6.66 0.33 -26.99
N ASN D 122 -5.45 0.87 -26.82
CA ASN D 122 -4.30 0.15 -26.24
C ASN D 122 -4.52 -0.36 -24.81
N ARG D 123 -5.38 0.34 -24.07
CA ARG D 123 -5.67 -0.01 -22.66
C ARG D 123 -6.22 -1.41 -22.49
N ARG D 124 -6.90 -1.93 -23.50
CA ARG D 124 -7.39 -3.29 -23.48
C ARG D 124 -6.28 -4.34 -23.40
N PHE D 125 -5.05 -3.92 -23.69
CA PHE D 125 -3.89 -4.81 -23.76
C PHE D 125 -2.89 -4.61 -22.60
N ASP D 126 -3.15 -3.63 -21.74
CA ASP D 126 -2.37 -3.43 -20.53
C ASP D 126 -2.44 -4.69 -19.68
N PRO D 127 -1.28 -5.17 -19.19
CA PRO D 127 -1.34 -6.39 -18.37
C PRO D 127 -2.24 -6.25 -17.15
N HIS D 128 -2.22 -5.07 -16.52
CA HIS D 128 -3.03 -4.82 -15.33
C HIS D 128 -4.52 -4.79 -15.64
N PHE D 129 -4.93 -3.98 -16.61
CA PHE D 129 -6.35 -3.90 -16.94
C PHE D 129 -6.86 -5.23 -17.52
N MSE D 130 -6.01 -5.94 -18.24
CA MSE D 130 -6.38 -7.27 -18.75
C MSE D 130 -6.67 -8.22 -17.61
O MSE D 130 -7.61 -8.99 -17.66
CB MSE D 130 -5.24 -7.87 -19.60
CG MSE D 130 -5.25 -7.32 -21.03
SE MSE D 130 -3.96 -8.29 -22.18
CE MSE D 130 -4.54 -10.16 -22.05
N ALA D 131 -5.84 -8.15 -16.57
CA ALA D 131 -6.03 -9.01 -15.40
C ALA D 131 -7.35 -8.71 -14.67
N VAL D 132 -7.77 -7.44 -14.64
CA VAL D 132 -9.08 -7.06 -14.11
C VAL D 132 -10.21 -7.76 -14.91
N ARG D 133 -10.10 -7.71 -16.23
CA ARG D 133 -11.10 -8.32 -17.11
C ARG D 133 -11.10 -9.84 -16.97
N LYS D 134 -9.91 -10.45 -16.86
CA LYS D 134 -9.83 -11.89 -16.65
C LYS D 134 -10.42 -12.32 -15.31
N ALA D 135 -10.19 -11.51 -14.28
CA ALA D 135 -10.87 -11.74 -12.98
C ALA D 135 -12.39 -11.77 -13.12
N ILE D 136 -12.95 -10.79 -13.85
CA ILE D 136 -14.38 -10.73 -14.11
C ILE D 136 -14.82 -11.98 -14.88
N ASP D 137 -14.10 -12.31 -15.95
CA ASP D 137 -14.42 -13.51 -16.75
C ASP D 137 -14.35 -14.79 -15.94
N ASP D 138 -13.40 -14.91 -15.02
CA ASP D 138 -13.33 -16.09 -14.15
C ASP D 138 -14.35 -16.13 -13.00
N GLY D 139 -15.19 -15.12 -12.87
CA GLY D 139 -16.27 -15.15 -11.87
C GLY D 139 -15.86 -14.64 -10.49
N ARG D 140 -14.68 -14.02 -10.37
CA ARG D 140 -14.11 -13.64 -9.06
C ARG D 140 -14.93 -12.57 -8.34
N ILE D 141 -15.62 -11.72 -9.09
CA ILE D 141 -16.46 -10.72 -8.48
C ILE D 141 -17.96 -10.94 -8.73
N GLY D 142 -18.34 -12.13 -9.19
CA GLY D 142 -19.75 -12.39 -9.51
C GLY D 142 -20.24 -11.51 -10.67
N GLU D 143 -21.48 -11.01 -10.58
CA GLU D 143 -22.04 -10.18 -11.65
C GLU D 143 -21.57 -8.76 -11.46
N VAL D 144 -21.12 -8.15 -12.54
CA VAL D 144 -20.68 -6.77 -12.53
C VAL D 144 -21.85 -5.88 -12.18
N GLU D 145 -21.60 -4.86 -11.36
CA GLU D 145 -22.66 -3.98 -10.93
C GLU D 145 -22.31 -2.53 -11.20
N MSE D 146 -21.15 -2.07 -10.74
CA MSE D 146 -20.81 -0.63 -10.83
C MSE D 146 -19.35 -0.38 -11.18
O MSE D 146 -18.47 -0.89 -10.51
CB MSE D 146 -21.18 0.03 -9.48
CG MSE D 146 -22.71 0.06 -9.28
SE MSE D 146 -23.15 0.91 -7.57
CE MSE D 146 -22.99 2.72 -8.25
N VAL D 147 -19.09 0.40 -12.22
CA VAL D 147 -17.76 0.60 -12.74
C VAL D 147 -17.36 2.01 -12.46
N THR D 148 -16.13 2.20 -12.01
CA THR D 148 -15.60 3.52 -11.75
C THR D 148 -14.27 3.62 -12.48
N ILE D 149 -14.13 4.64 -13.33
CA ILE D 149 -12.94 4.83 -14.14
C ILE D 149 -12.51 6.27 -13.97
N THR D 150 -11.26 6.48 -13.56
CA THR D 150 -10.74 7.80 -13.39
C THR D 150 -9.48 7.94 -14.26
N SER D 151 -9.48 8.96 -15.11
CA SER D 151 -8.37 9.21 -16.03
C SER D 151 -8.07 10.69 -15.94
N ARG D 152 -6.80 11.01 -15.77
CA ARG D 152 -6.34 12.37 -15.67
C ARG D 152 -5.02 12.45 -16.41
N ASP D 153 -4.97 13.36 -17.38
CA ASP D 153 -3.79 13.55 -18.18
C ASP D 153 -2.89 14.44 -17.34
N PRO D 154 -1.57 14.39 -17.58
CA PRO D 154 -0.67 15.25 -16.84
C PRO D 154 -0.86 16.73 -17.14
N SER D 155 -1.16 17.06 -18.39
CA SER D 155 -1.46 18.46 -18.79
C SER D 155 -2.25 18.47 -20.06
N ALA D 156 -2.92 19.60 -20.33
CA ALA D 156 -3.74 19.73 -21.52
C ALA D 156 -2.87 19.88 -22.76
N PRO D 157 -3.37 19.45 -23.93
CA PRO D 157 -2.64 19.74 -25.16
C PRO D 157 -2.74 21.22 -25.48
N PRO D 158 -1.91 21.71 -26.41
CA PRO D 158 -2.03 23.12 -26.76
C PRO D 158 -3.32 23.38 -27.55
N VAL D 159 -3.67 24.65 -27.68
CA VAL D 159 -4.99 25.07 -28.19
C VAL D 159 -5.25 24.55 -29.60
N ASP D 160 -4.24 24.65 -30.44
CA ASP D 160 -4.34 24.21 -31.82
C ASP D 160 -4.79 22.76 -31.94
N TYR D 161 -4.22 21.87 -31.12
CA TYR D 161 -4.63 20.46 -31.13
C TYR D 161 -6.08 20.33 -30.66
N ILE D 162 -6.43 21.09 -29.63
CA ILE D 162 -7.80 21.10 -29.12
C ILE D 162 -8.82 21.41 -30.23
N LYS D 163 -8.54 22.46 -31.02
CA LYS D 163 -9.46 22.89 -32.09
C LYS D 163 -9.71 21.81 -33.13
N ARG D 164 -8.71 20.97 -33.37
CA ARG D 164 -8.82 19.89 -34.35
C ARG D 164 -9.29 18.59 -33.71
N SER D 165 -9.20 18.52 -32.39
CA SER D 165 -9.31 17.26 -31.63
C SER D 165 -10.71 16.66 -31.56
N GLY D 166 -11.73 17.48 -31.71
CA GLY D 166 -13.13 17.04 -31.57
C GLY D 166 -13.70 17.19 -30.19
N GLY D 167 -12.95 17.84 -29.30
CA GLY D 167 -13.39 18.05 -27.92
C GLY D 167 -13.07 16.90 -26.96
N ILE D 168 -13.03 17.24 -25.67
CA ILE D 168 -12.51 16.32 -24.64
C ILE D 168 -13.15 14.96 -24.72
N PHE D 169 -14.47 14.90 -24.93
CA PHE D 169 -15.18 13.62 -24.91
C PHE D 169 -14.71 12.72 -26.01
N ARG D 170 -14.43 13.31 -27.17
CA ARG D 170 -14.02 12.55 -28.33
C ARG D 170 -12.51 12.27 -28.33
N ASP D 171 -11.74 13.18 -27.76
CA ASP D 171 -10.27 13.08 -27.76
C ASP D 171 -9.72 12.28 -26.55
N MSE D 172 -10.30 12.50 -25.37
CA MSE D 172 -9.82 11.87 -24.12
C MSE D 172 -10.79 10.82 -23.66
O MSE D 172 -10.45 9.64 -23.54
CB MSE D 172 -9.66 12.97 -23.07
CG MSE D 172 -9.15 12.41 -21.74
SE MSE D 172 -8.79 13.88 -20.49
CE MSE D 172 -8.23 12.71 -18.98
N THR D 173 -12.03 11.23 -23.43
CA THR D 173 -12.98 10.35 -22.76
C THR D 173 -13.29 9.09 -23.55
N ILE D 174 -13.01 9.12 -24.83
CA ILE D 174 -13.26 7.98 -25.68
C ILE D 174 -12.55 6.69 -25.25
N HIS D 175 -11.30 6.77 -24.76
CA HIS D 175 -10.64 5.56 -24.21
C HIS D 175 -11.48 4.94 -23.10
N ASP D 176 -11.98 5.79 -22.22
CA ASP D 176 -12.80 5.38 -21.09
C ASP D 176 -14.16 4.82 -21.47
N PHE D 177 -14.77 5.39 -22.51
CA PHE D 177 -16.01 4.85 -23.00
C PHE D 177 -15.75 3.42 -23.48
N ASP D 178 -14.64 3.22 -24.19
CA ASP D 178 -14.29 1.87 -24.64
C ASP D 178 -14.01 0.94 -23.47
N MSE D 179 -13.33 1.49 -22.45
CA MSE D 179 -13.00 0.72 -21.20
C MSE D 179 -14.27 0.32 -20.51
O MSE D 179 -14.43 -0.82 -20.08
CB MSE D 179 -12.09 1.60 -20.33
CG MSE D 179 -11.52 0.95 -19.05
SE MSE D 179 -10.69 -0.80 -19.36
CE MSE D 179 -9.18 -0.16 -20.42
N ALA D 180 -15.23 1.24 -20.40
CA ALA D 180 -16.54 0.88 -19.81
C ALA D 180 -17.22 -0.27 -20.53
N ARG D 181 -17.19 -0.25 -21.86
CA ARG D 181 -17.75 -1.35 -22.65
C ARG D 181 -16.93 -2.60 -22.39
N PHE D 182 -15.61 -2.43 -22.36
CA PHE D 182 -14.70 -3.56 -22.05
C PHE D 182 -15.01 -4.18 -20.69
N LEU D 183 -15.29 -3.34 -19.69
CA LEU D 183 -15.50 -3.85 -18.31
C LEU D 183 -16.93 -4.32 -18.01
N LEU D 184 -17.90 -3.53 -18.46
CA LEU D 184 -19.31 -3.84 -18.18
C LEU D 184 -19.78 -5.18 -18.71
N GLY D 185 -19.20 -5.61 -19.83
CA GLY D 185 -19.67 -6.82 -20.49
C GLY D 185 -20.93 -6.62 -21.33
N GLU D 186 -21.48 -5.41 -21.34
CA GLU D 186 -22.69 -5.12 -22.12
C GLU D 186 -22.85 -3.63 -22.42
N GLU D 187 -23.71 -3.32 -23.37
CA GLU D 187 -23.75 -1.96 -23.93
C GLU D 187 -24.39 -0.94 -23.03
N PRO D 188 -23.73 0.21 -22.85
CA PRO D 188 -24.42 1.38 -22.35
C PRO D 188 -25.56 1.77 -23.29
N VAL D 189 -26.72 2.10 -22.72
CA VAL D 189 -27.86 2.59 -23.50
C VAL D 189 -28.23 4.03 -23.13
N SER D 190 -27.51 4.60 -22.17
CA SER D 190 -27.75 5.97 -21.75
C SER D 190 -26.51 6.61 -21.18
N VAL D 191 -26.35 7.89 -21.50
CA VAL D 191 -25.24 8.70 -21.12
C VAL D 191 -25.78 9.97 -20.51
N THR D 192 -25.29 10.35 -19.33
CA THR D 192 -25.51 11.69 -18.80
C THR D 192 -24.15 12.22 -18.34
N ALA D 193 -23.88 13.47 -18.63
CA ALA D 193 -22.55 14.04 -18.46
C ALA D 193 -22.62 15.47 -17.99
N THR D 194 -21.60 15.87 -17.24
CA THR D 194 -21.39 17.25 -16.82
C THR D 194 -20.00 17.64 -17.29
N ALA D 195 -19.76 18.94 -17.40
CA ALA D 195 -18.47 19.41 -17.85
C ALA D 195 -18.27 20.83 -17.40
N ALA D 196 -17.00 21.22 -17.32
CA ALA D 196 -16.64 22.60 -16.98
C ALA D 196 -15.26 22.90 -17.53
N VAL D 197 -14.86 24.16 -17.36
CA VAL D 197 -13.52 24.62 -17.64
C VAL D 197 -12.94 25.11 -16.33
N LEU D 198 -12.16 24.25 -15.69
CA LEU D 198 -11.63 24.55 -14.37
C LEU D 198 -10.13 24.81 -14.35
N ILE D 199 -9.45 24.44 -15.43
CA ILE D 199 -7.99 24.41 -15.45
C ILE D 199 -7.41 25.62 -16.17
N ASP D 200 -7.90 25.89 -17.38
CA ASP D 200 -7.35 26.93 -18.27
C ASP D 200 -8.46 27.56 -19.13
N LYS D 201 -8.69 28.85 -18.96
CA LYS D 201 -9.71 29.58 -19.73
C LYS D 201 -9.55 29.39 -21.25
N ALA D 202 -8.31 29.41 -21.72
CA ALA D 202 -7.99 29.27 -23.16
C ALA D 202 -8.60 28.02 -23.81
N ILE D 203 -8.80 26.98 -23.01
CA ILE D 203 -9.45 25.77 -23.48
C ILE D 203 -10.95 26.02 -23.63
N GLY D 204 -11.52 26.82 -22.74
CA GLY D 204 -12.90 27.31 -22.90
C GLY D 204 -13.07 28.14 -24.15
N ASP D 205 -12.17 29.12 -24.31
CA ASP D 205 -12.13 30.00 -25.49
C ASP D 205 -12.08 29.22 -26.81
N ALA D 206 -11.38 28.08 -26.81
CA ALA D 206 -11.35 27.21 -27.97
C ALA D 206 -12.63 26.39 -28.13
N GLY D 207 -13.55 26.49 -27.17
CA GLY D 207 -14.85 25.82 -27.24
C GLY D 207 -14.84 24.40 -26.70
N ASP D 208 -13.96 24.12 -25.72
CA ASP D 208 -13.82 22.76 -25.14
C ASP D 208 -13.94 22.83 -23.63
N TYR D 209 -14.08 21.65 -23.03
CA TYR D 209 -14.12 21.54 -21.60
C TYR D 209 -12.86 20.78 -21.18
N ASP D 210 -12.44 20.97 -19.93
CA ASP D 210 -11.23 20.32 -19.41
C ASP D 210 -11.46 19.38 -18.21
N SER D 211 -12.70 19.29 -17.75
CA SER D 211 -13.09 18.53 -16.57
C SER D 211 -14.51 18.02 -16.70
N VAL D 212 -14.64 16.71 -16.89
CA VAL D 212 -15.92 16.12 -17.21
C VAL D 212 -16.16 14.91 -16.34
N SER D 213 -17.44 14.68 -16.06
CA SER D 213 -17.90 13.56 -15.27
C SER D 213 -19.00 12.91 -16.10
N VAL D 214 -19.09 11.57 -16.10
CA VAL D 214 -20.10 10.88 -16.90
C VAL D 214 -20.62 9.64 -16.21
N ILE D 215 -21.90 9.33 -16.42
CA ILE D 215 -22.50 8.08 -16.01
C ILE D 215 -23.12 7.39 -17.22
N LEU D 216 -22.77 6.13 -17.41
CA LEU D 216 -23.40 5.32 -18.40
C LEU D 216 -24.19 4.24 -17.69
N GLN D 217 -25.30 3.81 -18.29
CA GLN D 217 -26.10 2.74 -17.72
C GLN D 217 -26.46 1.77 -18.83
N THR D 218 -26.50 0.48 -18.49
CA THR D 218 -26.86 -0.57 -19.43
C THR D 218 -28.36 -0.85 -19.32
N ALA D 219 -28.85 -1.82 -20.10
CA ALA D 219 -30.26 -2.19 -20.01
C ALA D 219 -30.57 -2.84 -18.67
N SER D 220 -29.66 -3.67 -18.17
CA SER D 220 -29.88 -4.35 -16.89
C SER D 220 -29.67 -3.45 -15.66
N GLY D 221 -29.29 -2.19 -15.86
CA GLY D 221 -29.11 -1.25 -14.77
C GLY D 221 -27.67 -1.01 -14.29
N LYS D 222 -26.73 -1.85 -14.73
CA LYS D 222 -25.30 -1.68 -14.37
C LYS D 222 -24.88 -0.27 -14.73
N GLN D 223 -24.05 0.35 -13.89
CA GLN D 223 -23.65 1.72 -14.08
C GLN D 223 -22.13 1.87 -14.18
N ALA D 224 -21.65 2.77 -15.04
CA ALA D 224 -20.22 3.10 -15.10
C ALA D 224 -20.05 4.58 -14.86
N ILE D 225 -19.26 4.96 -13.86
CA ILE D 225 -18.92 6.35 -13.68
C ILE D 225 -17.52 6.68 -14.18
N ILE D 226 -17.43 7.73 -14.99
CA ILE D 226 -16.17 8.21 -15.54
C ILE D 226 -15.88 9.61 -15.03
N SER D 227 -14.65 9.81 -14.54
CA SER D 227 -14.15 11.11 -14.14
C SER D 227 -12.91 11.40 -14.99
N ASN D 228 -12.86 12.57 -15.60
CA ASN D 228 -11.74 12.94 -16.47
C ASN D 228 -11.29 14.32 -16.09
N SER D 229 -9.97 14.52 -16.08
CA SER D 229 -9.37 15.85 -15.91
C SER D 229 -8.17 16.00 -16.85
N ARG D 230 -7.99 17.19 -17.41
CA ARG D 230 -6.92 17.42 -18.37
C ARG D 230 -5.54 17.69 -17.73
N ARG D 231 -5.52 17.92 -16.42
CA ARG D 231 -4.27 18.22 -15.72
C ARG D 231 -4.22 17.57 -14.34
N ALA D 232 -3.17 16.78 -14.12
CA ALA D 232 -2.81 16.34 -12.77
C ALA D 232 -1.30 16.45 -12.61
N THR D 233 -0.90 17.14 -11.55
CA THR D 233 0.50 17.38 -11.27
C THR D 233 1.28 16.12 -10.90
N TYR D 234 0.59 15.13 -10.34
CA TYR D 234 1.20 13.84 -9.96
C TYR D 234 1.34 12.85 -11.12
N GLY D 235 0.90 13.26 -12.31
CA GLY D 235 1.11 12.49 -13.53
C GLY D 235 -0.12 11.82 -14.11
N TYR D 236 0.13 10.76 -14.86
CA TYR D 236 -0.85 10.12 -15.67
C TYR D 236 -1.71 9.16 -14.84
N ASP D 237 -2.83 9.66 -14.32
CA ASP D 237 -3.77 8.88 -13.51
C ASP D 237 -4.64 7.95 -14.37
N GLN D 238 -4.53 6.65 -14.15
CA GLN D 238 -5.28 5.68 -14.95
C GLN D 238 -5.79 4.52 -14.08
N ARG D 239 -6.96 4.70 -13.48
CA ARG D 239 -7.50 3.70 -12.55
C ARG D 239 -8.80 3.14 -13.02
N ILE D 240 -8.96 1.82 -12.90
CA ILE D 240 -10.27 1.21 -13.07
C ILE D 240 -10.64 0.42 -11.82
N GLU D 241 -11.94 0.30 -11.61
CA GLU D 241 -12.49 -0.41 -10.47
C GLU D 241 -13.85 -0.98 -10.86
N VAL D 242 -14.09 -2.24 -10.57
CA VAL D 242 -15.37 -2.86 -10.86
C VAL D 242 -15.92 -3.49 -9.58
N HIS D 243 -17.11 -3.07 -9.18
CA HIS D 243 -17.79 -3.65 -8.02
C HIS D 243 -18.82 -4.63 -8.51
N GLY D 244 -18.84 -5.81 -7.90
CA GLY D 244 -19.67 -6.88 -8.34
C GLY D 244 -20.41 -7.52 -7.18
N SER D 245 -21.28 -8.47 -7.51
CA SER D 245 -22.09 -9.15 -6.51
C SER D 245 -21.22 -9.91 -5.48
N LYS D 246 -20.11 -10.46 -5.93
CA LYS D 246 -19.29 -11.28 -5.05
C LYS D 246 -18.06 -10.51 -4.54
N GLY D 247 -17.85 -9.29 -5.02
CA GLY D 247 -16.67 -8.53 -4.61
C GLY D 247 -16.31 -7.40 -5.54
N ALA D 248 -15.10 -6.86 -5.38
CA ALA D 248 -14.62 -5.81 -6.24
C ALA D 248 -13.21 -6.12 -6.71
N VAL D 249 -12.84 -5.56 -7.86
CA VAL D 249 -11.50 -5.69 -8.41
C VAL D 249 -11.08 -4.36 -8.98
N ALA D 250 -9.82 -4.02 -8.76
CA ALA D 250 -9.30 -2.77 -9.19
C ALA D 250 -7.86 -2.94 -9.71
N ALA D 251 -7.44 -2.01 -10.57
CA ALA D 251 -6.03 -1.90 -10.96
C ALA D 251 -5.57 -0.54 -10.52
N GLU D 252 -4.55 -0.59 -9.68
CA GLU D 252 -3.92 0.59 -9.12
C GLU D 252 -3.08 1.28 -10.17
N ASN D 253 -2.73 2.51 -9.84
CA ASN D 253 -1.84 3.31 -10.67
C ASN D 253 -0.45 2.73 -10.77
N GLN D 254 0.15 2.90 -11.95
CA GLN D 254 1.51 2.45 -12.25
C GLN D 254 2.47 3.61 -12.19
N ARG D 255 3.66 3.35 -11.68
CA ARG D 255 4.74 4.32 -11.74
C ARG D 255 5.97 3.65 -12.30
N PRO D 256 6.89 4.43 -12.89
CA PRO D 256 8.14 3.90 -13.46
C PRO D 256 9.08 3.26 -12.41
N VAL D 257 9.09 3.83 -11.20
CA VAL D 257 9.99 3.40 -10.14
C VAL D 257 9.20 3.37 -8.84
N SER D 258 9.33 2.28 -8.10
CA SER D 258 8.58 2.07 -6.88
C SER D 258 9.53 2.02 -5.67
N ILE D 259 9.76 3.17 -5.07
CA ILE D 259 10.48 3.30 -3.82
C ILE D 259 9.65 4.12 -2.84
N GLU D 260 10.10 4.20 -1.61
CA GLU D 260 9.37 4.99 -0.62
C GLU D 260 10.35 5.63 0.29
N ILE D 261 10.23 6.94 0.52
CA ILE D 261 11.14 7.66 1.41
C ILE D 261 10.35 8.18 2.60
N ALA D 262 10.83 7.86 3.80
CA ALA D 262 10.13 8.21 5.03
C ALA D 262 10.96 9.26 5.77
N THR D 263 10.30 10.36 6.17
CA THR D 263 10.89 11.42 6.95
C THR D 263 9.83 11.98 7.89
N GLY D 264 10.17 13.03 8.63
CA GLY D 264 9.20 13.72 9.47
C GLY D 264 8.06 14.33 8.68
N ASP D 265 8.29 14.51 7.39
CA ASP D 265 7.24 14.98 6.49
C ASP D 265 6.32 13.90 5.99
N GLY D 266 6.65 12.63 6.28
CA GLY D 266 5.81 11.53 5.92
C GLY D 266 6.49 10.45 5.08
N TYR D 267 5.68 9.57 4.54
CA TYR D 267 6.11 8.56 3.63
C TYR D 267 5.76 8.97 2.20
N THR D 268 6.79 9.19 1.38
CA THR D 268 6.65 9.56 -0.03
C THR D 268 7.15 8.58 -1.11
N ARG D 269 6.25 8.31 -2.05
CA ARG D 269 6.50 7.43 -3.21
C ARG D 269 6.49 8.30 -4.44
N PRO D 270 7.15 7.86 -5.51
CA PRO D 270 7.25 8.77 -6.66
C PRO D 270 5.92 9.05 -7.36
N PRO D 271 5.90 10.12 -8.19
CA PRO D 271 4.72 10.37 -9.01
C PRO D 271 4.55 9.29 -10.08
N LEU D 272 3.45 9.39 -10.83
CA LEU D 272 3.11 8.40 -11.85
C LEU D 272 3.94 8.64 -13.09
N HIS D 273 3.80 7.74 -14.05
CA HIS D 273 4.32 7.95 -15.39
C HIS D 273 3.87 9.33 -15.91
N ASP D 274 4.74 9.96 -16.70
CA ASP D 274 4.38 11.22 -17.31
C ASP D 274 3.12 11.06 -18.18
N PHE D 275 3.16 10.15 -19.16
CA PHE D 275 2.05 9.99 -20.09
CA PHE D 275 2.13 10.01 -20.20
C PHE D 275 1.99 8.55 -20.65
N PHE D 276 1.25 8.32 -21.72
CA PHE D 276 1.08 6.99 -22.29
C PHE D 276 2.39 6.34 -22.79
N MSE D 277 3.37 7.14 -23.15
CA MSE D 277 4.59 6.63 -23.77
C MSE D 277 5.19 5.56 -22.87
O MSE D 277 5.53 4.47 -23.35
CB MSE D 277 5.61 7.74 -24.08
CG MSE D 277 5.18 8.71 -25.19
SE MSE D 277 3.98 10.14 -24.53
CE MSE D 277 5.39 10.99 -23.41
N THR D 278 5.31 5.84 -21.58
CA THR D 278 5.97 4.88 -20.68
C THR D 278 4.95 4.08 -19.89
N ARG D 279 3.81 4.68 -19.52
CA ARG D 279 2.74 3.92 -18.84
C ARG D 279 2.31 2.70 -19.63
N TYR D 280 2.23 2.78 -20.97
CA TYR D 280 1.59 1.70 -21.71
C TYR D 280 2.51 0.89 -22.63
N THR D 281 3.80 0.89 -22.31
CA THR D 281 4.82 0.17 -23.07
C THR D 281 4.46 -1.29 -23.29
N GLU D 282 4.16 -2.02 -22.23
CA GLU D 282 3.77 -3.42 -22.36
C GLU D 282 2.43 -3.59 -23.13
N ALA D 283 1.49 -2.66 -22.94
CA ALA D 283 0.23 -2.69 -23.66
C ALA D 283 0.50 -2.65 -25.19
N TYR D 284 1.37 -1.74 -25.61
CA TYR D 284 1.70 -1.60 -27.06
C TYR D 284 2.29 -2.88 -27.64
N ALA D 285 3.11 -3.57 -26.85
CA ALA D 285 3.65 -4.85 -27.27
C ALA D 285 2.57 -5.92 -27.37
N ASN D 286 1.64 -5.97 -26.40
CA ASN D 286 0.54 -6.95 -26.48
C ASN D 286 -0.41 -6.65 -27.65
N GLU D 287 -0.58 -5.36 -27.92
CA GLU D 287 -1.46 -4.90 -29.01
C GLU D 287 -0.94 -5.44 -30.34
N ILE D 288 0.31 -5.13 -30.65
CA ILE D 288 0.92 -5.58 -31.89
C ILE D 288 0.84 -7.09 -32.02
N GLU D 289 1.03 -7.81 -30.89
CA GLU D 289 1.05 -9.27 -30.92
C GLU D 289 -0.34 -9.81 -31.26
N SER D 290 -1.38 -9.19 -30.69
CA SER D 290 -2.74 -9.57 -30.98
C SER D 290 -2.97 -9.40 -32.49
N PHE D 291 -2.68 -8.20 -32.98
CA PHE D 291 -2.76 -7.86 -34.41
C PHE D 291 -2.11 -8.96 -35.27
N ILE D 292 -0.88 -9.31 -34.95
CA ILE D 292 -0.18 -10.37 -35.70
C ILE D 292 -0.92 -11.71 -35.68
N ALA D 293 -1.44 -12.11 -34.52
CA ALA D 293 -2.21 -13.34 -34.41
C ALA D 293 -3.44 -13.24 -35.28
N ALA D 294 -4.03 -12.05 -35.34
CA ALA D 294 -5.18 -11.80 -36.18
C ALA D 294 -4.83 -11.75 -37.67
N ILE D 295 -3.56 -11.52 -37.99
CA ILE D 295 -3.12 -11.55 -39.38
C ILE D 295 -2.76 -12.97 -39.77
N GLU D 296 -1.78 -13.56 -39.09
CA GLU D 296 -1.23 -14.87 -39.47
C GLU D 296 -2.22 -16.03 -39.25
N LYS D 297 -3.19 -15.84 -38.36
CA LYS D 297 -4.32 -16.74 -38.23
C LYS D 297 -5.53 -15.93 -38.66
N GLY D 298 -6.68 -16.57 -38.82
CA GLY D 298 -7.92 -15.85 -39.13
C GLY D 298 -8.62 -15.43 -37.85
N ALA D 299 -7.85 -14.93 -36.88
CA ALA D 299 -8.31 -14.78 -35.51
C ALA D 299 -9.11 -13.51 -35.29
N GLU D 300 -10.06 -13.60 -34.36
CA GLU D 300 -10.93 -12.47 -33.99
C GLU D 300 -10.13 -11.20 -33.77
N ILE D 301 -10.53 -10.13 -34.44
CA ILE D 301 -9.92 -8.83 -34.24
C ILE D 301 -10.74 -8.07 -33.20
N ALA D 302 -10.04 -7.56 -32.19
CA ALA D 302 -10.64 -6.69 -31.20
C ALA D 302 -9.50 -5.93 -30.55
N PRO D 303 -9.69 -4.63 -30.28
CA PRO D 303 -10.85 -3.81 -30.66
C PRO D 303 -11.01 -3.64 -32.18
N SER D 304 -12.27 -3.73 -32.63
CA SER D 304 -12.63 -3.71 -34.04
C SER D 304 -13.04 -2.29 -34.46
N GLY D 305 -13.35 -2.13 -35.75
CA GLY D 305 -13.95 -0.88 -36.23
C GLY D 305 -15.26 -0.62 -35.52
N ASN D 306 -16.03 -1.68 -35.30
CA ASN D 306 -17.27 -1.54 -34.55
C ASN D 306 -17.02 -0.92 -33.16
N ASP D 307 -15.91 -1.31 -32.50
CA ASP D 307 -15.58 -0.74 -31.18
C ASP D 307 -15.22 0.75 -31.24
N GLY D 308 -14.54 1.19 -32.30
CA GLY D 308 -14.22 2.62 -32.41
C GLY D 308 -15.46 3.49 -32.60
N LEU D 309 -16.43 2.97 -33.35
CA LEU D 309 -17.72 3.64 -33.61
C LEU D 309 -18.56 3.73 -32.33
N ALA D 310 -18.76 2.58 -31.69
CA ALA D 310 -19.52 2.54 -30.44
C ALA D 310 -18.99 3.53 -29.41
N ALA D 311 -17.68 3.71 -29.37
CA ALA D 311 -17.05 4.61 -28.40
C ALA D 311 -17.33 6.06 -28.73
N LEU D 312 -17.23 6.39 -30.02
CA LEU D 312 -17.57 7.73 -30.52
C LEU D 312 -19.05 8.03 -30.32
N ALA D 313 -19.89 7.02 -30.53
CA ALA D 313 -21.31 7.16 -30.27
C ALA D 313 -21.56 7.63 -28.84
N LEU D 314 -20.85 7.04 -27.88
CA LEU D 314 -20.99 7.48 -26.50
C LEU D 314 -20.48 8.88 -26.34
N ALA D 315 -19.36 9.18 -27.00
CA ALA D 315 -18.77 10.51 -26.91
C ALA D 315 -19.72 11.59 -27.47
N ASP D 316 -20.28 11.32 -28.64
CA ASP D 316 -21.31 12.21 -29.21
C ASP D 316 -22.50 12.37 -28.27
N ALA D 317 -22.99 11.25 -27.73
CA ALA D 317 -24.08 11.28 -26.76
C ALA D 317 -23.77 12.05 -25.47
N ALA D 318 -22.50 12.09 -25.07
CA ALA D 318 -22.10 12.87 -23.89
C ALA D 318 -22.12 14.36 -24.18
N VAL D 319 -21.53 14.72 -25.33
CA VAL D 319 -21.51 16.12 -25.80
C VAL D 319 -22.92 16.72 -25.74
N ARG D 320 -23.88 15.97 -26.28
CA ARG D 320 -25.28 16.39 -26.28
C ARG D 320 -25.86 16.45 -24.87
N SER D 321 -25.58 15.41 -24.07
CA SER D 321 -26.01 15.39 -22.66
C SER D 321 -25.64 16.67 -21.94
N VAL D 322 -24.43 17.15 -22.17
CA VAL D 322 -23.97 18.37 -21.50
C VAL D 322 -24.79 19.56 -21.95
N ALA D 323 -25.09 19.59 -23.25
CA ALA D 323 -25.81 20.70 -23.89
C ALA D 323 -27.27 20.72 -23.49
N GLU D 324 -27.92 19.56 -23.62
CA GLU D 324 -29.34 19.43 -23.34
C GLU D 324 -29.63 19.12 -21.87
N LYS D 325 -28.61 19.21 -21.02
CA LYS D 325 -28.74 19.03 -19.58
C LYS D 325 -29.61 17.84 -19.25
N ARG D 326 -29.39 16.72 -19.91
CA ARG D 326 -30.16 15.53 -19.61
C ARG D 326 -29.57 14.26 -20.17
N GLN D 327 -30.13 13.15 -19.70
CA GLN D 327 -29.75 11.83 -20.15
C GLN D 327 -30.06 11.66 -21.63
N ILE D 328 -29.11 11.12 -22.38
CA ILE D 328 -29.27 10.88 -23.82
C ILE D 328 -29.32 9.39 -24.09
N SER D 329 -30.37 8.95 -24.77
CA SER D 329 -30.48 7.55 -25.15
C SER D 329 -29.52 7.24 -26.28
N ILE D 330 -29.19 5.95 -26.45
CA ILE D 330 -28.33 5.47 -27.54
C ILE D 330 -29.06 4.38 -28.31
N ALA D 331 -29.39 3.29 -27.61
CA ALA D 331 -30.03 2.07 -28.14
C ALA D 331 -29.72 1.76 -29.61
C1 EDO E . 1.38 -21.92 0.14
O1 EDO E . 0.77 -22.15 1.39
C2 EDO E . 0.33 -21.74 -0.92
O2 EDO E . 1.08 -21.17 -1.95
C1 EDO F . -5.02 11.00 -3.86
O1 EDO F . -5.72 10.57 -5.03
C2 EDO F . -3.68 10.30 -3.67
O2 EDO F . -3.79 8.94 -3.22
C1 EDO G . 28.96 13.35 27.16
O1 EDO G . 29.23 13.28 25.77
C2 EDO G . 30.10 14.14 27.81
O2 EDO G . 29.98 15.52 27.45
C1 EDO H . 26.77 -11.51 30.41
O1 EDO H . 26.17 -12.56 31.16
C2 EDO H . 25.83 -10.34 30.63
O2 EDO H . 26.04 -9.25 29.74
C1 EDO I . 6.51 -23.60 14.95
O1 EDO I . 6.12 -23.20 13.65
C2 EDO I . 6.55 -22.39 15.89
O2 EDO I . 7.39 -22.69 17.00
C1 EDO J . 2.05 20.82 -6.71
O1 EDO J . 2.13 21.24 -5.34
C2 EDO J . 3.42 20.34 -7.17
O2 EDO J . 3.31 19.45 -8.28
C1 EDO K . -6.16 -10.06 17.34
O1 EDO K . -6.28 -8.80 16.74
C2 EDO K . -6.67 -11.17 16.46
O2 EDO K . -6.14 -12.38 16.96
C1 EDO L . 29.71 1.55 24.45
O1 EDO L . 29.40 2.93 24.23
C2 EDO L . 30.69 1.34 25.61
O2 EDO L . 30.60 -0.01 26.12
C1 EDO M . 25.05 -14.52 29.26
O1 EDO M . 25.08 -13.28 28.58
C2 EDO M . 26.47 -14.91 29.64
O2 EDO M . 26.94 -15.99 28.87
C1 EDO N . 30.46 -8.91 28.70
O1 EDO N . 29.97 -7.65 28.31
C2 EDO N . 31.72 -9.19 27.92
O2 EDO N . 32.56 -10.07 28.64
NA NA O . -14.92 -1.32 37.57
C1 GOL P . 24.15 2.68 30.63
O1 GOL P . 25.57 2.62 30.74
C2 GOL P . 23.49 1.42 31.17
O2 GOL P . 24.16 0.30 30.64
C3 GOL P . 23.50 1.33 32.71
O3 GOL P . 22.19 1.56 33.28
C1 GOL Q . 4.27 -16.46 38.44
O1 GOL Q . 2.87 -16.19 38.41
C2 GOL Q . 4.85 -16.41 37.02
O2 GOL Q . 4.59 -15.09 36.53
C3 GOL Q . 6.35 -16.80 37.02
O3 GOL Q . 6.83 -17.34 35.74
C1 EDO R . 6.05 -6.59 -0.44
O1 EDO R . 6.34 -7.93 -0.38
C2 EDO R . 7.34 -5.93 -0.05
O2 EDO R . 7.32 -4.64 -0.56
C1 EDO S . 30.22 1.00 -3.86
O1 EDO S . 29.17 1.24 -4.82
C2 EDO S . 30.51 -0.51 -3.73
O2 EDO S . 30.70 -1.13 -5.02
C1 EDO T . 44.82 -17.04 -22.24
O1 EDO T . 44.56 -17.61 -20.97
C2 EDO T . 44.45 -17.99 -23.34
O2 EDO T . 45.42 -17.86 -24.33
C1 EDO U . 43.11 -20.47 -19.74
O1 EDO U . 43.83 -20.39 -20.98
C2 EDO U . 43.27 -19.20 -18.94
O2 EDO U . 44.60 -18.97 -18.45
C1 EDO V . 21.99 2.01 -17.74
O1 EDO V . 23.12 1.72 -18.52
C2 EDO V . 22.42 2.01 -16.30
O2 EDO V . 21.31 2.18 -15.44
C1 EDO W . 34.49 -22.16 -2.19
O1 EDO W . 35.85 -22.21 -2.59
C2 EDO W . 33.66 -23.25 -2.86
O2 EDO W . 33.31 -24.24 -1.89
C1 EDO X . 20.33 -19.47 -7.23
O1 EDO X . 21.32 -20.45 -7.52
C2 EDO X . 20.91 -18.28 -6.44
O2 EDO X . 19.86 -17.64 -5.71
C1 EDO Y . 27.80 -26.49 -0.84
O1 EDO Y . 29.18 -26.19 -0.66
C2 EDO Y . 27.68 -27.95 -1.23
O2 EDO Y . 28.13 -28.77 -0.15
C1 EDO Z . 13.47 -29.97 6.71
O1 EDO Z . 12.09 -30.35 6.77
C2 EDO Z . 14.10 -30.09 8.09
O2 EDO Z . 15.15 -31.08 8.10
NA NA AA . 20.56 -5.37 -30.74
C1 GOL BA . 38.26 -3.86 -14.59
O1 GOL BA . 38.12 -3.85 -16.03
C2 GOL BA . 37.34 -4.99 -14.10
O2 GOL BA . 36.48 -4.55 -13.11
C3 GOL BA . 38.03 -6.26 -13.59
O3 GOL BA . 38.97 -6.10 -12.55
C1 EDO CA . -20.99 13.33 6.09
O1 EDO CA . -21.55 14.07 5.02
C2 EDO CA . -21.95 13.36 7.28
O2 EDO CA . -22.09 12.13 8.00
C1 EDO DA . -11.50 -7.58 9.14
O1 EDO DA . -12.92 -7.33 9.22
C2 EDO DA . -11.07 -8.77 9.98
O2 EDO DA . -9.94 -8.44 10.82
C1 GOL EA . 3.82 -9.41 4.56
O1 GOL EA . 3.41 -8.94 3.29
C2 GOL EA . 4.69 -10.66 4.51
O2 GOL EA . 3.79 -11.54 3.88
C3 GOL EA . 5.97 -10.49 3.69
O3 GOL EA . 7.00 -11.50 3.83
C1 EDO FA . 10.04 3.55 3.79
O1 EDO FA . 8.97 2.59 3.78
C2 EDO FA . 11.24 2.99 4.57
O2 EDO FA . 10.95 2.91 5.97
C1 GOL GA . -12.04 -2.17 -4.02
O1 GOL GA . -13.44 -1.96 -4.33
C2 GOL GA . -11.45 -3.33 -4.78
O2 GOL GA . -11.54 -2.99 -6.16
C3 GOL GA . -9.99 -3.64 -4.47
O3 GOL GA . -9.27 -2.48 -4.06
#